data_8Y9G
#
_entry.id   8Y9G
#
_cell.length_a   1.00
_cell.length_b   1.00
_cell.length_c   1.00
_cell.angle_alpha   90.00
_cell.angle_beta   90.00
_cell.angle_gamma   90.00
#
_symmetry.space_group_name_H-M   'P 1'
#
loop_
_entity.id
_entity.type
_entity.pdbx_description
1 polymer 'Versatile Aromatic Prenyltransferase auraA'
2 non-polymer 'DIMETHYLALLYL S-THIOLODIPHOSPHATE'
3 non-polymer (3~{Z},6~{S})-3-(1~{H}-imidazol-4-ylmethylidene)-6-propan-2-yl-piperazine-2,5-dione
4 water water
#
_entity_poly.entity_id   1
_entity_poly.type   'polypeptide(L)'
_entity_poly.pdbx_seq_one_letter_code
;SPSPWDFLGRVLQFQHGDHKRWWDVLAPVFGISMASIGYKLDVQYRHLLVLYDAVIPNMGPFPNSNASNITWTSPFPPGP
LEASVNYQAGESSMFRFTIEPVGPHAGTPADPVNELAAKQLMQRLGQLQPGGVDSTMFDHFYPLLCVDGPEARRQWDSIA
HIYHKCHTVTALDMQRSAACTLKTYFPPLLRSTIMNTSMVDIMFDAVESFRKQSGLYFDYTKIKEFMSEEKTHETMMVDR
SYLSFDCLDPAKSRIKIYTEAKVKTLEEAYSFWSLGGRLSGPEIDYGFKIVSQMWDAIYSKELPGGKQRENNHIQINWEM
SAKDSSVAPKLYLTVIEDYDAYVSSAIVDLFTGLGWAAHVQTHKKIEKEAYPMCDANPQSTHAYVWISLAYKKTGPYITV
YTNPGASILE
;
_entity_poly.pdbx_strand_id   A,B,C,D
#
loop_
_chem_comp.id
_chem_comp.type
_chem_comp.name
_chem_comp.formula
A1LYF non-polymer (3~{Z},6~{S})-3-(1~{H}-imidazol-4-ylmethylidene)-6-propan-2-yl-piperazine-2,5-dione 'C11 H14 N4 O2'
DST non-polymer 'DIMETHYLALLYL S-THIOLODIPHOSPHATE' 'C5 H12 O6 P2 S'
#
# COMPACT_ATOMS: atom_id res chain seq x y z
N SER A 1 25.00 9.32 11.44
CA SER A 1 23.84 9.41 10.52
C SER A 1 23.53 8.05 9.93
N PRO A 2 22.25 7.72 9.76
CA PRO A 2 21.90 6.41 9.23
C PRO A 2 22.34 6.25 7.78
N SER A 3 22.61 5.00 7.42
CA SER A 3 22.94 4.69 6.04
C SER A 3 21.68 4.66 5.19
N PRO A 4 21.79 4.96 3.90
CA PRO A 4 20.57 5.09 3.08
C PRO A 4 19.60 3.93 3.20
N TRP A 5 20.09 2.69 3.33
CA TRP A 5 19.19 1.55 3.37
C TRP A 5 18.47 1.47 4.71
N ASP A 6 19.14 1.78 5.81
CA ASP A 6 18.46 1.88 7.09
C ASP A 6 17.30 2.87 7.03
N PHE A 7 17.59 4.11 6.71
CA PHE A 7 16.56 5.15 6.66
C PHE A 7 15.46 4.77 5.69
N LEU A 8 15.82 4.27 4.51
CA LEU A 8 14.83 3.92 3.51
C LEU A 8 13.90 2.82 4.00
N GLY A 9 14.45 1.74 4.55
CA GLY A 9 13.61 0.70 5.11
C GLY A 9 12.74 1.21 6.24
N ARG A 10 13.19 2.26 6.92
CA ARG A 10 12.38 2.86 7.97
C ARG A 10 11.21 3.64 7.38
N VAL A 11 11.43 4.32 6.25
CA VAL A 11 10.38 5.19 5.71
C VAL A 11 9.54 4.46 4.66
N LEU A 12 10.16 3.63 3.83
CA LEU A 12 9.51 3.17 2.62
C LEU A 12 8.30 2.28 2.93
N GLN A 13 7.32 2.41 2.09
CA GLN A 13 6.17 1.60 2.16
C GLN A 13 6.33 0.54 1.14
N PHE A 14 5.96 -0.70 1.43
CA PHE A 14 6.20 -1.80 0.57
C PHE A 14 4.97 -2.37 0.19
N GLN A 15 4.73 -2.61 -1.08
CA GLN A 15 3.48 -3.14 -1.62
C GLN A 15 3.23 -4.56 -1.15
N HIS A 16 4.27 -5.30 -0.77
CA HIS A 16 4.13 -6.67 -0.35
C HIS A 16 5.20 -7.00 0.69
N GLY A 17 4.89 -7.99 1.54
CA GLY A 17 5.84 -8.37 2.57
C GLY A 17 7.09 -9.01 2.01
N ASP A 18 6.95 -9.76 0.92
CA ASP A 18 8.11 -10.35 0.27
C ASP A 18 9.08 -9.27 -0.17
N HIS A 19 8.58 -8.11 -0.59
CA HIS A 19 9.46 -7.03 -0.96
C HIS A 19 10.21 -6.50 0.25
N LYS A 20 9.54 -6.46 1.41
CA LYS A 20 10.19 -6.02 2.63
C LYS A 20 11.29 -7.00 3.05
N ARG A 21 11.01 -8.30 2.96
CA ARG A 21 12.02 -9.29 3.28
C ARG A 21 13.21 -9.21 2.34
N TRP A 22 12.94 -9.16 1.02
CA TRP A 22 14.01 -9.02 0.05
C TRP A 22 14.83 -7.76 0.31
N TRP A 23 14.15 -6.67 0.69
CA TRP A 23 14.87 -5.44 1.03
C TRP A 23 15.80 -5.68 2.20
N ASP A 24 15.25 -6.16 3.32
CA ASP A 24 16.07 -6.44 4.49
C ASP A 24 17.30 -7.25 4.14
N VAL A 25 17.15 -8.20 3.22
CA VAL A 25 18.29 -9.06 2.87
C VAL A 25 19.29 -8.31 1.98
N LEU A 26 18.80 -7.64 0.95
CA LEU A 26 19.64 -7.17 -0.15
C LEU A 26 20.10 -5.72 -0.02
N ALA A 27 19.21 -4.82 0.37
CA ALA A 27 19.60 -3.42 0.52
C ALA A 27 20.87 -3.25 1.34
N PRO A 28 21.02 -3.88 2.50
CA PRO A 28 22.33 -3.88 3.14
C PRO A 28 23.47 -4.25 2.21
N VAL A 29 23.34 -5.37 1.49
CA VAL A 29 24.41 -5.83 0.62
C VAL A 29 24.67 -4.84 -0.50
N PHE A 30 23.64 -4.49 -1.27
CA PHE A 30 23.81 -3.58 -2.39
C PHE A 30 24.36 -2.24 -1.95
N GLY A 31 23.81 -1.70 -0.86
CA GLY A 31 24.26 -0.41 -0.37
C GLY A 31 25.69 -0.43 0.15
N ILE A 32 26.06 -1.48 0.88
CA ILE A 32 27.43 -1.59 1.34
C ILE A 32 28.39 -1.71 0.17
N SER A 33 27.99 -2.45 -0.88
CA SER A 33 28.84 -2.56 -2.06
C SER A 33 29.01 -1.21 -2.74
N MET A 34 27.90 -0.52 -3.01
CA MET A 34 27.97 0.81 -3.59
C MET A 34 28.81 1.77 -2.76
N ALA A 35 28.64 1.74 -1.43
CA ALA A 35 29.35 2.66 -0.56
C ALA A 35 30.83 2.35 -0.52
N SER A 36 31.20 1.07 -0.56
CA SER A 36 32.61 0.71 -0.58
C SER A 36 33.25 1.08 -1.91
N ILE A 37 32.48 0.99 -2.99
CA ILE A 37 32.96 1.48 -4.28
C ILE A 37 33.25 2.97 -4.21
N GLY A 38 32.32 3.74 -3.67
CA GLY A 38 32.48 5.18 -3.55
C GLY A 38 31.31 5.93 -4.14
N TYR A 39 30.18 5.25 -4.33
CA TYR A 39 29.00 5.91 -4.84
C TYR A 39 28.55 6.98 -3.86
N LYS A 40 27.98 8.04 -4.41
CA LYS A 40 27.53 9.16 -3.60
C LYS A 40 26.15 8.88 -3.01
N LEU A 41 25.90 9.46 -1.84
CA LEU A 41 24.70 9.14 -1.08
C LEU A 41 23.44 9.33 -1.92
N ASP A 42 23.40 10.38 -2.75
CA ASP A 42 22.26 10.55 -3.63
C ASP A 42 22.16 9.41 -4.64
N VAL A 43 23.31 8.92 -5.10
CA VAL A 43 23.32 7.81 -6.05
C VAL A 43 22.86 6.54 -5.37
N GLN A 44 23.33 6.29 -4.15
CA GLN A 44 22.84 5.16 -3.37
C GLN A 44 21.32 5.24 -3.19
N TYR A 45 20.82 6.41 -2.85
CA TYR A 45 19.38 6.58 -2.67
C TYR A 45 18.64 6.24 -3.96
N ARG A 46 19.08 6.82 -5.08
CA ARG A 46 18.42 6.56 -6.35
C ARG A 46 18.45 5.09 -6.71
N HIS A 47 19.59 4.43 -6.53
CA HIS A 47 19.73 3.04 -6.95
C HIS A 47 18.95 2.10 -6.03
N LEU A 48 18.92 2.39 -4.74
CA LEU A 48 18.11 1.60 -3.83
C LEU A 48 16.64 1.82 -4.06
N LEU A 49 16.24 3.01 -4.49
CA LEU A 49 14.84 3.24 -4.83
C LEU A 49 14.47 2.53 -6.12
N VAL A 50 15.41 2.43 -7.05
CA VAL A 50 15.20 1.59 -8.23
C VAL A 50 15.01 0.14 -7.82
N LEU A 51 15.95 -0.38 -7.03
CA LEU A 51 15.81 -1.74 -6.50
C LEU A 51 14.48 -1.92 -5.77
N TYR A 52 13.89 -1.00 -5.16
CA TYR A 52 12.64 -1.05 -4.50
C TYR A 52 11.47 -0.99 -5.42
N ASP A 53 11.53 -0.18 -6.45
CA ASP A 53 10.35 0.00 -7.29
C ASP A 53 10.31 -0.98 -8.46
N ALA A 54 11.42 -1.16 -9.16
CA ALA A 54 11.45 -1.94 -10.38
C ALA A 54 11.82 -3.40 -10.13
N VAL A 55 12.81 -3.64 -9.28
CA VAL A 55 13.46 -4.94 -9.20
C VAL A 55 12.76 -5.86 -8.21
N ILE A 56 12.73 -5.48 -6.94
CA ILE A 56 12.28 -6.37 -5.87
C ILE A 56 10.86 -6.84 -6.14
N PRO A 57 9.95 -5.98 -6.62
CA PRO A 57 8.64 -6.48 -7.04
C PRO A 57 8.72 -7.52 -8.13
N ASN A 58 9.89 -7.71 -8.72
CA ASN A 58 10.11 -8.70 -9.77
C ASN A 58 11.20 -9.70 -9.40
N MET A 59 11.49 -9.84 -8.10
CA MET A 59 12.33 -10.91 -7.60
C MET A 59 11.57 -12.19 -7.35
N GLY A 60 10.28 -12.09 -7.10
CA GLY A 60 9.47 -13.25 -6.79
C GLY A 60 9.33 -13.47 -5.30
N PRO A 61 8.73 -14.58 -4.93
CA PRO A 61 8.53 -14.87 -3.51
C PRO A 61 9.84 -14.89 -2.75
N PHE A 62 9.77 -14.57 -1.47
CA PHE A 62 10.91 -14.70 -0.59
C PHE A 62 10.93 -16.09 0.01
N PRO A 63 12.04 -16.82 -0.06
CA PRO A 63 12.04 -18.20 0.41
C PRO A 63 11.77 -18.29 1.90
N ASN A 64 10.79 -19.12 2.25
CA ASN A 64 10.40 -19.31 3.64
C ASN A 64 11.23 -20.42 4.27
N SER A 65 10.79 -20.86 5.45
CA SER A 65 11.48 -21.92 6.18
C SER A 65 11.87 -23.07 5.25
N ASN A 66 10.90 -23.61 4.52
CA ASN A 66 11.09 -24.81 3.73
C ASN A 66 11.12 -24.55 2.23
N ALA A 67 11.09 -23.28 1.82
CA ALA A 67 11.03 -22.93 0.40
C ALA A 67 9.84 -23.59 -0.29
N SER A 68 8.71 -23.61 0.42
CA SER A 68 7.46 -24.11 -0.14
C SER A 68 6.81 -23.12 -1.08
N ASN A 69 7.13 -21.83 -0.96
CA ASN A 69 6.52 -20.79 -1.77
C ASN A 69 7.26 -20.55 -3.08
N ILE A 70 8.38 -21.23 -3.31
CA ILE A 70 9.14 -21.08 -4.54
C ILE A 70 8.55 -22.06 -5.55
N THR A 71 7.53 -21.60 -6.27
CA THR A 71 6.88 -22.40 -7.30
C THR A 71 7.60 -22.36 -8.64
N TRP A 72 8.54 -21.44 -8.81
CA TRP A 72 9.32 -21.31 -10.03
C TRP A 72 10.63 -22.05 -9.84
N THR A 73 10.66 -23.29 -10.33
CA THR A 73 11.83 -24.14 -10.14
C THR A 73 13.04 -23.53 -10.83
N SER A 74 14.21 -23.66 -10.18
CA SER A 74 15.43 -23.12 -10.72
C SER A 74 16.62 -23.74 -10.02
N PRO A 75 17.74 -23.99 -10.71
CA PRO A 75 18.95 -24.44 -10.00
C PRO A 75 19.48 -23.41 -9.03
N PHE A 76 19.30 -22.14 -9.33
CA PHE A 76 19.83 -21.08 -8.49
C PHE A 76 18.90 -20.84 -7.30
N PRO A 77 19.45 -20.48 -6.15
CA PRO A 77 18.59 -20.14 -5.02
C PRO A 77 17.74 -18.93 -5.34
N PRO A 78 16.58 -18.79 -4.73
CA PRO A 78 15.71 -17.65 -5.05
C PRO A 78 16.38 -16.33 -4.78
N GLY A 79 16.17 -15.38 -5.68
CA GLY A 79 16.73 -14.05 -5.55
C GLY A 79 17.66 -13.72 -6.69
N PRO A 80 18.42 -12.64 -6.53
CA PRO A 80 19.38 -12.28 -7.56
C PRO A 80 20.38 -13.41 -7.80
N LEU A 81 20.60 -13.70 -9.09
CA LEU A 81 21.60 -14.69 -9.44
C LEU A 81 22.98 -14.25 -9.02
N GLU A 82 23.16 -12.96 -8.89
CA GLU A 82 24.40 -12.42 -8.48
C GLU A 82 24.33 -10.98 -8.11
N ALA A 83 25.29 -10.49 -7.34
CA ALA A 83 25.51 -9.08 -7.09
C ALA A 83 26.99 -8.84 -7.19
N SER A 84 27.40 -8.18 -8.27
CA SER A 84 28.79 -8.18 -8.70
C SER A 84 29.37 -6.78 -8.62
N VAL A 85 30.68 -6.74 -8.40
CA VAL A 85 31.47 -5.52 -8.50
C VAL A 85 32.58 -5.79 -9.49
N ASN A 86 32.57 -5.07 -10.60
CA ASN A 86 33.63 -5.14 -11.59
C ASN A 86 34.80 -4.29 -11.14
N TYR A 87 36.01 -4.78 -11.38
CA TYR A 87 37.23 -4.09 -11.01
C TYR A 87 38.11 -3.96 -12.25
N GLN A 88 38.44 -2.72 -12.60
CA GLN A 88 39.34 -2.43 -13.72
C GLN A 88 40.49 -1.58 -13.21
N ALA A 89 41.46 -1.34 -14.11
CA ALA A 89 42.59 -0.50 -13.78
C ALA A 89 42.14 0.94 -13.53
N GLY A 90 42.92 1.65 -12.72
CA GLY A 90 42.61 3.02 -12.38
C GLY A 90 41.56 3.17 -11.31
N GLU A 91 41.41 2.17 -10.43
CA GLU A 91 40.44 2.22 -9.34
C GLU A 91 39.01 2.35 -9.86
N SER A 92 38.77 1.90 -11.09
CA SER A 92 37.44 1.89 -11.67
C SER A 92 36.67 0.70 -11.11
N SER A 93 35.51 0.98 -10.51
CA SER A 93 34.67 -0.04 -9.93
C SER A 93 33.21 0.34 -10.16
N MET A 94 32.42 -0.61 -10.67
CA MET A 94 31.02 -0.52 -10.83
C MET A 94 30.21 -1.64 -10.19
N PHE A 95 29.01 -1.41 -9.68
CA PHE A 95 28.16 -2.35 -9.07
C PHE A 95 27.15 -2.64 -10.01
N ARG A 96 26.77 -3.88 -10.14
CA ARG A 96 25.88 -4.32 -11.05
C ARG A 96 25.25 -5.45 -10.38
N PHE A 97 24.11 -5.81 -10.81
CA PHE A 97 23.44 -6.90 -10.27
C PHE A 97 22.53 -7.66 -11.28
N THR A 98 22.42 -8.94 -11.16
CA THR A 98 21.62 -9.66 -12.12
C THR A 98 20.42 -10.28 -11.42
N ILE A 99 19.30 -10.29 -12.13
CA ILE A 99 18.07 -10.87 -11.62
C ILE A 99 17.40 -11.61 -12.77
N GLU A 100 16.88 -12.80 -12.47
CA GLU A 100 15.93 -13.43 -13.35
C GLU A 100 14.54 -12.97 -12.95
N PRO A 101 13.89 -12.09 -13.70
CA PRO A 101 12.60 -11.56 -13.26
C PRO A 101 11.57 -12.68 -13.11
N VAL A 102 11.09 -12.84 -11.89
CA VAL A 102 10.11 -13.86 -11.54
C VAL A 102 8.86 -13.15 -11.04
N GLY A 103 7.70 -13.68 -11.39
CA GLY A 103 6.46 -13.12 -10.92
C GLY A 103 6.03 -13.72 -9.61
N PRO A 104 5.05 -13.09 -8.96
CA PRO A 104 4.57 -13.63 -7.69
C PRO A 104 3.89 -14.98 -7.83
N HIS A 105 3.40 -15.30 -9.02
CA HIS A 105 2.70 -16.55 -9.27
C HIS A 105 3.32 -17.33 -10.42
N ALA A 106 4.61 -17.13 -10.67
CA ALA A 106 5.31 -17.88 -11.69
C ALA A 106 5.45 -19.34 -11.27
N GLY A 107 5.32 -20.24 -12.25
CA GLY A 107 5.32 -21.66 -11.98
C GLY A 107 3.97 -22.24 -11.67
N THR A 108 2.96 -21.41 -11.46
CA THR A 108 1.60 -21.83 -11.20
C THR A 108 0.77 -21.78 -12.46
N PRO A 109 -0.44 -22.34 -12.44
CA PRO A 109 -1.25 -22.35 -13.67
C PRO A 109 -1.53 -20.96 -14.23
N ALA A 110 -1.30 -19.90 -13.45
CA ALA A 110 -1.60 -18.56 -13.93
C ALA A 110 -0.43 -17.99 -14.74
N ASP A 111 0.80 -18.24 -14.30
CA ASP A 111 2.01 -17.77 -14.98
C ASP A 111 2.98 -18.93 -15.08
N PRO A 112 2.61 -19.97 -15.82
CA PRO A 112 3.46 -21.17 -15.88
C PRO A 112 4.79 -20.95 -16.57
N VAL A 113 4.98 -19.81 -17.24
CA VAL A 113 6.19 -19.52 -17.97
C VAL A 113 6.84 -18.20 -17.56
N ASN A 114 6.25 -17.47 -16.63
CA ASN A 114 6.83 -16.24 -16.10
C ASN A 114 7.12 -15.25 -17.22
N GLU A 115 6.04 -14.83 -17.89
CA GLU A 115 6.14 -14.02 -19.09
C GLU A 115 6.18 -12.53 -18.81
N LEU A 116 5.45 -12.05 -17.80
CA LEU A 116 5.26 -10.62 -17.60
C LEU A 116 6.30 -9.97 -16.71
N ALA A 117 7.06 -10.74 -15.93
CA ALA A 117 7.95 -10.14 -14.95
C ALA A 117 9.01 -9.28 -15.62
N ALA A 118 9.68 -9.81 -16.63
CA ALA A 118 10.75 -9.05 -17.29
C ALA A 118 10.21 -7.82 -18.00
N LYS A 119 9.03 -7.94 -18.62
CA LYS A 119 8.45 -6.80 -19.31
C LYS A 119 8.01 -5.72 -18.33
N GLN A 120 7.40 -6.12 -17.22
CA GLN A 120 7.09 -5.18 -16.15
C GLN A 120 8.34 -4.48 -15.65
N LEU A 121 9.41 -5.23 -15.42
CA LEU A 121 10.65 -4.63 -14.95
C LEU A 121 11.18 -3.60 -15.93
N MET A 122 11.19 -3.94 -17.21
CA MET A 122 11.67 -2.99 -18.22
C MET A 122 10.76 -1.77 -18.30
N GLN A 123 9.44 -1.98 -18.20
CA GLN A 123 8.51 -0.87 -18.22
C GLN A 123 8.76 0.09 -17.07
N ARG A 124 8.80 -0.43 -15.84
CA ARG A 124 9.12 0.40 -14.70
C ARG A 124 10.44 1.12 -14.89
N LEU A 125 11.46 0.40 -15.35
CA LEU A 125 12.79 1.00 -15.48
C LEU A 125 12.81 2.12 -16.50
N GLY A 126 12.07 1.97 -17.59
CA GLY A 126 11.98 3.04 -18.56
C GLY A 126 11.16 4.20 -18.07
N GLN A 127 10.14 3.92 -17.23
CA GLN A 127 9.37 4.98 -16.63
C GLN A 127 10.20 5.79 -15.63
N LEU A 128 11.12 5.12 -14.92
CA LEU A 128 11.98 5.82 -13.97
C LEU A 128 13.10 6.59 -14.64
N GLN A 129 13.61 6.11 -15.77
CA GLN A 129 14.58 6.85 -16.58
C GLN A 129 14.14 6.82 -18.03
N PRO A 130 13.16 7.64 -18.40
CA PRO A 130 12.73 7.69 -19.79
C PRO A 130 13.89 8.03 -20.71
N GLY A 131 14.10 7.19 -21.73
CA GLY A 131 15.19 7.34 -22.64
C GLY A 131 16.42 6.52 -22.32
N GLY A 132 16.44 5.85 -21.17
CA GLY A 132 17.58 5.03 -20.82
C GLY A 132 17.50 3.64 -21.41
N VAL A 133 16.30 3.13 -21.60
CA VAL A 133 16.06 1.79 -22.10
C VAL A 133 15.60 1.87 -23.55
N ASP A 134 16.40 1.30 -24.45
CA ASP A 134 16.07 1.19 -25.86
C ASP A 134 15.76 -0.27 -26.18
N SER A 135 14.59 -0.51 -26.77
CA SER A 135 14.09 -1.86 -27.00
C SER A 135 14.30 -2.33 -28.44
N THR A 136 15.09 -1.62 -29.23
CA THR A 136 15.37 -2.07 -30.59
C THR A 136 15.88 -3.50 -30.61
N MET A 137 16.99 -3.75 -29.91
CA MET A 137 17.55 -5.09 -29.88
C MET A 137 16.61 -6.06 -29.18
N PHE A 138 15.99 -5.63 -28.09
CA PHE A 138 15.03 -6.49 -27.42
C PHE A 138 13.87 -6.82 -28.34
N ASP A 139 13.39 -5.82 -29.08
CA ASP A 139 12.24 -6.06 -29.95
C ASP A 139 12.61 -6.99 -31.10
N HIS A 140 13.88 -6.97 -31.52
CA HIS A 140 14.30 -7.87 -32.59
C HIS A 140 14.51 -9.29 -32.09
N PHE A 141 15.13 -9.44 -30.91
CA PHE A 141 15.52 -10.75 -30.43
C PHE A 141 14.45 -11.47 -29.62
N TYR A 142 13.45 -10.77 -29.10
CA TYR A 142 12.44 -11.41 -28.28
C TYR A 142 11.65 -12.46 -29.05
N PRO A 143 11.21 -12.22 -30.28
CA PRO A 143 10.52 -13.28 -31.02
C PRO A 143 11.44 -14.40 -31.46
N LEU A 144 12.70 -14.09 -31.73
CA LEU A 144 13.62 -15.09 -32.26
C LEU A 144 14.09 -16.05 -31.17
N LEU A 145 14.54 -15.52 -30.04
CA LEU A 145 15.12 -16.30 -28.97
C LEU A 145 14.14 -16.66 -27.87
N CYS A 146 13.29 -15.73 -27.46
CA CYS A 146 12.37 -15.97 -26.34
C CYS A 146 11.07 -16.57 -26.82
N VAL A 147 10.40 -17.26 -25.91
CA VAL A 147 9.11 -17.89 -26.16
C VAL A 147 8.06 -17.14 -25.35
N ASP A 148 7.12 -16.52 -26.05
CA ASP A 148 6.03 -15.83 -25.38
C ASP A 148 5.15 -16.84 -24.64
N GLY A 149 4.17 -16.32 -23.91
CA GLY A 149 3.32 -17.14 -23.09
C GLY A 149 2.42 -18.06 -23.89
N PRO A 150 1.68 -17.51 -24.85
CA PRO A 150 0.83 -18.34 -25.69
C PRO A 150 1.56 -19.52 -26.33
N GLU A 151 2.71 -19.26 -26.95
CA GLU A 151 3.48 -20.33 -27.57
C GLU A 151 3.83 -21.41 -26.55
N ALA A 152 4.45 -21.00 -25.43
CA ALA A 152 4.84 -21.97 -24.41
C ALA A 152 3.65 -22.78 -23.91
N ARG A 153 2.47 -22.16 -23.84
CA ARG A 153 1.30 -22.88 -23.35
C ARG A 153 0.78 -23.86 -24.38
N ARG A 154 0.79 -23.48 -25.66
CA ARG A 154 0.40 -24.42 -26.71
C ARG A 154 1.42 -25.53 -26.86
N GLN A 155 2.72 -25.18 -26.78
CA GLN A 155 3.81 -26.11 -26.94
C GLN A 155 4.36 -26.60 -25.60
N TRP A 156 3.49 -26.77 -24.62
CA TRP A 156 3.94 -27.13 -23.27
C TRP A 156 4.59 -28.52 -23.25
N ASP A 157 3.92 -29.51 -23.84
CA ASP A 157 4.44 -30.87 -23.81
C ASP A 157 5.87 -30.94 -24.31
N SER A 158 6.30 -29.99 -25.13
CA SER A 158 7.66 -30.00 -25.64
C SER A 158 8.67 -29.50 -24.60
N ILE A 159 8.22 -28.65 -23.67
CA ILE A 159 9.11 -28.01 -22.71
C ILE A 159 8.77 -28.34 -21.27
N ALA A 160 7.70 -29.11 -21.04
CA ALA A 160 7.32 -29.43 -19.67
C ALA A 160 8.42 -30.20 -18.95
N HIS A 161 9.22 -30.98 -19.67
CA HIS A 161 10.31 -31.72 -19.07
C HIS A 161 11.44 -30.81 -18.60
N ILE A 162 11.50 -29.59 -19.11
CA ILE A 162 12.61 -28.69 -18.75
C ILE A 162 12.40 -28.20 -17.33
N TYR A 163 13.48 -28.21 -16.55
CA TYR A 163 13.40 -27.87 -15.14
C TYR A 163 13.39 -26.36 -14.95
N HIS A 164 14.36 -25.67 -15.52
CA HIS A 164 14.44 -24.21 -15.45
C HIS A 164 13.90 -23.66 -16.76
N LYS A 165 12.62 -23.29 -16.75
CA LYS A 165 11.98 -22.70 -17.92
C LYS A 165 12.26 -21.21 -18.01
N CYS A 166 13.54 -20.88 -18.01
CA CYS A 166 13.99 -19.51 -18.11
C CYS A 166 14.05 -19.08 -19.58
N HIS A 167 13.64 -17.85 -19.84
CA HIS A 167 13.64 -17.32 -21.19
C HIS A 167 14.24 -15.92 -21.31
N THR A 168 14.29 -15.15 -20.22
CA THR A 168 14.88 -13.82 -20.26
C THR A 168 15.37 -13.47 -18.86
N VAL A 169 16.62 -13.02 -18.80
CA VAL A 169 17.26 -12.59 -17.56
C VAL A 169 17.69 -11.15 -17.72
N THR A 170 17.54 -10.37 -16.66
CA THR A 170 17.80 -8.94 -16.69
C THR A 170 18.89 -8.60 -15.68
N ALA A 171 19.93 -7.93 -16.15
CA ALA A 171 20.98 -7.38 -15.30
C ALA A 171 20.92 -5.87 -15.35
N LEU A 172 21.14 -5.23 -14.21
CA LEU A 172 21.16 -3.78 -14.11
C LEU A 172 22.56 -3.34 -13.71
N ASP A 173 23.28 -2.78 -14.67
CA ASP A 173 24.48 -2.03 -14.34
C ASP A 173 24.06 -0.76 -13.64
N MET A 174 24.69 -0.48 -12.49
CA MET A 174 24.25 0.61 -11.62
C MET A 174 25.39 1.62 -11.59
N GLN A 175 25.36 2.54 -12.55
CA GLN A 175 26.46 3.45 -12.77
C GLN A 175 26.58 4.45 -11.63
N ARG A 176 27.82 4.92 -11.44
CA ARG A 176 28.09 5.98 -10.48
C ARG A 176 27.31 7.25 -10.77
N SER A 177 26.77 7.38 -11.98
CA SER A 177 26.01 8.55 -12.41
C SER A 177 24.52 8.42 -12.13
N ALA A 178 24.11 7.40 -11.37
CA ALA A 178 22.73 7.11 -11.03
C ALA A 178 21.94 6.57 -12.21
N ALA A 179 22.59 6.37 -13.36
CA ALA A 179 21.94 5.79 -14.53
C ALA A 179 22.07 4.28 -14.48
N CYS A 180 20.98 3.59 -14.75
CA CYS A 180 20.97 2.13 -14.74
C CYS A 180 20.84 1.61 -16.17
N THR A 181 21.91 0.97 -16.65
CA THR A 181 21.90 0.30 -17.93
C THR A 181 21.33 -1.09 -17.78
N LEU A 182 20.26 -1.37 -18.54
CA LEU A 182 19.61 -2.67 -18.52
C LEU A 182 20.27 -3.59 -19.53
N LYS A 183 20.54 -4.81 -19.11
CA LYS A 183 21.10 -5.84 -19.97
C LYS A 183 20.16 -7.04 -19.95
N THR A 184 19.87 -7.58 -21.13
CA THR A 184 18.94 -8.68 -21.28
C THR A 184 19.69 -9.90 -21.78
N TYR A 185 19.51 -11.02 -21.09
CA TYR A 185 20.08 -12.31 -21.47
C TYR A 185 18.95 -13.21 -21.92
N PHE A 186 19.08 -13.78 -23.11
CA PHE A 186 18.07 -14.68 -23.65
C PHE A 186 18.62 -16.10 -23.75
N PRO A 187 18.25 -17.00 -22.85
CA PRO A 187 18.50 -18.43 -23.10
C PRO A 187 17.40 -19.01 -23.97
N PRO A 188 17.71 -19.35 -25.22
CA PRO A 188 16.66 -19.81 -26.14
C PRO A 188 16.34 -21.29 -26.02
N LEU A 189 16.74 -21.91 -24.92
CA LEU A 189 16.51 -23.34 -24.75
C LEU A 189 15.06 -23.72 -25.03
N LEU A 190 14.11 -22.96 -24.49
CA LEU A 190 12.71 -23.22 -24.81
C LEU A 190 12.44 -23.05 -26.30
N ARG A 191 13.01 -22.02 -26.91
CA ARG A 191 12.84 -21.80 -28.34
C ARG A 191 13.35 -23.00 -29.13
N SER A 192 14.59 -23.42 -28.86
CA SER A 192 15.15 -24.57 -29.55
C SER A 192 14.31 -25.81 -29.34
N THR A 193 13.86 -26.04 -28.10
CA THR A 193 13.08 -27.23 -27.80
C THR A 193 11.76 -27.25 -28.56
N ILE A 194 11.08 -26.11 -28.62
CA ILE A 194 9.81 -26.05 -29.33
C ILE A 194 10.02 -26.22 -30.83
N MET A 195 10.97 -25.47 -31.38
CA MET A 195 11.28 -25.56 -32.81
C MET A 195 12.17 -26.74 -33.14
N ASN A 196 12.69 -27.45 -32.15
CA ASN A 196 13.59 -28.58 -32.37
C ASN A 196 14.73 -28.19 -33.31
N THR A 197 15.42 -27.11 -32.95
CA THR A 197 16.46 -26.53 -33.78
C THR A 197 17.72 -26.33 -32.95
N SER A 198 18.87 -26.38 -33.61
CA SER A 198 20.14 -26.17 -32.94
C SER A 198 20.15 -24.81 -32.24
N MET A 199 20.72 -24.79 -31.03
CA MET A 199 20.90 -23.54 -30.30
C MET A 199 21.81 -22.60 -31.10
N VAL A 200 22.98 -23.10 -31.47
CA VAL A 200 23.93 -22.32 -32.27
C VAL A 200 23.22 -21.66 -33.44
N ASP A 201 22.46 -22.45 -34.20
CA ASP A 201 21.93 -21.96 -35.46
C ASP A 201 20.89 -20.87 -35.24
N ILE A 202 19.98 -21.06 -34.28
CA ILE A 202 18.95 -20.05 -34.07
C ILE A 202 19.57 -18.78 -33.49
N MET A 203 20.49 -18.90 -32.54
CA MET A 203 21.14 -17.73 -31.97
C MET A 203 21.82 -16.92 -33.07
N PHE A 204 22.62 -17.58 -33.89
CA PHE A 204 23.40 -16.85 -34.88
C PHE A 204 22.56 -16.41 -36.07
N ASP A 205 21.46 -17.11 -36.36
CA ASP A 205 20.53 -16.62 -37.36
C ASP A 205 19.84 -15.35 -36.88
N ALA A 206 19.50 -15.28 -35.60
CA ALA A 206 18.97 -14.04 -35.04
C ALA A 206 20.00 -12.92 -35.13
N VAL A 207 21.25 -13.21 -34.78
CA VAL A 207 22.29 -12.18 -34.87
C VAL A 207 22.45 -11.70 -36.30
N GLU A 208 22.38 -12.62 -37.27
CA GLU A 208 22.56 -12.23 -38.67
C GLU A 208 21.36 -11.45 -39.18
N SER A 209 20.15 -11.86 -38.79
CA SER A 209 18.96 -11.06 -39.05
C SER A 209 19.16 -9.63 -38.57
N PHE A 210 19.64 -9.46 -37.33
CA PHE A 210 19.85 -8.12 -36.80
C PHE A 210 20.91 -7.38 -37.60
N ARG A 211 21.97 -8.08 -38.00
CA ARG A 211 22.99 -7.48 -38.85
C ARG A 211 22.37 -6.87 -40.10
N LYS A 212 21.61 -7.68 -40.85
CA LYS A 212 21.07 -7.20 -42.12
C LYS A 212 19.98 -6.16 -41.91
N GLN A 213 19.27 -6.23 -40.79
CA GLN A 213 18.20 -5.29 -40.47
C GLN A 213 18.72 -3.98 -39.87
N SER A 214 19.99 -3.92 -39.49
CA SER A 214 20.54 -2.76 -38.82
C SER A 214 21.76 -2.15 -39.52
N GLY A 215 22.50 -2.93 -40.29
CA GLY A 215 23.72 -2.43 -40.91
C GLY A 215 24.87 -2.34 -39.94
N LEU A 216 24.89 -3.21 -38.93
CA LEU A 216 25.94 -3.23 -37.91
C LEU A 216 26.70 -4.54 -38.02
N TYR A 217 28.02 -4.45 -37.92
CA TYR A 217 28.89 -5.61 -38.13
C TYR A 217 29.06 -6.34 -36.81
N PHE A 218 28.37 -7.47 -36.67
CA PHE A 218 28.50 -8.37 -35.53
C PHE A 218 29.12 -9.66 -36.05
N ASP A 219 30.46 -9.73 -36.02
CA ASP A 219 31.16 -10.86 -36.60
C ASP A 219 30.97 -12.09 -35.71
N TYR A 220 30.21 -13.07 -36.24
CA TYR A 220 29.94 -14.31 -35.52
C TYR A 220 30.48 -15.53 -36.25
N THR A 221 31.40 -15.34 -37.20
CA THR A 221 31.93 -16.46 -37.96
C THR A 221 32.76 -17.38 -37.08
N LYS A 222 33.73 -16.80 -36.36
CA LYS A 222 34.61 -17.62 -35.52
C LYS A 222 33.84 -18.34 -34.44
N ILE A 223 32.90 -17.65 -33.79
CA ILE A 223 32.12 -18.26 -32.72
C ILE A 223 31.32 -19.43 -33.24
N LYS A 224 30.65 -19.24 -34.38
CA LYS A 224 29.85 -20.32 -34.96
C LYS A 224 30.73 -21.49 -35.37
N GLU A 225 31.83 -21.23 -36.06
CA GLU A 225 32.73 -22.30 -36.46
C GLU A 225 33.19 -23.12 -35.25
N PHE A 226 33.65 -22.44 -34.21
CA PHE A 226 34.12 -23.16 -33.03
C PHE A 226 32.99 -23.94 -32.37
N MET A 227 31.84 -23.30 -32.15
CA MET A 227 30.76 -23.94 -31.41
C MET A 227 30.10 -25.06 -32.19
N SER A 228 30.29 -25.11 -33.51
CA SER A 228 29.74 -26.20 -34.30
C SER A 228 30.63 -27.43 -34.30
N GLU A 229 31.92 -27.27 -34.01
CA GLU A 229 32.84 -28.40 -34.01
C GLU A 229 32.36 -29.48 -33.04
N GLU A 230 32.73 -30.73 -33.34
CA GLU A 230 32.33 -31.84 -32.48
C GLU A 230 33.19 -31.92 -31.24
N LYS A 231 34.48 -31.63 -31.35
CA LYS A 231 35.35 -31.65 -30.18
C LYS A 231 34.81 -30.73 -29.09
N THR A 232 34.37 -29.53 -29.47
CA THR A 232 33.80 -28.60 -28.50
C THR A 232 32.60 -29.21 -27.80
N HIS A 233 31.76 -29.95 -28.52
CA HIS A 233 30.56 -30.51 -27.93
C HIS A 233 30.85 -31.58 -26.89
N GLU A 234 32.06 -32.16 -26.91
CA GLU A 234 32.40 -33.14 -25.90
C GLU A 234 32.45 -32.51 -24.52
N THR A 235 32.95 -31.29 -24.43
CA THR A 235 32.98 -30.53 -23.19
C THR A 235 31.87 -29.51 -23.07
N MET A 236 31.46 -28.91 -24.18
CA MET A 236 30.58 -27.74 -24.15
C MET A 236 29.13 -28.18 -24.05
N MET A 237 28.50 -27.87 -22.93
CA MET A 237 27.05 -27.99 -22.82
C MET A 237 26.40 -26.84 -23.57
N VAL A 238 25.81 -27.15 -24.72
CA VAL A 238 25.19 -26.11 -25.54
C VAL A 238 23.74 -25.89 -25.14
N ASP A 239 23.14 -26.87 -24.46
CA ASP A 239 21.82 -26.68 -23.87
C ASP A 239 21.80 -25.55 -22.85
N ARG A 240 22.96 -25.09 -22.41
CA ARG A 240 23.07 -24.07 -21.36
C ARG A 240 23.56 -22.73 -21.90
N SER A 241 23.52 -22.53 -23.22
CA SER A 241 24.03 -21.31 -23.81
C SER A 241 22.94 -20.27 -23.92
N TYR A 242 23.35 -19.00 -24.02
CA TYR A 242 22.41 -17.90 -24.04
C TYR A 242 23.08 -16.68 -24.66
N LEU A 243 22.25 -15.76 -25.14
CA LEU A 243 22.69 -14.55 -25.80
C LEU A 243 22.39 -13.35 -24.92
N SER A 244 23.24 -12.32 -25.04
CA SER A 244 23.08 -11.11 -24.25
C SER A 244 23.36 -9.88 -25.10
N PHE A 245 22.66 -8.81 -24.77
CA PHE A 245 22.83 -7.53 -25.43
C PHE A 245 22.44 -6.44 -24.44
N ASP A 246 23.12 -5.29 -24.55
CA ASP A 246 22.78 -4.14 -23.74
C ASP A 246 21.59 -3.42 -24.37
N CYS A 247 20.58 -3.13 -23.55
CA CYS A 247 19.35 -2.50 -24.02
C CYS A 247 19.57 -1.01 -24.28
N LEU A 248 20.48 -0.73 -25.23
CA LEU A 248 20.82 0.63 -25.60
C LEU A 248 20.70 0.82 -27.10
N ASP A 249 21.20 1.95 -27.60
CA ASP A 249 21.24 2.18 -29.03
C ASP A 249 22.10 1.10 -29.69
N PRO A 250 21.56 0.32 -30.61
CA PRO A 250 22.35 -0.77 -31.21
C PRO A 250 23.75 -0.38 -31.63
N ALA A 251 23.95 0.86 -32.07
CA ALA A 251 25.28 1.30 -32.44
C ALA A 251 26.17 1.51 -31.22
N LYS A 252 25.58 1.53 -30.02
CA LYS A 252 26.30 1.67 -28.77
C LYS A 252 26.14 0.44 -27.88
N SER A 253 25.65 -0.66 -28.43
CA SER A 253 25.38 -1.88 -27.69
C SER A 253 26.30 -2.99 -28.16
N ARG A 254 26.06 -4.19 -27.64
CA ARG A 254 26.92 -5.34 -27.88
C ARG A 254 26.06 -6.59 -28.01
N ILE A 255 26.67 -7.62 -28.59
CA ILE A 255 26.10 -8.96 -28.62
C ILE A 255 27.12 -9.90 -28.02
N LYS A 256 26.68 -10.67 -27.03
CA LYS A 256 27.54 -11.63 -26.35
C LYS A 256 26.89 -13.01 -26.41
N ILE A 257 27.67 -14.02 -26.76
CA ILE A 257 27.20 -15.40 -26.83
C ILE A 257 27.85 -16.15 -25.69
N TYR A 258 27.03 -16.66 -24.77
CA TYR A 258 27.50 -17.39 -23.61
C TYR A 258 27.30 -18.88 -23.79
N THR A 259 28.13 -19.68 -23.13
CA THR A 259 27.93 -21.12 -23.07
C THR A 259 28.61 -21.67 -21.83
N GLU A 260 28.19 -22.86 -21.44
CA GLU A 260 28.72 -23.56 -20.28
C GLU A 260 29.60 -24.72 -20.73
N ALA A 261 30.70 -24.94 -20.02
CA ALA A 261 31.64 -26.00 -20.33
C ALA A 261 32.24 -26.57 -19.05
N LYS A 262 32.16 -27.89 -18.90
CA LYS A 262 32.77 -28.60 -17.79
C LYS A 262 34.06 -29.23 -18.30
N VAL A 263 35.17 -28.54 -18.10
CA VAL A 263 36.47 -28.96 -18.63
C VAL A 263 37.38 -29.37 -17.48
N LYS A 264 38.44 -30.10 -17.83
CA LYS A 264 39.37 -30.66 -16.87
C LYS A 264 40.74 -30.02 -16.90
N THR A 265 41.17 -29.48 -18.04
CA THR A 265 42.53 -29.04 -18.24
C THR A 265 42.54 -27.61 -18.79
N LEU A 266 43.70 -26.96 -18.70
CA LEU A 266 43.84 -25.60 -19.20
C LEU A 266 43.81 -25.54 -20.72
N GLU A 267 44.10 -26.64 -21.41
CA GLU A 267 44.03 -26.62 -22.86
C GLU A 267 42.59 -26.54 -23.35
N GLU A 268 41.66 -27.13 -22.59
CA GLU A 268 40.25 -26.95 -22.90
C GLU A 268 39.80 -25.53 -22.56
N ALA A 269 40.33 -24.96 -21.48
CA ALA A 269 40.07 -23.57 -21.18
C ALA A 269 40.51 -22.68 -22.33
N TYR A 270 41.66 -22.96 -22.92
CA TYR A 270 42.12 -22.19 -24.08
C TYR A 270 41.25 -22.47 -25.30
N SER A 271 40.80 -23.71 -25.46
CA SER A 271 39.84 -24.02 -26.51
C SER A 271 38.67 -23.05 -26.46
N PHE A 272 38.09 -22.85 -25.27
CA PHE A 272 36.93 -21.98 -25.16
C PHE A 272 37.32 -20.50 -25.15
N TRP A 273 38.55 -20.19 -24.75
CA TRP A 273 38.98 -18.80 -24.65
C TRP A 273 39.29 -18.21 -26.02
N SER A 274 40.01 -18.97 -26.86
CA SER A 274 40.50 -18.48 -28.13
C SER A 274 39.70 -18.99 -29.32
N LEU A 275 38.62 -19.73 -29.09
CA LEU A 275 37.85 -20.33 -30.17
C LEU A 275 38.75 -21.16 -31.09
N GLY A 276 39.33 -22.20 -30.50
CA GLY A 276 40.21 -23.08 -31.24
C GLY A 276 41.34 -22.36 -31.94
N GLY A 277 41.94 -21.39 -31.27
CA GLY A 277 43.03 -20.62 -31.85
C GLY A 277 42.61 -19.59 -32.86
N ARG A 278 41.32 -19.50 -33.19
CA ARG A 278 40.86 -18.53 -34.18
C ARG A 278 41.12 -17.11 -33.70
N LEU A 279 40.88 -16.83 -32.43
CA LEU A 279 41.17 -15.53 -31.85
C LEU A 279 42.63 -15.51 -31.37
N SER A 280 43.28 -14.38 -31.58
CA SER A 280 44.70 -14.25 -31.28
C SER A 280 45.00 -12.83 -30.85
N GLY A 281 46.18 -12.64 -30.28
CA GLY A 281 46.66 -11.33 -29.91
C GLY A 281 47.23 -11.28 -28.52
N PRO A 282 47.87 -10.14 -28.18
CA PRO A 282 48.43 -10.01 -26.83
C PRO A 282 47.38 -10.07 -25.75
N GLU A 283 46.20 -9.51 -26.00
CA GLU A 283 45.15 -9.50 -24.99
C GLU A 283 44.73 -10.92 -24.64
N ILE A 284 44.59 -11.78 -25.66
CA ILE A 284 44.23 -13.17 -25.42
C ILE A 284 45.27 -13.83 -24.52
N ASP A 285 46.55 -13.62 -24.83
CA ASP A 285 47.62 -14.24 -24.06
C ASP A 285 47.61 -13.76 -22.61
N TYR A 286 47.54 -12.45 -22.40
CA TYR A 286 47.54 -11.92 -21.03
C TYR A 286 46.33 -12.39 -20.25
N GLY A 287 45.15 -12.33 -20.86
CA GLY A 287 43.96 -12.81 -20.19
C GLY A 287 44.06 -14.27 -19.82
N PHE A 288 44.65 -15.09 -20.68
CA PHE A 288 44.77 -16.50 -20.33
C PHE A 288 45.84 -16.72 -19.26
N LYS A 289 46.86 -15.86 -19.22
CA LYS A 289 47.79 -15.93 -18.09
C LYS A 289 47.07 -15.70 -16.79
N ILE A 290 46.23 -14.67 -16.73
CA ILE A 290 45.46 -14.40 -15.52
C ILE A 290 44.52 -15.56 -15.21
N VAL A 291 43.89 -16.13 -16.25
CA VAL A 291 42.97 -17.25 -16.05
C VAL A 291 43.69 -18.45 -15.47
N SER A 292 44.87 -18.78 -16.01
CA SER A 292 45.63 -19.90 -15.48
C SER A 292 46.07 -19.63 -14.04
N GLN A 293 46.49 -18.40 -13.76
CA GLN A 293 46.81 -18.02 -12.39
C GLN A 293 45.66 -18.33 -11.45
N MET A 294 44.47 -17.83 -11.74
CA MET A 294 43.34 -18.07 -10.85
C MET A 294 42.86 -19.51 -10.88
N TRP A 295 43.05 -20.22 -11.99
CA TRP A 295 42.77 -21.65 -12.07
C TRP A 295 43.59 -22.41 -11.04
N ASP A 296 44.91 -22.23 -11.08
CA ASP A 296 45.78 -22.94 -10.17
C ASP A 296 45.74 -22.37 -8.76
N ALA A 297 45.13 -21.19 -8.58
CA ALA A 297 44.98 -20.64 -7.24
C ALA A 297 43.71 -21.15 -6.56
N ILE A 298 42.64 -21.35 -7.33
CA ILE A 298 41.34 -21.67 -6.74
C ILE A 298 41.07 -23.17 -6.86
N TYR A 299 41.09 -23.70 -8.10
CA TYR A 299 40.79 -25.10 -8.30
C TYR A 299 41.92 -26.01 -7.83
N SER A 300 43.06 -25.46 -7.43
CA SER A 300 44.10 -26.28 -6.80
C SER A 300 43.70 -26.71 -5.40
N LYS A 301 43.07 -25.83 -4.64
CA LYS A 301 42.70 -26.13 -3.28
C LYS A 301 41.67 -27.26 -3.25
N GLU A 302 41.55 -27.89 -2.08
CA GLU A 302 40.61 -28.99 -1.91
C GLU A 302 39.18 -28.49 -1.80
N LEU A 303 38.26 -29.30 -2.29
CA LEU A 303 36.85 -28.94 -2.23
C LEU A 303 36.32 -29.13 -0.81
N PRO A 304 35.31 -28.36 -0.42
CA PRO A 304 34.73 -28.55 0.91
C PRO A 304 34.16 -29.95 1.09
N GLY A 305 34.17 -30.40 2.34
CA GLY A 305 33.60 -31.70 2.66
C GLY A 305 34.36 -32.87 2.08
N GLY A 306 35.62 -32.68 1.72
CA GLY A 306 36.41 -33.77 1.18
C GLY A 306 35.80 -34.41 -0.04
N LYS A 307 35.14 -33.62 -0.89
CA LYS A 307 34.56 -34.10 -2.14
C LYS A 307 35.55 -33.84 -3.26
N GLN A 308 35.86 -34.89 -4.02
CA GLN A 308 36.89 -34.78 -5.05
C GLN A 308 36.37 -33.96 -6.23
N ARG A 309 37.30 -33.32 -6.93
CA ARG A 309 36.97 -32.38 -8.00
C ARG A 309 36.90 -33.15 -9.32
N GLU A 310 35.68 -33.42 -9.77
CA GLU A 310 35.50 -34.17 -11.00
C GLU A 310 35.98 -33.38 -12.20
N ASN A 311 35.58 -32.12 -12.30
CA ASN A 311 35.97 -31.27 -13.41
C ASN A 311 35.70 -29.82 -13.02
N ASN A 312 36.31 -28.91 -13.76
CA ASN A 312 36.18 -27.49 -13.50
C ASN A 312 35.08 -26.88 -14.35
N HIS A 313 33.99 -26.47 -13.70
CA HIS A 313 32.86 -25.84 -14.37
C HIS A 313 33.21 -24.41 -14.73
N ILE A 314 33.07 -24.07 -16.01
CA ILE A 314 33.32 -22.71 -16.49
C ILE A 314 32.20 -22.29 -17.41
N GLN A 315 31.95 -20.98 -17.47
CA GLN A 315 31.20 -20.36 -18.53
C GLN A 315 32.12 -19.43 -19.31
N ILE A 316 31.65 -19.01 -20.48
CA ILE A 316 32.46 -18.23 -21.40
C ILE A 316 31.52 -17.42 -22.28
N ASN A 317 31.92 -16.18 -22.57
CA ASN A 317 31.21 -15.34 -23.51
C ASN A 317 32.18 -14.87 -24.57
N TRP A 318 31.63 -14.50 -25.73
CA TRP A 318 32.39 -13.85 -26.78
C TRP A 318 31.64 -12.61 -27.22
N GLU A 319 32.27 -11.46 -27.04
CA GLU A 319 31.62 -10.15 -27.18
C GLU A 319 31.90 -9.61 -28.58
N MET A 320 30.84 -9.42 -29.36
CA MET A 320 30.93 -8.86 -30.70
C MET A 320 30.61 -7.38 -30.65
N SER A 321 31.42 -6.59 -31.34
CA SER A 321 31.27 -5.13 -31.37
C SER A 321 30.50 -4.71 -32.60
N ALA A 322 29.59 -3.76 -32.41
CA ALA A 322 28.82 -3.22 -33.54
C ALA A 322 29.71 -2.40 -34.46
N LYS A 323 30.80 -1.85 -33.92
CA LYS A 323 31.67 -0.98 -34.71
C LYS A 323 32.68 -1.77 -35.53
N ASP A 324 32.99 -2.99 -35.10
CA ASP A 324 34.14 -3.72 -35.65
C ASP A 324 33.87 -5.21 -35.56
N SER A 325 34.65 -5.98 -36.32
CA SER A 325 34.58 -7.43 -36.33
C SER A 325 35.17 -8.07 -35.07
N SER A 326 35.52 -7.27 -34.06
CA SER A 326 36.21 -7.80 -32.90
C SER A 326 35.36 -8.82 -32.16
N VAL A 327 36.00 -9.93 -31.78
CA VAL A 327 35.43 -10.90 -30.85
C VAL A 327 36.38 -11.00 -29.66
N ALA A 328 35.86 -10.75 -28.47
CA ALA A 328 36.67 -10.75 -27.26
C ALA A 328 36.04 -11.66 -26.21
N PRO A 329 36.81 -12.54 -25.58
CA PRO A 329 36.22 -13.48 -24.62
C PRO A 329 36.22 -13.01 -23.17
N LYS A 330 35.32 -13.59 -22.38
CA LYS A 330 35.27 -13.37 -20.94
C LYS A 330 34.96 -14.70 -20.28
N LEU A 331 35.91 -15.23 -19.54
CA LEU A 331 35.81 -16.55 -18.92
C LEU A 331 35.29 -16.39 -17.49
N TYR A 332 34.33 -17.24 -17.13
CA TYR A 332 33.67 -17.21 -15.83
C TYR A 332 34.00 -18.51 -15.09
N LEU A 333 34.86 -18.42 -14.09
CA LEU A 333 35.11 -19.55 -13.21
C LEU A 333 34.00 -19.64 -12.17
N THR A 334 33.35 -20.80 -12.11
CA THR A 334 32.27 -21.04 -11.16
C THR A 334 32.87 -21.54 -9.86
N VAL A 335 32.65 -20.78 -8.78
CA VAL A 335 33.24 -21.08 -7.49
C VAL A 335 32.15 -21.12 -6.42
N ILE A 336 30.92 -21.46 -6.82
CA ILE A 336 29.83 -21.51 -5.86
C ILE A 336 30.09 -22.58 -4.81
N GLU A 337 30.54 -23.75 -5.24
CA GLU A 337 30.83 -24.86 -4.33
C GLU A 337 32.33 -24.93 -4.07
N ASP A 338 32.83 -23.88 -3.42
CA ASP A 338 34.21 -23.81 -2.99
C ASP A 338 34.30 -22.94 -1.76
N TYR A 339 35.44 -22.99 -1.09
CA TYR A 339 35.64 -22.23 0.13
C TYR A 339 35.70 -20.74 -0.19
N ASP A 340 34.76 -19.98 0.36
CA ASP A 340 34.77 -18.54 0.17
C ASP A 340 36.08 -17.93 0.65
N ALA A 341 36.72 -18.56 1.64
CA ALA A 341 38.03 -18.08 2.09
C ALA A 341 39.07 -18.23 0.99
N TYR A 342 39.09 -19.38 0.32
CA TYR A 342 40.07 -19.59 -0.74
C TYR A 342 39.78 -18.69 -1.94
N VAL A 343 38.50 -18.52 -2.29
CA VAL A 343 38.15 -17.63 -3.39
C VAL A 343 38.58 -16.20 -3.07
N SER A 344 38.26 -15.73 -1.86
CA SER A 344 38.66 -14.38 -1.45
C SER A 344 40.18 -14.23 -1.49
N SER A 345 40.91 -15.23 -1.00
CA SER A 345 42.37 -15.13 -0.98
C SER A 345 42.94 -15.12 -2.38
N ALA A 346 42.34 -15.90 -3.29
CA ALA A 346 42.79 -15.88 -4.68
C ALA A 346 42.53 -14.53 -5.33
N ILE A 347 41.35 -13.96 -5.08
CA ILE A 347 41.07 -12.61 -5.57
C ILE A 347 42.09 -11.62 -5.04
N VAL A 348 42.40 -11.71 -3.75
CA VAL A 348 43.32 -10.77 -3.13
C VAL A 348 44.71 -10.90 -3.72
N ASP A 349 45.17 -12.14 -3.92
CA ASP A 349 46.49 -12.36 -4.49
C ASP A 349 46.53 -11.85 -5.93
N LEU A 350 45.47 -12.08 -6.69
CA LEU A 350 45.40 -11.58 -8.06
C LEU A 350 45.49 -10.06 -8.09
N PHE A 351 44.62 -9.39 -7.32
CA PHE A 351 44.65 -7.93 -7.27
C PHE A 351 46.02 -7.42 -6.83
N THR A 352 46.61 -8.04 -5.82
CA THR A 352 47.92 -7.63 -5.35
C THR A 352 48.97 -7.77 -6.44
N GLY A 353 48.89 -8.83 -7.23
CA GLY A 353 49.80 -8.98 -8.35
C GLY A 353 49.59 -7.90 -9.41
N LEU A 354 48.32 -7.55 -9.65
CA LEU A 354 48.00 -6.50 -10.62
C LEU A 354 48.29 -5.11 -10.09
N GLY A 355 48.68 -4.97 -8.82
CA GLY A 355 48.87 -3.67 -8.23
C GLY A 355 47.60 -2.97 -7.81
N TRP A 356 46.52 -3.72 -7.59
CA TRP A 356 45.22 -3.13 -7.28
C TRP A 356 44.96 -3.18 -5.77
N ALA A 357 45.79 -2.44 -5.03
CA ALA A 357 45.66 -2.42 -3.58
C ALA A 357 44.31 -1.84 -3.15
N ALA A 358 43.89 -0.76 -3.79
CA ALA A 358 42.61 -0.16 -3.45
C ALA A 358 41.47 -1.13 -3.67
N HIS A 359 41.52 -1.88 -4.76
CA HIS A 359 40.52 -2.92 -4.99
C HIS A 359 40.62 -4.02 -3.96
N VAL A 360 41.83 -4.35 -3.50
CA VAL A 360 41.98 -5.33 -2.42
C VAL A 360 41.20 -4.88 -1.20
N GLN A 361 41.39 -3.63 -0.80
CA GLN A 361 40.71 -3.12 0.39
C GLN A 361 39.20 -3.02 0.18
N THR A 362 38.79 -2.58 -1.01
CA THR A 362 37.36 -2.53 -1.31
C THR A 362 36.74 -3.91 -1.22
N HIS A 363 37.41 -4.92 -1.75
CA HIS A 363 36.89 -6.29 -1.73
C HIS A 363 36.81 -6.82 -0.31
N LYS A 364 37.87 -6.61 0.49
CA LYS A 364 37.85 -7.06 1.87
C LYS A 364 36.76 -6.36 2.66
N LYS A 365 36.58 -5.05 2.43
CA LYS A 365 35.52 -4.32 3.12
C LYS A 365 34.14 -4.84 2.76
N ILE A 366 33.89 -5.07 1.47
CA ILE A 366 32.60 -5.58 1.05
C ILE A 366 32.36 -6.96 1.66
N GLU A 367 33.39 -7.81 1.67
CA GLU A 367 33.24 -9.12 2.28
C GLU A 367 32.94 -9.02 3.77
N LYS A 368 33.71 -8.21 4.50
CA LYS A 368 33.53 -8.11 5.93
C LYS A 368 32.15 -7.56 6.29
N GLU A 369 31.73 -6.47 5.65
CA GLU A 369 30.51 -5.79 6.04
C GLU A 369 29.27 -6.44 5.45
N ALA A 370 29.26 -6.71 4.14
CA ALA A 370 28.09 -7.25 3.48
C ALA A 370 28.01 -8.76 3.56
N TYR A 371 29.13 -9.44 3.80
CA TYR A 371 29.19 -10.90 3.87
C TYR A 371 29.93 -11.30 5.14
N PRO A 372 29.28 -11.17 6.29
CA PRO A 372 29.97 -11.50 7.55
C PRO A 372 30.21 -13.00 7.72
N MET A 373 29.45 -13.83 7.01
CA MET A 373 29.60 -15.27 7.14
C MET A 373 31.00 -15.73 6.75
N CYS A 374 31.66 -15.00 5.86
CA CYS A 374 32.96 -15.42 5.37
C CYS A 374 33.99 -15.47 6.50
N ASP A 375 33.94 -14.50 7.40
CA ASP A 375 34.86 -14.52 8.54
C ASP A 375 34.27 -15.31 9.71
N ALA A 376 32.96 -15.20 9.94
CA ALA A 376 32.34 -15.91 11.05
C ALA A 376 32.44 -17.41 10.87
N ASN A 377 32.18 -17.91 9.67
CA ASN A 377 32.20 -19.33 9.39
C ASN A 377 33.39 -19.66 8.47
N PRO A 378 34.49 -20.18 9.01
CA PRO A 378 35.59 -20.60 8.13
C PRO A 378 35.14 -21.49 6.98
N GLN A 379 34.17 -22.37 7.22
CA GLN A 379 33.67 -23.28 6.19
C GLN A 379 32.42 -22.68 5.54
N SER A 380 32.64 -21.61 4.79
CA SER A 380 31.57 -20.88 4.13
C SER A 380 31.55 -21.24 2.64
N THR A 381 30.34 -21.48 2.11
CA THR A 381 30.18 -21.92 0.74
C THR A 381 29.01 -21.21 0.06
N HIS A 382 28.72 -19.97 0.47
CA HIS A 382 27.47 -19.33 0.08
C HIS A 382 27.62 -17.85 -0.27
N ALA A 383 28.85 -17.35 -0.42
CA ALA A 383 29.04 -15.95 -0.77
C ALA A 383 29.39 -15.77 -2.25
N TYR A 384 30.46 -16.40 -2.73
CA TYR A 384 30.93 -16.20 -4.09
C TYR A 384 30.34 -17.27 -5.01
N VAL A 385 30.07 -16.89 -6.25
CA VAL A 385 29.45 -17.78 -7.20
C VAL A 385 30.21 -17.82 -8.52
N TRP A 386 30.94 -16.74 -8.84
CA TRP A 386 31.63 -16.64 -10.11
C TRP A 386 32.78 -15.66 -10.00
N ILE A 387 33.81 -15.89 -10.80
CA ILE A 387 34.93 -14.98 -10.99
C ILE A 387 35.15 -14.82 -12.49
N SER A 388 34.82 -13.64 -13.01
CA SER A 388 34.99 -13.34 -14.42
C SER A 388 36.36 -12.76 -14.67
N LEU A 389 37.00 -13.20 -15.74
CA LEU A 389 38.31 -12.71 -16.13
C LEU A 389 38.29 -12.28 -17.58
N ALA A 390 38.79 -11.07 -17.83
CA ALA A 390 38.96 -10.56 -19.18
C ALA A 390 40.13 -9.60 -19.19
N TYR A 391 40.67 -9.38 -20.37
CA TYR A 391 41.78 -8.44 -20.56
C TYR A 391 41.49 -7.57 -21.78
N LYS A 392 40.82 -6.45 -21.54
CA LYS A 392 40.62 -5.44 -22.57
C LYS A 392 41.92 -4.65 -22.72
N LYS A 393 42.02 -3.89 -23.81
CA LYS A 393 43.25 -3.13 -24.04
C LYS A 393 43.42 -2.02 -23.01
N THR A 394 42.34 -1.66 -22.33
CA THR A 394 42.46 -0.84 -21.12
C THR A 394 43.33 -1.55 -20.09
N GLY A 395 43.16 -2.85 -19.95
CA GLY A 395 43.87 -3.64 -18.98
C GLY A 395 43.02 -4.78 -18.47
N PRO A 396 43.40 -5.38 -17.35
CA PRO A 396 42.59 -6.46 -16.78
C PRO A 396 41.19 -6.00 -16.41
N TYR A 397 40.27 -6.95 -16.45
CA TYR A 397 38.86 -6.69 -16.18
C TYR A 397 38.34 -7.91 -15.40
N ILE A 398 38.25 -7.76 -14.09
CA ILE A 398 37.89 -8.86 -13.20
C ILE A 398 36.64 -8.46 -12.45
N THR A 399 35.57 -9.21 -12.64
CA THR A 399 34.37 -9.07 -11.86
C THR A 399 34.27 -10.22 -10.85
N VAL A 400 33.72 -9.90 -9.68
CA VAL A 400 33.62 -10.84 -8.57
C VAL A 400 32.15 -10.91 -8.19
N TYR A 401 31.51 -12.03 -8.51
CA TYR A 401 30.09 -12.22 -8.25
C TYR A 401 29.92 -12.82 -6.87
N THR A 402 28.79 -12.49 -6.26
CA THR A 402 28.50 -12.90 -4.89
C THR A 402 26.99 -13.09 -4.76
N ASN A 403 26.61 -14.12 -4.02
CA ASN A 403 25.20 -14.33 -3.77
C ASN A 403 24.74 -13.28 -2.77
N PRO A 404 23.95 -12.30 -3.19
CA PRO A 404 23.57 -11.25 -2.24
C PRO A 404 22.59 -11.72 -1.20
N GLY A 405 21.97 -12.87 -1.40
CA GLY A 405 21.09 -13.46 -0.42
C GLY A 405 21.75 -14.62 0.31
N ALA A 406 23.06 -14.52 0.52
CA ALA A 406 23.76 -15.53 1.30
C ALA A 406 23.26 -15.58 2.73
N SER A 407 22.80 -14.45 3.27
CA SER A 407 22.16 -14.45 4.59
C SER A 407 21.07 -15.50 4.68
N ILE A 408 20.44 -15.84 3.55
CA ILE A 408 19.35 -16.81 3.59
C ILE A 408 19.89 -18.23 3.68
N LEU A 409 21.03 -18.47 3.04
CA LEU A 409 21.58 -19.83 3.00
C LEU A 409 22.30 -20.19 4.29
N GLU A 410 22.97 -19.23 4.91
CA GLU A 410 23.61 -19.42 6.20
C GLU A 410 22.60 -19.31 7.33
N SER B 1 -28.02 -1.09 7.53
CA SER B 1 -26.67 -1.67 7.30
C SER B 1 -26.07 -1.12 6.03
N PRO B 2 -24.75 -0.87 6.02
CA PRO B 2 -24.13 -0.31 4.82
C PRO B 2 -24.16 -1.28 3.66
N SER B 3 -24.18 -0.71 2.46
CA SER B 3 -24.10 -1.52 1.26
C SER B 3 -22.67 -1.96 1.02
N PRO B 4 -22.47 -3.11 0.37
CA PRO B 4 -21.10 -3.65 0.25
C PRO B 4 -20.07 -2.65 -0.25
N TRP B 5 -20.43 -1.76 -1.18
CA TRP B 5 -19.45 -0.84 -1.74
C TRP B 5 -19.09 0.25 -0.73
N ASP B 6 -20.07 0.75 0.02
CA ASP B 6 -19.76 1.68 1.10
C ASP B 6 -18.75 1.09 2.06
N PHE B 7 -19.09 -0.05 2.68
CA PHE B 7 -18.20 -0.67 3.65
C PHE B 7 -16.85 -0.98 3.05
N LEU B 8 -16.83 -1.51 1.83
CA LEU B 8 -15.58 -1.87 1.19
C LEU B 8 -14.69 -0.66 0.97
N GLY B 9 -15.24 0.41 0.40
CA GLY B 9 -14.46 1.63 0.24
C GLY B 9 -13.98 2.18 1.57
N ARG B 10 -14.72 1.89 2.64
CA ARG B 10 -14.28 2.32 3.96
C ARG B 10 -13.10 1.50 4.45
N VAL B 11 -13.08 0.20 4.15
CA VAL B 11 -12.03 -0.67 4.69
C VAL B 11 -10.87 -0.83 3.71
N LEU B 12 -11.15 -0.92 2.42
CA LEU B 12 -10.16 -1.39 1.47
C LEU B 12 -8.98 -0.42 1.36
N GLN B 13 -7.84 -0.99 1.16
CA GLN B 13 -6.67 -0.26 0.91
C GLN B 13 -6.42 -0.28 -0.54
N PHE B 14 -6.01 0.83 -1.14
CA PHE B 14 -5.89 0.94 -2.55
C PHE B 14 -4.55 1.21 -2.88
N GLN B 15 -3.96 0.49 -3.80
CA GLN B 15 -2.56 0.61 -4.21
C GLN B 15 -2.27 1.95 -4.85
N HIS B 16 -3.29 2.62 -5.40
CA HIS B 16 -3.11 3.88 -6.08
C HIS B 16 -4.36 4.72 -5.92
N GLY B 17 -4.19 6.04 -6.00
CA GLY B 17 -5.31 6.95 -5.86
C GLY B 17 -6.30 6.84 -7.00
N ASP B 18 -5.79 6.59 -8.21
CA ASP B 18 -6.67 6.40 -9.36
C ASP B 18 -7.61 5.23 -9.12
N HIS B 19 -7.14 4.20 -8.43
CA HIS B 19 -8.01 3.07 -8.13
C HIS B 19 -9.10 3.49 -7.16
N LYS B 20 -8.78 4.37 -6.22
CA LYS B 20 -9.77 4.87 -5.28
C LYS B 20 -10.82 5.72 -5.99
N ARG B 21 -10.38 6.59 -6.90
CA ARG B 21 -11.32 7.39 -7.67
C ARG B 21 -12.22 6.52 -8.54
N TRP B 22 -11.63 5.57 -9.28
CA TRP B 22 -12.41 4.66 -10.09
C TRP B 22 -13.40 3.88 -9.24
N TRP B 23 -12.98 3.48 -8.04
CA TRP B 23 -13.89 2.80 -7.13
C TRP B 23 -15.06 3.68 -6.77
N ASP B 24 -14.78 4.89 -6.26
CA ASP B 24 -15.84 5.82 -5.91
C ASP B 24 -16.83 5.99 -7.04
N VAL B 25 -16.35 6.00 -8.28
CA VAL B 25 -17.25 6.21 -9.42
C VAL B 25 -18.06 4.95 -9.72
N LEU B 26 -17.40 3.80 -9.77
CA LEU B 26 -17.97 2.60 -10.38
C LEU B 26 -18.60 1.64 -9.38
N ALA B 27 -17.96 1.39 -8.24
CA ALA B 27 -18.53 0.49 -7.25
C ALA B 27 -19.98 0.82 -6.93
N PRO B 28 -20.36 2.07 -6.67
CA PRO B 28 -21.79 2.38 -6.59
C PRO B 28 -22.58 1.84 -7.76
N VAL B 29 -22.15 2.11 -8.99
CA VAL B 29 -22.89 1.69 -10.17
C VAL B 29 -22.96 0.17 -10.25
N PHE B 30 -21.81 -0.50 -10.22
CA PHE B 30 -21.78 -1.95 -10.35
C PHE B 30 -22.58 -2.63 -9.25
N GLY B 31 -22.40 -2.16 -8.01
CA GLY B 31 -23.11 -2.75 -6.89
C GLY B 31 -24.61 -2.52 -6.94
N ILE B 32 -25.03 -1.32 -7.32
CA ILE B 32 -26.46 -1.05 -7.46
C ILE B 32 -27.06 -1.93 -8.55
N SER B 33 -26.32 -2.13 -9.65
CA SER B 33 -26.81 -2.99 -10.72
C SER B 33 -26.94 -4.43 -10.24
N MET B 34 -25.89 -4.97 -9.63
CA MET B 34 -25.95 -6.31 -9.08
C MET B 34 -27.09 -6.47 -8.08
N ALA B 35 -27.26 -5.48 -7.19
CA ALA B 35 -28.28 -5.57 -6.15
C ALA B 35 -29.68 -5.50 -6.74
N SER B 36 -29.87 -4.69 -7.77
CA SER B 36 -31.18 -4.61 -8.41
C SER B 36 -31.49 -5.89 -9.18
N ILE B 37 -30.46 -6.52 -9.74
CA ILE B 37 -30.63 -7.83 -10.35
C ILE B 37 -31.10 -8.84 -9.32
N GLY B 38 -30.44 -8.88 -8.17
CA GLY B 38 -30.79 -9.81 -7.10
C GLY B 38 -29.59 -10.62 -6.64
N TYR B 39 -28.39 -10.15 -6.96
CA TYR B 39 -27.20 -10.84 -6.50
C TYR B 39 -27.14 -10.82 -4.98
N LYS B 40 -26.57 -11.88 -4.43
CA LYS B 40 -26.48 -12.03 -2.99
C LYS B 40 -25.28 -11.26 -2.45
N LEU B 41 -25.42 -10.79 -1.21
CA LEU B 41 -24.42 -9.89 -0.62
C LEU B 41 -23.02 -10.47 -0.71
N ASP B 42 -22.88 -11.78 -0.48
CA ASP B 42 -21.57 -12.40 -0.64
C ASP B 42 -21.09 -12.33 -2.08
N VAL B 43 -22.01 -12.46 -3.03
CA VAL B 43 -21.65 -12.37 -4.44
C VAL B 43 -21.23 -10.95 -4.79
N GLN B 44 -21.99 -9.96 -4.30
CA GLN B 44 -21.59 -8.57 -4.47
C GLN B 44 -20.19 -8.32 -3.91
N TYR B 45 -19.94 -8.82 -2.71
CA TYR B 45 -18.62 -8.65 -2.10
C TYR B 45 -17.53 -9.26 -2.97
N ARG B 46 -17.73 -10.51 -3.41
CA ARG B 46 -16.74 -11.16 -4.25
C ARG B 46 -16.50 -10.41 -5.54
N HIS B 47 -17.57 -9.95 -6.19
CA HIS B 47 -17.43 -9.31 -7.50
C HIS B 47 -16.81 -7.93 -7.36
N LEU B 48 -17.16 -7.19 -6.32
CA LEU B 48 -16.54 -5.90 -6.08
C LEU B 48 -15.09 -6.05 -5.69
N LEU B 49 -14.73 -7.14 -5.01
CA LEU B 49 -13.33 -7.38 -4.69
C LEU B 49 -12.55 -7.77 -5.95
N VAL B 50 -13.20 -8.48 -6.87
CA VAL B 50 -12.59 -8.72 -8.18
C VAL B 50 -12.36 -7.40 -8.90
N LEU B 51 -13.40 -6.58 -9.00
CA LEU B 51 -13.25 -5.25 -9.60
C LEU B 51 -12.14 -4.46 -8.90
N TYR B 52 -11.84 -4.59 -7.69
CA TYR B 52 -10.82 -3.93 -6.98
C TYR B 52 -9.46 -4.50 -7.23
N ASP B 53 -9.33 -5.81 -7.33
CA ASP B 53 -8.01 -6.40 -7.43
C ASP B 53 -7.55 -6.55 -8.88
N ALA B 54 -8.42 -7.06 -9.75
CA ALA B 54 -8.03 -7.39 -11.11
C ALA B 54 -8.29 -6.25 -12.09
N VAL B 55 -9.43 -5.59 -11.97
CA VAL B 55 -9.92 -4.71 -13.02
C VAL B 55 -9.40 -3.29 -12.85
N ILE B 56 -9.76 -2.64 -11.75
CA ILE B 56 -9.50 -1.21 -11.57
C ILE B 56 -8.01 -0.91 -11.72
N PRO B 57 -7.13 -1.75 -11.17
CA PRO B 57 -5.70 -1.55 -11.46
C PRO B 57 -5.37 -1.62 -12.93
N ASN B 58 -6.32 -2.05 -13.76
CA ASN B 58 -6.14 -2.15 -15.21
C ASN B 58 -7.17 -1.32 -15.96
N MET B 59 -7.77 -0.32 -15.30
CA MET B 59 -8.60 0.67 -15.96
C MET B 59 -7.77 1.82 -16.52
N GLY B 60 -6.61 2.09 -15.94
CA GLY B 60 -5.79 3.20 -16.36
C GLY B 60 -6.02 4.41 -15.51
N PRO B 61 -5.42 5.53 -15.91
CA PRO B 61 -5.56 6.76 -15.15
C PRO B 61 -7.02 7.17 -15.02
N PHE B 62 -7.31 7.88 -13.94
CA PHE B 62 -8.63 8.46 -13.76
C PHE B 62 -8.64 9.86 -14.37
N PRO B 63 -9.61 10.18 -15.23
CA PRO B 63 -9.57 11.47 -15.91
C PRO B 63 -9.70 12.63 -14.94
N ASN B 64 -8.75 13.56 -15.05
CA ASN B 64 -8.72 14.73 -14.18
C ASN B 64 -9.56 15.85 -14.78
N SER B 65 -9.39 17.05 -14.22
CA SER B 65 -10.13 18.22 -14.69
C SER B 65 -10.13 18.31 -16.22
N ASN B 66 -8.94 18.27 -16.83
CA ASN B 66 -8.78 18.51 -18.25
C ASN B 66 -8.45 17.25 -19.04
N ALA B 67 -8.45 16.08 -18.39
CA ALA B 67 -8.07 14.83 -19.04
C ALA B 67 -6.67 14.93 -19.64
N SER B 68 -5.77 15.59 -18.90
CA SER B 68 -4.37 15.67 -19.30
C SER B 68 -3.61 14.38 -19.03
N ASN B 69 -4.10 13.55 -18.11
CA ASN B 69 -3.42 12.33 -17.73
C ASN B 69 -3.81 11.13 -18.60
N ILE B 70 -4.74 11.32 -19.53
CA ILE B 70 -5.17 10.24 -20.42
C ILE B 70 -4.23 10.26 -21.62
N THR B 71 -3.12 9.55 -21.49
CA THR B 71 -2.12 9.44 -22.56
C THR B 71 -2.47 8.36 -23.57
N TRP B 72 -3.44 7.50 -23.28
CA TRP B 72 -3.88 6.45 -24.19
C TRP B 72 -5.10 6.95 -24.94
N THR B 73 -4.86 7.44 -26.15
CA THR B 73 -5.93 8.04 -26.94
C THR B 73 -6.98 6.99 -27.27
N SER B 74 -8.25 7.41 -27.25
CA SER B 74 -9.35 6.51 -27.53
C SER B 74 -10.60 7.31 -27.83
N PRO B 75 -11.46 6.85 -28.75
CA PRO B 75 -12.76 7.53 -28.93
C PRO B 75 -13.64 7.46 -27.70
N PHE B 76 -13.54 6.39 -26.94
CA PHE B 76 -14.38 6.19 -25.78
C PHE B 76 -13.83 6.99 -24.59
N PRO B 77 -14.70 7.51 -23.73
CA PRO B 77 -14.20 8.18 -22.54
C PRO B 77 -13.46 7.20 -21.65
N PRO B 78 -12.50 7.68 -20.85
CA PRO B 78 -11.72 6.77 -20.02
C PRO B 78 -12.59 5.97 -19.07
N GLY B 79 -12.25 4.70 -18.92
CA GLY B 79 -12.98 3.81 -18.03
C GLY B 79 -13.60 2.66 -18.78
N PRO B 80 -14.49 1.94 -18.10
CA PRO B 80 -15.20 0.85 -18.76
C PRO B 80 -15.96 1.34 -19.99
N LEU B 81 -15.80 0.60 -21.08
CA LEU B 81 -16.55 0.91 -22.29
C LEU B 81 -18.04 0.75 -22.06
N GLU B 82 -18.39 -0.06 -21.10
CA GLU B 82 -19.74 -0.26 -20.76
C GLU B 82 -19.95 -0.99 -19.48
N ALA B 83 -21.12 -0.90 -18.89
CA ALA B 83 -21.55 -1.72 -17.77
C ALA B 83 -22.98 -2.13 -18.06
N SER B 84 -23.16 -3.40 -18.39
CA SER B 84 -24.37 -3.86 -19.03
C SER B 84 -25.11 -4.85 -18.13
N VAL B 85 -26.43 -4.86 -18.30
CA VAL B 85 -27.30 -5.86 -17.70
C VAL B 85 -28.08 -6.52 -18.82
N ASN B 86 -27.86 -7.81 -19.02
CA ASN B 86 -28.60 -8.58 -19.99
C ASN B 86 -29.94 -8.97 -19.40
N TYR B 87 -30.99 -8.94 -20.23
CA TYR B 87 -32.33 -9.30 -19.81
C TYR B 87 -32.86 -10.37 -20.75
N GLN B 88 -33.23 -11.52 -20.18
CA GLN B 88 -33.83 -12.62 -20.93
C GLN B 88 -35.16 -12.98 -20.29
N ALA B 89 -35.88 -13.89 -20.96
CA ALA B 89 -37.15 -14.36 -20.44
C ALA B 89 -36.94 -15.12 -19.13
N GLY B 90 -37.99 -15.12 -18.30
CA GLY B 90 -37.92 -15.80 -17.02
C GLY B 90 -37.22 -15.00 -15.94
N GLU B 91 -37.19 -13.68 -16.05
CA GLU B 91 -36.56 -12.82 -15.06
C GLU B 91 -35.07 -13.11 -14.92
N SER B 92 -34.47 -13.66 -15.98
CA SER B 92 -33.03 -13.91 -16.01
C SER B 92 -32.31 -12.61 -16.30
N SER B 93 -31.39 -12.24 -15.41
CA SER B 93 -30.62 -11.02 -15.54
C SER B 93 -29.20 -11.28 -15.04
N MET B 94 -28.21 -10.92 -15.84
CA MET B 94 -26.81 -11.13 -15.54
C MET B 94 -26.07 -9.81 -15.69
N PHE B 95 -25.24 -9.49 -14.71
CA PHE B 95 -24.43 -8.29 -14.78
C PHE B 95 -23.11 -8.59 -15.46
N ARG B 96 -22.60 -7.71 -16.29
CA ARG B 96 -21.43 -7.88 -17.01
C ARG B 96 -20.91 -6.52 -17.23
N PHE B 97 -19.68 -6.37 -17.50
CA PHE B 97 -19.07 -5.09 -17.77
C PHE B 97 -17.82 -5.31 -18.60
N THR B 98 -17.54 -4.37 -19.50
CA THR B 98 -16.44 -4.48 -20.43
C THR B 98 -15.41 -3.41 -20.10
N ILE B 99 -14.15 -3.78 -20.28
CA ILE B 99 -13.03 -2.89 -20.03
C ILE B 99 -12.00 -3.12 -21.14
N GLU B 100 -11.46 -2.02 -21.66
CA GLU B 100 -10.24 -2.11 -22.43
C GLU B 100 -9.06 -1.98 -21.47
N PRO B 101 -8.35 -3.05 -21.17
CA PRO B 101 -7.28 -2.95 -20.16
C PRO B 101 -6.21 -1.96 -20.60
N VAL B 102 -6.05 -0.92 -19.79
CA VAL B 102 -5.09 0.15 -20.04
C VAL B 102 -4.11 0.16 -18.88
N GLY B 103 -2.84 0.40 -19.18
CA GLY B 103 -1.83 0.49 -18.16
C GLY B 103 -1.70 1.90 -17.62
N PRO B 104 -1.00 2.04 -16.49
CA PRO B 104 -0.81 3.37 -15.93
C PRO B 104 0.03 4.27 -16.80
N HIS B 105 0.85 3.70 -17.68
CA HIS B 105 1.73 4.47 -18.56
C HIS B 105 1.52 4.11 -20.02
N ALA B 106 0.33 3.65 -20.37
CA ALA B 106 0.01 3.35 -21.76
C ALA B 106 -0.07 4.64 -22.56
N GLY B 107 0.41 4.58 -23.80
CA GLY B 107 0.50 5.75 -24.65
C GLY B 107 1.79 6.53 -24.51
N THR B 108 2.60 6.22 -23.51
CA THR B 108 3.88 6.86 -23.28
C THR B 108 5.00 6.00 -23.86
N PRO B 109 6.22 6.54 -23.93
CA PRO B 109 7.32 5.76 -24.52
C PRO B 109 7.58 4.44 -23.81
N ALA B 110 7.03 4.24 -22.61
CA ALA B 110 7.29 3.00 -21.88
C ALA B 110 6.32 1.90 -22.31
N ASP B 111 5.06 2.25 -22.52
CA ASP B 111 4.02 1.30 -22.93
C ASP B 111 3.25 1.92 -24.09
N PRO B 112 3.92 2.15 -25.22
CA PRO B 112 3.25 2.84 -26.34
C PRO B 112 2.14 2.02 -26.97
N VAL B 113 2.00 0.75 -26.64
CA VAL B 113 0.99 -0.12 -27.23
C VAL B 113 0.12 -0.80 -26.19
N ASN B 114 0.35 -0.57 -24.90
CA ASN B 114 -0.48 -1.10 -23.83
C ASN B 114 -0.57 -2.63 -23.93
N GLU B 115 0.59 -3.27 -23.77
CA GLU B 115 0.71 -4.69 -24.00
C GLU B 115 0.44 -5.54 -22.76
N LEU B 116 0.82 -5.05 -21.58
CA LEU B 116 0.78 -5.87 -20.37
C LEU B 116 -0.52 -5.80 -19.60
N ALA B 117 -1.37 -4.80 -19.85
CA ALA B 117 -2.55 -4.61 -19.02
C ALA B 117 -3.49 -5.81 -19.11
N ALA B 118 -3.81 -6.24 -20.33
CA ALA B 118 -4.74 -7.35 -20.49
C ALA B 118 -4.18 -8.65 -19.92
N LYS B 119 -2.88 -8.88 -20.10
CA LYS B 119 -2.26 -10.09 -19.59
C LYS B 119 -2.22 -10.08 -18.07
N GLN B 120 -1.88 -8.94 -17.47
CA GLN B 120 -1.97 -8.79 -16.02
C GLN B 120 -3.38 -9.06 -15.52
N LEU B 121 -4.39 -8.50 -16.20
CA LEU B 121 -5.77 -8.72 -15.79
C LEU B 121 -6.13 -10.19 -15.82
N MET B 122 -5.77 -10.87 -16.90
CA MET B 122 -6.06 -12.30 -17.00
C MET B 122 -5.31 -13.10 -15.94
N GLN B 123 -4.06 -12.73 -15.68
CA GLN B 123 -3.28 -13.41 -14.65
C GLN B 123 -3.93 -13.28 -13.28
N ARG B 124 -4.23 -12.04 -12.87
CA ARG B 124 -4.94 -11.83 -11.62
C ARG B 124 -6.23 -12.61 -11.58
N LEU B 125 -7.02 -12.56 -12.66
CA LEU B 125 -8.32 -13.22 -12.66
C LEU B 125 -8.20 -14.72 -12.53
N GLY B 126 -7.18 -15.32 -13.14
CA GLY B 126 -6.96 -16.75 -12.98
C GLY B 126 -6.43 -17.10 -11.61
N GLN B 127 -5.66 -16.19 -11.01
CA GLN B 127 -5.19 -16.39 -9.66
C GLN B 127 -6.34 -16.34 -8.65
N LEU B 128 -7.33 -15.48 -8.91
CA LEU B 128 -8.48 -15.37 -8.02
C LEU B 128 -9.47 -16.51 -8.20
N GLN B 129 -9.60 -17.05 -9.41
CA GLN B 129 -10.41 -18.23 -9.66
C GLN B 129 -9.60 -19.21 -10.50
N PRO B 130 -8.66 -19.93 -9.90
CA PRO B 130 -7.89 -20.91 -10.65
C PRO B 130 -8.79 -21.94 -11.31
N GLY B 131 -8.63 -22.10 -12.62
CA GLY B 131 -9.46 -22.99 -13.39
C GLY B 131 -10.63 -22.34 -14.09
N GLY B 132 -10.87 -21.04 -13.83
CA GLY B 132 -11.97 -20.37 -14.49
C GLY B 132 -11.58 -19.81 -15.85
N VAL B 133 -10.32 -19.47 -16.01
CA VAL B 133 -9.81 -18.87 -17.24
C VAL B 133 -9.00 -19.92 -18.00
N ASP B 134 -9.46 -20.26 -19.20
CA ASP B 134 -8.76 -21.15 -20.10
C ASP B 134 -8.21 -20.34 -21.27
N SER B 135 -6.91 -20.46 -21.52
CA SER B 135 -6.23 -19.64 -22.51
C SER B 135 -5.98 -20.37 -23.83
N THR B 136 -6.62 -21.52 -24.04
CA THR B 136 -6.47 -22.21 -25.32
C THR B 136 -6.80 -21.30 -26.48
N MET B 137 -8.01 -20.75 -26.51
CA MET B 137 -8.41 -19.87 -27.59
C MET B 137 -7.60 -18.59 -27.59
N PHE B 138 -7.33 -18.03 -26.41
CA PHE B 138 -6.48 -16.86 -26.33
C PHE B 138 -5.09 -17.15 -26.86
N ASP B 139 -4.55 -18.32 -26.50
CA ASP B 139 -3.20 -18.65 -26.94
C ASP B 139 -3.14 -18.87 -28.44
N HIS B 140 -4.25 -19.33 -29.03
CA HIS B 140 -4.27 -19.53 -30.48
C HIS B 140 -4.44 -18.21 -31.23
N PHE B 141 -5.32 -17.33 -30.73
CA PHE B 141 -5.67 -16.13 -31.47
C PHE B 141 -4.79 -14.94 -31.17
N TYR B 142 -4.04 -14.94 -30.07
CA TYR B 142 -3.21 -13.78 -29.74
C TYR B 142 -2.14 -13.52 -30.78
N PRO B 143 -1.42 -14.53 -31.29
CA PRO B 143 -0.43 -14.23 -32.35
C PRO B 143 -1.08 -13.89 -33.67
N LEU B 144 -2.25 -14.44 -33.96
CA LEU B 144 -2.88 -14.23 -35.25
C LEU B 144 -3.51 -12.85 -35.36
N LEU B 145 -4.30 -12.46 -34.36
CA LEU B 145 -5.04 -11.21 -34.39
C LEU B 145 -4.35 -10.07 -33.67
N CYS B 146 -3.75 -10.31 -32.52
CA CYS B 146 -3.14 -9.25 -31.73
C CYS B 146 -1.69 -9.03 -32.12
N VAL B 147 -1.21 -7.82 -31.85
CA VAL B 147 0.16 -7.42 -32.13
C VAL B 147 0.87 -7.25 -30.79
N ASP B 148 1.89 -8.06 -30.55
CA ASP B 148 2.68 -7.94 -29.35
C ASP B 148 3.43 -6.61 -29.35
N GLY B 149 4.13 -6.33 -28.26
CA GLY B 149 4.82 -5.08 -28.09
C GLY B 149 6.00 -4.92 -29.03
N PRO B 150 6.88 -5.91 -29.06
CA PRO B 150 8.03 -5.83 -29.98
C PRO B 150 7.63 -5.57 -31.43
N GLU B 151 6.66 -6.31 -31.94
CA GLU B 151 6.21 -6.10 -33.31
C GLU B 151 5.71 -4.68 -33.52
N ALA B 152 4.79 -4.23 -32.66
CA ALA B 152 4.25 -2.88 -32.79
C ALA B 152 5.36 -1.82 -32.74
N ARG B 153 6.41 -2.07 -31.94
CA ARG B 153 7.48 -1.09 -31.83
C ARG B 153 8.36 -1.09 -33.07
N ARG B 154 8.63 -2.27 -33.63
CA ARG B 154 9.39 -2.33 -34.88
C ARG B 154 8.57 -1.79 -36.03
N GLN B 155 7.28 -2.11 -36.07
CA GLN B 155 6.38 -1.72 -37.13
C GLN B 155 5.55 -0.49 -36.75
N TRP B 156 6.15 0.44 -36.01
CA TRP B 156 5.41 1.60 -35.52
C TRP B 156 4.95 2.48 -36.66
N ASP B 157 5.85 2.83 -37.59
CA ASP B 157 5.50 3.73 -38.67
C ASP B 157 4.26 3.26 -39.42
N SER B 158 3.96 1.97 -39.38
CA SER B 158 2.79 1.46 -40.07
C SER B 158 1.50 1.74 -39.31
N ILE B 159 1.59 1.87 -37.99
CA ILE B 159 0.41 2.01 -37.13
C ILE B 159 0.40 3.31 -36.34
N ALA B 160 1.44 4.14 -36.47
CA ALA B 160 1.49 5.38 -35.72
C ALA B 160 0.33 6.30 -36.09
N HIS B 161 -0.15 6.23 -37.32
CA HIS B 161 -1.28 7.05 -37.75
C HIS B 161 -2.58 6.62 -37.09
N ILE B 162 -2.66 5.40 -36.56
CA ILE B 162 -3.90 4.92 -35.98
C ILE B 162 -4.14 5.62 -34.66
N TYR B 163 -5.38 6.06 -34.44
CA TYR B 163 -5.71 6.85 -33.26
C TYR B 163 -5.92 5.95 -32.04
N HIS B 164 -6.77 4.95 -32.18
CA HIS B 164 -7.04 3.99 -31.11
C HIS B 164 -6.23 2.73 -31.42
N LYS B 165 -5.06 2.63 -30.81
CA LYS B 165 -4.19 1.47 -30.99
C LYS B 165 -4.61 0.33 -30.05
N CYS B 166 -5.88 -0.04 -30.15
CA CYS B 166 -6.44 -1.11 -29.35
C CYS B 166 -6.17 -2.46 -30.01
N HIS B 167 -5.84 -3.45 -29.19
CA HIS B 167 -5.56 -4.78 -29.69
C HIS B 167 -6.24 -5.89 -28.92
N THR B 168 -6.67 -5.66 -27.68
CA THR B 168 -7.38 -6.66 -26.90
C THR B 168 -8.26 -5.96 -25.88
N VAL B 169 -9.52 -6.37 -25.84
CA VAL B 169 -10.51 -5.85 -24.90
C VAL B 169 -11.04 -7.01 -24.09
N THR B 170 -11.26 -6.78 -22.80
CA THR B 170 -11.67 -7.80 -21.87
C THR B 170 -13.02 -7.45 -21.26
N ALA B 171 -13.97 -8.36 -21.36
CA ALA B 171 -15.26 -8.25 -20.68
C ALA B 171 -15.36 -9.32 -19.62
N LEU B 172 -15.94 -8.97 -18.49
CA LEU B 172 -16.15 -9.90 -17.39
C LEU B 172 -17.65 -10.07 -17.18
N ASP B 173 -18.15 -11.23 -17.59
CA ASP B 173 -19.48 -11.65 -17.15
C ASP B 173 -19.40 -11.98 -15.68
N MET B 174 -20.32 -11.41 -14.90
CA MET B 174 -20.26 -11.50 -13.44
C MET B 174 -21.47 -12.30 -13.00
N GLN B 175 -21.30 -13.61 -12.95
CA GLN B 175 -22.41 -14.52 -12.74
C GLN B 175 -22.94 -14.42 -11.31
N ARG B 176 -24.22 -14.75 -11.18
CA ARG B 176 -24.85 -14.82 -9.87
C ARG B 176 -24.18 -15.81 -8.94
N SER B 177 -23.34 -16.70 -9.49
CA SER B 177 -22.65 -17.73 -8.74
C SER B 177 -21.27 -17.27 -8.26
N ALA B 178 -20.97 -15.98 -8.38
CA ALA B 178 -19.70 -15.38 -8.01
C ALA B 178 -18.58 -15.76 -8.96
N ALA B 179 -18.87 -16.52 -10.01
CA ALA B 179 -17.88 -16.89 -11.01
C ALA B 179 -17.85 -15.82 -12.10
N CYS B 180 -16.65 -15.41 -12.48
CA CYS B 180 -16.47 -14.40 -13.52
C CYS B 180 -15.92 -15.05 -14.78
N THR B 181 -16.74 -15.08 -15.83
CA THR B 181 -16.32 -15.54 -17.13
C THR B 181 -15.66 -14.40 -17.89
N LEU B 182 -14.41 -14.63 -18.29
CA LEU B 182 -13.63 -13.65 -19.04
C LEU B 182 -13.90 -13.81 -20.53
N LYS B 183 -14.13 -12.70 -21.20
CA LYS B 183 -14.31 -12.66 -22.64
C LYS B 183 -13.29 -11.72 -23.24
N THR B 184 -12.65 -12.15 -24.31
CA THR B 184 -11.59 -11.40 -24.95
C THR B 184 -12.03 -11.00 -26.35
N TYR B 185 -11.92 -9.71 -26.65
CA TYR B 185 -12.22 -9.17 -27.97
C TYR B 185 -10.91 -8.73 -28.62
N PHE B 186 -10.67 -9.21 -29.83
CA PHE B 186 -9.45 -8.86 -30.55
C PHE B 186 -9.79 -8.02 -31.78
N PRO B 187 -9.57 -6.71 -31.75
CA PRO B 187 -9.58 -5.94 -32.99
C PRO B 187 -8.24 -6.03 -33.68
N PRO B 188 -8.16 -6.73 -34.82
CA PRO B 188 -6.86 -6.95 -35.47
C PRO B 188 -6.42 -5.81 -36.37
N LEU B 189 -7.02 -4.63 -36.20
CA LEU B 189 -6.68 -3.50 -37.06
C LEU B 189 -5.17 -3.28 -37.12
N LEU B 190 -4.49 -3.31 -35.98
CA LEU B 190 -3.03 -3.19 -36.01
C LEU B 190 -2.41 -4.34 -36.78
N ARG B 191 -2.91 -5.56 -36.59
CA ARG B 191 -2.39 -6.71 -37.32
C ARG B 191 -2.55 -6.51 -38.82
N SER B 192 -3.75 -6.17 -39.27
CA SER B 192 -3.98 -5.93 -40.68
C SER B 192 -3.09 -4.83 -41.22
N THR B 193 -2.95 -3.74 -40.46
CA THR B 193 -2.16 -2.61 -40.91
C THR B 193 -0.69 -2.99 -41.07
N ILE B 194 -0.15 -3.75 -40.12
CA ILE B 194 1.25 -4.15 -40.20
C ILE B 194 1.46 -5.13 -41.35
N MET B 195 0.61 -6.15 -41.43
CA MET B 195 0.69 -7.15 -42.49
C MET B 195 0.06 -6.67 -43.79
N ASN B 196 -0.61 -5.53 -43.78
CA ASN B 196 -1.29 -5.01 -44.98
C ASN B 196 -2.17 -6.09 -45.59
N THR B 197 -3.06 -6.65 -44.78
CA THR B 197 -3.91 -7.76 -45.17
C THR B 197 -5.36 -7.45 -44.82
N SER B 198 -6.27 -8.02 -45.59
CA SER B 198 -7.69 -7.83 -45.33
C SER B 198 -8.05 -8.27 -43.91
N MET B 199 -8.89 -7.47 -43.27
CA MET B 199 -9.41 -7.83 -41.95
C MET B 199 -10.18 -9.16 -42.02
N VAL B 200 -11.14 -9.21 -42.93
CA VAL B 200 -11.93 -10.43 -43.14
C VAL B 200 -11.02 -11.64 -43.24
N ASP B 201 -10.01 -11.55 -44.09
CA ASP B 201 -9.22 -12.74 -44.43
C ASP B 201 -8.41 -13.22 -43.23
N ILE B 202 -7.77 -12.29 -42.50
CA ILE B 202 -6.96 -12.71 -41.36
C ILE B 202 -7.84 -13.26 -40.24
N MET B 203 -8.96 -12.59 -39.96
CA MET B 203 -9.86 -13.08 -38.92
C MET B 203 -10.32 -14.48 -39.23
N PHE B 204 -10.80 -14.71 -40.46
CA PHE B 204 -11.37 -16.01 -40.78
C PHE B 204 -10.30 -17.07 -41.01
N ASP B 205 -9.09 -16.66 -41.41
CA ASP B 205 -7.99 -17.61 -41.46
C ASP B 205 -7.60 -18.07 -40.06
N ALA B 206 -7.63 -17.16 -39.10
CA ALA B 206 -7.40 -17.56 -37.71
C ALA B 206 -8.49 -18.51 -37.23
N VAL B 207 -9.75 -18.20 -37.54
CA VAL B 207 -10.84 -19.09 -37.14
C VAL B 207 -10.67 -20.47 -37.76
N GLU B 208 -10.25 -20.52 -39.03
CA GLU B 208 -10.09 -21.81 -39.71
C GLU B 208 -8.89 -22.58 -39.16
N SER B 209 -7.80 -21.88 -38.88
CA SER B 209 -6.68 -22.48 -38.17
C SER B 209 -7.16 -23.14 -36.89
N PHE B 210 -7.96 -22.43 -36.09
CA PHE B 210 -8.45 -23.00 -34.84
C PHE B 210 -9.35 -24.19 -35.10
N ARG B 211 -10.17 -24.12 -36.15
CA ARG B 211 -11.00 -25.26 -36.53
C ARG B 211 -10.15 -26.51 -36.74
N LYS B 212 -9.13 -26.40 -37.61
CA LYS B 212 -8.34 -27.58 -37.95
C LYS B 212 -7.45 -28.01 -36.78
N GLN B 213 -7.07 -27.08 -35.91
CA GLN B 213 -6.24 -27.38 -34.76
C GLN B 213 -7.04 -27.92 -33.57
N SER B 214 -8.37 -27.82 -33.62
CA SER B 214 -9.20 -28.22 -32.50
C SER B 214 -10.25 -29.27 -32.83
N GLY B 215 -10.68 -29.37 -34.08
CA GLY B 215 -11.74 -30.30 -34.44
C GLY B 215 -13.10 -29.79 -34.05
N LEU B 216 -13.29 -28.47 -34.03
CA LEU B 216 -14.55 -27.85 -33.66
C LEU B 216 -15.11 -27.12 -34.86
N TYR B 217 -16.41 -27.26 -35.09
CA TYR B 217 -17.06 -26.71 -36.27
C TYR B 217 -17.48 -25.27 -35.98
N PHE B 218 -16.73 -24.32 -36.52
CA PHE B 218 -17.05 -22.90 -36.46
C PHE B 218 -17.36 -22.45 -37.88
N ASP B 219 -18.64 -22.54 -38.27
CA ASP B 219 -19.03 -22.25 -39.64
C ASP B 219 -18.94 -20.75 -39.89
N TYR B 220 -17.98 -20.35 -40.73
CA TYR B 220 -17.75 -18.96 -41.08
C TYR B 220 -17.95 -18.70 -42.57
N THR B 221 -18.60 -19.62 -43.29
CA THR B 221 -18.78 -19.45 -44.72
C THR B 221 -19.70 -18.28 -45.03
N LYS B 222 -20.89 -18.27 -44.40
CA LYS B 222 -21.86 -17.22 -44.68
C LYS B 222 -21.32 -15.85 -44.29
N ILE B 223 -20.66 -15.76 -43.14
CA ILE B 223 -20.13 -14.48 -42.67
C ILE B 223 -19.09 -13.96 -43.64
N LYS B 224 -18.18 -14.83 -44.06
CA LYS B 224 -17.13 -14.41 -45.00
C LYS B 224 -17.73 -13.99 -46.34
N GLU B 225 -18.64 -14.79 -46.88
CA GLU B 225 -19.27 -14.44 -48.15
C GLU B 225 -19.94 -13.07 -48.07
N PHE B 226 -20.73 -12.84 -47.03
CA PHE B 226 -21.41 -11.55 -46.90
C PHE B 226 -20.41 -10.41 -46.74
N MET B 227 -19.44 -10.57 -45.83
CA MET B 227 -18.53 -9.48 -45.52
C MET B 227 -17.56 -9.19 -46.66
N SER B 228 -17.39 -10.12 -47.60
CA SER B 228 -16.53 -9.87 -48.75
C SER B 228 -17.25 -9.13 -49.87
N GLU B 229 -18.57 -9.18 -49.90
CA GLU B 229 -19.32 -8.50 -50.95
C GLU B 229 -19.00 -7.01 -50.97
N GLU B 230 -19.13 -6.41 -52.15
CA GLU B 230 -18.85 -4.98 -52.29
C GLU B 230 -19.98 -4.13 -51.77
N LYS B 231 -21.23 -4.55 -51.97
CA LYS B 231 -22.37 -3.80 -51.45
C LYS B 231 -22.24 -3.59 -49.95
N THR B 232 -21.86 -4.64 -49.22
CA THR B 232 -21.67 -4.52 -47.78
C THR B 232 -20.63 -3.47 -47.44
N HIS B 233 -19.56 -3.38 -48.22
CA HIS B 233 -18.49 -2.44 -47.92
C HIS B 233 -18.93 -0.99 -48.10
N GLU B 234 -20.01 -0.74 -48.84
CA GLU B 234 -20.50 0.62 -48.98
C GLU B 234 -20.97 1.17 -47.65
N THR B 235 -21.61 0.33 -46.84
CA THR B 235 -22.06 0.70 -45.50
C THR B 235 -21.14 0.20 -44.40
N MET B 236 -20.53 -0.96 -44.58
CA MET B 236 -19.82 -1.64 -43.50
C MET B 236 -18.41 -1.10 -43.37
N MET B 237 -18.13 -0.44 -42.26
CA MET B 237 -16.76 -0.12 -41.89
C MET B 237 -16.07 -1.37 -41.38
N VAL B 238 -15.17 -1.91 -42.19
CA VAL B 238 -14.47 -3.14 -41.82
C VAL B 238 -13.21 -2.84 -41.03
N ASP B 239 -12.71 -1.62 -41.13
CA ASP B 239 -11.62 -1.17 -40.27
C ASP B 239 -11.99 -1.22 -38.79
N ARG B 240 -13.28 -1.36 -38.48
CA ARG B 240 -13.77 -1.33 -37.10
C ARG B 240 -14.25 -2.69 -36.62
N SER B 241 -13.89 -3.76 -37.32
CA SER B 241 -14.37 -5.08 -36.96
C SER B 241 -13.40 -5.76 -36.00
N TYR B 242 -13.93 -6.75 -35.27
CA TYR B 242 -13.14 -7.41 -34.25
C TYR B 242 -13.76 -8.77 -33.95
N LEU B 243 -12.94 -9.66 -33.38
CA LEU B 243 -13.32 -11.02 -33.06
C LEU B 243 -13.41 -11.18 -31.55
N SER B 244 -14.31 -12.07 -31.12
CA SER B 244 -14.50 -12.32 -29.70
C SER B 244 -14.69 -13.80 -29.45
N PHE B 245 -14.22 -14.23 -28.28
CA PHE B 245 -14.36 -15.61 -27.83
C PHE B 245 -14.38 -15.62 -26.31
N ASP B 246 -15.12 -16.55 -25.75
CA ASP B 246 -15.14 -16.73 -24.30
C ASP B 246 -13.92 -17.54 -23.88
N CYS B 247 -13.20 -17.04 -22.88
CA CYS B 247 -11.96 -17.67 -22.41
C CYS B 247 -12.28 -18.91 -21.57
N LEU B 248 -12.93 -19.88 -22.22
CA LEU B 248 -13.32 -21.12 -21.58
C LEU B 248 -12.83 -22.32 -22.38
N ASP B 249 -13.30 -23.51 -22.03
CA ASP B 249 -13.01 -24.70 -22.81
C ASP B 249 -13.53 -24.52 -24.22
N PRO B 250 -12.67 -24.58 -25.24
CA PRO B 250 -13.15 -24.35 -26.62
C PRO B 250 -14.42 -25.08 -26.98
N ALA B 251 -14.65 -26.28 -26.43
CA ALA B 251 -15.88 -26.99 -26.70
C ALA B 251 -17.07 -26.36 -25.99
N LYS B 252 -16.82 -25.45 -25.05
CA LYS B 252 -17.86 -24.73 -24.33
C LYS B 252 -17.80 -23.23 -24.58
N SER B 253 -17.06 -22.81 -25.61
CA SER B 253 -16.85 -21.41 -25.93
C SER B 253 -17.49 -21.08 -27.26
N ARG B 254 -17.24 -19.85 -27.73
CA ARG B 254 -17.88 -19.33 -28.92
C ARG B 254 -16.89 -18.47 -29.68
N ILE B 255 -17.21 -18.24 -30.95
CA ILE B 255 -16.50 -17.28 -31.79
C ILE B 255 -17.52 -16.31 -32.34
N LYS B 256 -17.27 -15.02 -32.13
CA LYS B 256 -18.16 -13.97 -32.61
C LYS B 256 -17.37 -13.00 -33.45
N ILE B 257 -17.91 -12.64 -34.61
CA ILE B 257 -17.28 -11.69 -35.52
C ILE B 257 -18.12 -10.41 -35.49
N TYR B 258 -17.52 -9.32 -35.04
CA TYR B 258 -18.19 -8.03 -34.94
C TYR B 258 -17.77 -7.12 -36.07
N THR B 259 -18.66 -6.19 -36.43
CA THR B 259 -18.32 -5.14 -37.37
C THR B 259 -19.23 -3.94 -37.14
N GLU B 260 -18.79 -2.79 -37.63
CA GLU B 260 -19.54 -1.54 -37.52
C GLU B 260 -20.12 -1.16 -38.87
N ALA B 261 -21.34 -0.63 -38.85
CA ALA B 261 -22.03 -0.23 -40.06
C ALA B 261 -22.88 1.01 -39.80
N LYS B 262 -22.69 2.03 -40.62
CA LYS B 262 -23.49 3.25 -40.57
C LYS B 262 -24.52 3.17 -41.69
N VAL B 263 -25.72 2.72 -41.35
CA VAL B 263 -26.78 2.48 -42.34
C VAL B 263 -27.89 3.48 -42.14
N LYS B 264 -28.74 3.61 -43.16
CA LYS B 264 -29.82 4.58 -43.18
C LYS B 264 -31.20 3.96 -43.11
N THR B 265 -31.37 2.72 -43.57
CA THR B 265 -32.67 2.12 -43.73
C THR B 265 -32.70 0.74 -43.07
N LEU B 266 -33.91 0.23 -42.85
CA LEU B 266 -34.07 -1.08 -42.24
C LEU B 266 -33.64 -2.22 -43.17
N GLU B 267 -33.63 -1.98 -44.48
CA GLU B 267 -33.18 -3.03 -45.39
C GLU B 267 -31.68 -3.26 -45.27
N GLU B 268 -30.92 -2.21 -44.95
CA GLU B 268 -29.50 -2.39 -44.66
C GLU B 268 -29.32 -3.08 -43.31
N ALA B 269 -30.18 -2.76 -42.34
CA ALA B 269 -30.17 -3.47 -41.08
C ALA B 269 -30.39 -4.96 -41.31
N TYR B 270 -31.31 -5.32 -42.19
CA TYR B 270 -31.53 -6.73 -42.51
C TYR B 270 -30.35 -7.31 -43.27
N SER B 271 -29.73 -6.52 -44.15
CA SER B 271 -28.50 -6.95 -44.79
C SER B 271 -27.50 -7.44 -43.76
N PHE B 272 -27.29 -6.67 -42.69
CA PHE B 272 -26.30 -7.06 -41.69
C PHE B 272 -26.84 -8.12 -40.74
N TRP B 273 -28.16 -8.19 -40.58
CA TRP B 273 -28.75 -9.12 -39.63
C TRP B 273 -28.76 -10.54 -40.18
N SER B 274 -29.14 -10.69 -41.45
CA SER B 274 -29.34 -12.00 -42.05
C SER B 274 -28.20 -12.41 -42.98
N LEU B 275 -27.14 -11.61 -43.08
CA LEU B 275 -26.05 -11.88 -44.00
C LEU B 275 -26.58 -12.07 -45.43
N GLY B 276 -27.17 -11.00 -45.94
CA GLY B 276 -27.72 -11.02 -47.28
C GLY B 276 -28.70 -12.15 -47.51
N GLY B 277 -29.57 -12.41 -46.54
CA GLY B 277 -30.54 -13.48 -46.65
C GLY B 277 -29.99 -14.87 -46.46
N ARG B 278 -28.68 -15.01 -46.28
CA ARG B 278 -28.09 -16.34 -46.10
C ARG B 278 -28.63 -17.01 -44.84
N LEU B 279 -28.76 -16.26 -43.76
CA LEU B 279 -29.34 -16.77 -42.52
C LEU B 279 -30.85 -16.62 -42.58
N SER B 280 -31.57 -17.62 -42.08
CA SER B 280 -33.02 -17.64 -42.17
C SER B 280 -33.58 -18.35 -40.95
N GLY B 281 -34.89 -18.21 -40.75
CA GLY B 281 -35.58 -18.91 -39.70
C GLY B 281 -36.51 -18.01 -38.91
N PRO B 282 -37.34 -18.62 -38.05
CA PRO B 282 -38.24 -17.81 -37.24
C PRO B 282 -37.51 -16.88 -36.29
N GLU B 283 -36.38 -17.31 -35.74
CA GLU B 283 -35.64 -16.47 -34.81
C GLU B 283 -35.16 -15.19 -35.50
N ILE B 284 -34.67 -15.32 -36.73
CA ILE B 284 -34.23 -14.14 -37.48
C ILE B 284 -35.39 -13.16 -37.64
N ASP B 285 -36.55 -13.68 -38.03
CA ASP B 285 -37.72 -12.82 -38.24
C ASP B 285 -38.13 -12.11 -36.96
N TYR B 286 -38.27 -12.86 -35.87
CA TYR B 286 -38.69 -12.24 -34.61
C TYR B 286 -37.68 -11.22 -34.12
N GLY B 287 -36.40 -11.57 -34.16
CA GLY B 287 -35.38 -10.62 -33.76
C GLY B 287 -35.41 -9.36 -34.59
N PHE B 288 -35.65 -9.47 -35.89
CA PHE B 288 -35.70 -8.27 -36.70
C PHE B 288 -36.98 -7.48 -36.45
N LYS B 289 -38.06 -8.15 -36.07
CA LYS B 289 -39.26 -7.42 -35.64
C LYS B 289 -38.92 -6.54 -34.44
N ILE B 290 -38.25 -7.12 -33.45
CA ILE B 290 -37.86 -6.35 -32.28
C ILE B 290 -36.90 -5.22 -32.65
N VAL B 291 -35.97 -5.50 -33.57
CA VAL B 291 -35.01 -4.49 -33.99
C VAL B 291 -35.72 -3.33 -34.67
N SER B 292 -36.67 -3.62 -35.56
CA SER B 292 -37.41 -2.55 -36.22
C SER B 292 -38.23 -1.76 -35.21
N GLN B 293 -38.85 -2.45 -34.26
CA GLN B 293 -39.56 -1.77 -33.19
C GLN B 293 -38.67 -0.75 -32.50
N MET B 294 -37.51 -1.17 -32.01
CA MET B 294 -36.63 -0.25 -31.31
C MET B 294 -36.00 0.79 -32.24
N TRP B 295 -35.81 0.44 -33.51
CA TRP B 295 -35.36 1.42 -34.51
C TRP B 295 -36.33 2.59 -34.60
N ASP B 296 -37.60 2.28 -34.85
CA ASP B 296 -38.60 3.33 -35.00
C ASP B 296 -38.99 3.94 -33.66
N ALA B 297 -38.59 3.33 -32.55
CA ALA B 297 -38.86 3.92 -31.24
C ALA B 297 -37.77 4.91 -30.84
N ILE B 298 -36.51 4.62 -31.19
CA ILE B 298 -35.39 5.41 -30.71
C ILE B 298 -34.92 6.39 -31.78
N TYR B 299 -34.56 5.86 -32.97
CA TYR B 299 -34.06 6.72 -34.03
C TYR B 299 -35.16 7.56 -34.67
N SER B 300 -36.42 7.33 -34.31
CA SER B 300 -37.49 8.22 -34.76
C SER B 300 -37.43 9.57 -34.06
N LYS B 301 -37.12 9.58 -32.77
CA LYS B 301 -37.09 10.81 -32.01
C LYS B 301 -35.98 11.72 -32.53
N GLU B 302 -36.10 13.01 -32.19
CA GLU B 302 -35.12 14.00 -32.62
C GLU B 302 -33.84 13.89 -31.82
N LEU B 303 -32.72 14.21 -32.47
CA LEU B 303 -31.44 14.15 -31.81
C LEU B 303 -31.27 15.37 -30.89
N PRO B 304 -30.50 15.23 -29.82
CA PRO B 304 -30.27 16.38 -28.94
C PRO B 304 -29.62 17.53 -29.68
N GLY B 305 -29.90 18.74 -29.19
CA GLY B 305 -29.29 19.93 -29.76
C GLY B 305 -29.73 20.23 -31.18
N GLY B 306 -30.87 19.70 -31.60
CA GLY B 306 -31.35 19.97 -32.94
C GLY B 306 -30.38 19.61 -34.03
N LYS B 307 -29.62 18.54 -33.84
CA LYS B 307 -28.68 18.04 -34.84
C LYS B 307 -29.37 16.94 -35.64
N GLN B 308 -29.34 17.09 -36.97
CA GLN B 308 -30.07 16.15 -37.82
C GLN B 308 -29.36 14.81 -37.87
N ARG B 309 -30.13 13.76 -38.10
CA ARG B 309 -29.65 12.38 -38.03
C ARG B 309 -29.16 11.98 -39.42
N GLU B 310 -27.83 11.99 -39.59
CA GLU B 310 -27.24 11.64 -40.88
C GLU B 310 -27.49 10.18 -41.22
N ASN B 311 -27.21 9.29 -40.27
CA ASN B 311 -27.40 7.86 -40.48
C ASN B 311 -27.41 7.17 -39.13
N ASN B 312 -27.90 5.94 -39.11
CA ASN B 312 -28.01 5.17 -37.89
C ASN B 312 -26.80 4.27 -37.72
N HIS B 313 -25.98 4.56 -36.72
CA HIS B 313 -24.78 3.79 -36.41
C HIS B 313 -25.19 2.50 -35.71
N ILE B 314 -24.75 1.36 -36.25
CA ILE B 314 -25.03 0.06 -35.66
C ILE B 314 -23.75 -0.77 -35.66
N GLN B 315 -23.66 -1.67 -34.70
CA GLN B 315 -22.72 -2.78 -34.74
C GLN B 315 -23.51 -4.08 -34.82
N ILE B 316 -22.80 -5.15 -35.16
CA ILE B 316 -23.44 -6.45 -35.40
C ILE B 316 -22.39 -7.52 -35.15
N ASN B 317 -22.83 -8.63 -34.56
CA ASN B 317 -22.00 -9.80 -34.38
C ASN B 317 -22.71 -11.00 -34.98
N TRP B 318 -21.93 -12.02 -35.32
CA TRP B 318 -22.45 -13.30 -35.74
C TRP B 318 -21.76 -14.38 -34.94
N GLU B 319 -22.53 -15.13 -34.16
CA GLU B 319 -22.02 -16.05 -33.16
C GLU B 319 -21.99 -17.46 -33.74
N MET B 320 -20.79 -18.03 -33.83
CA MET B 320 -20.59 -19.38 -34.32
C MET B 320 -20.46 -20.33 -33.15
N SER B 321 -21.15 -21.47 -33.24
CA SER B 321 -21.17 -22.47 -32.18
C SER B 321 -20.15 -23.55 -32.47
N ALA B 322 -19.43 -23.97 -31.43
CA ALA B 322 -18.47 -25.06 -31.57
C ALA B 322 -19.17 -26.38 -31.82
N LYS B 323 -20.42 -26.50 -31.36
CA LYS B 323 -21.14 -27.76 -31.48
C LYS B 323 -21.81 -27.92 -32.84
N ASP B 324 -22.08 -26.81 -33.52
CA ASP B 324 -22.95 -26.83 -34.69
C ASP B 324 -22.54 -25.71 -35.63
N SER B 325 -23.01 -25.81 -36.87
CA SER B 325 -22.77 -24.81 -37.90
C SER B 325 -23.59 -23.54 -37.70
N SER B 326 -24.29 -23.40 -36.57
CA SER B 326 -25.20 -22.28 -36.37
C SER B 326 -24.45 -20.95 -36.40
N VAL B 327 -25.04 -19.99 -37.11
CA VAL B 327 -24.63 -18.60 -37.06
C VAL B 327 -25.84 -17.79 -36.61
N ALA B 328 -25.69 -17.04 -35.52
CA ALA B 328 -26.78 -16.26 -34.95
C ALA B 328 -26.34 -14.83 -34.76
N PRO B 329 -27.15 -13.85 -35.18
CA PRO B 329 -26.72 -12.45 -35.08
C PRO B 329 -27.16 -11.74 -33.81
N LYS B 330 -26.44 -10.67 -33.47
CA LYS B 330 -26.79 -9.78 -32.37
C LYS B 330 -26.51 -8.36 -32.81
N LEU B 331 -27.56 -7.57 -32.96
CA LEU B 331 -27.47 -6.21 -33.47
C LEU B 331 -27.36 -5.23 -32.30
N TYR B 332 -26.45 -4.28 -32.43
CA TYR B 332 -26.16 -3.29 -31.39
C TYR B 332 -26.52 -1.91 -31.92
N LEU B 333 -27.61 -1.36 -31.44
CA LEU B 333 -27.96 0.03 -31.74
C LEU B 333 -27.15 0.96 -30.85
N THR B 334 -26.41 1.87 -31.47
CA THR B 334 -25.61 2.84 -30.74
C THR B 334 -26.46 4.05 -30.41
N VAL B 335 -26.62 4.33 -29.11
CA VAL B 335 -27.49 5.39 -28.64
C VAL B 335 -26.73 6.30 -27.69
N ILE B 336 -25.41 6.39 -27.87
CA ILE B 336 -24.60 7.24 -27.00
C ILE B 336 -25.01 8.70 -27.16
N GLU B 337 -25.19 9.14 -28.39
CA GLU B 337 -25.58 10.52 -28.67
C GLU B 337 -27.08 10.59 -28.95
N ASP B 338 -27.84 10.28 -27.91
CA ASP B 338 -29.29 10.37 -27.94
C ASP B 338 -29.80 10.64 -26.54
N TYR B 339 -31.06 11.04 -26.45
CA TYR B 339 -31.66 11.36 -25.16
C TYR B 339 -31.80 10.10 -24.32
N ASP B 340 -31.13 10.07 -23.17
CA ASP B 340 -31.26 8.94 -22.26
C ASP B 340 -32.70 8.72 -21.87
N ALA B 341 -33.51 9.79 -21.84
CA ALA B 341 -34.93 9.63 -21.55
C ALA B 341 -35.62 8.82 -22.64
N TYR B 342 -35.34 9.13 -23.90
CA TYR B 342 -35.97 8.41 -25.00
C TYR B 342 -35.49 6.97 -25.05
N VAL B 343 -34.19 6.74 -24.83
CA VAL B 343 -33.67 5.38 -24.80
C VAL B 343 -34.33 4.58 -23.69
N SER B 344 -34.38 5.15 -22.48
CA SER B 344 -35.03 4.47 -21.36
C SER B 344 -36.49 4.17 -21.68
N SER B 345 -37.21 5.12 -22.27
CA SER B 345 -38.63 4.91 -22.56
C SER B 345 -38.80 3.83 -23.61
N ALA B 346 -37.91 3.78 -24.61
CA ALA B 346 -37.97 2.73 -25.60
C ALA B 346 -37.71 1.36 -24.99
N ILE B 347 -36.71 1.28 -24.11
CA ILE B 347 -36.46 0.03 -23.39
C ILE B 347 -37.69 -0.38 -22.61
N VAL B 348 -38.32 0.57 -21.92
CA VAL B 348 -39.47 0.25 -21.08
C VAL B 348 -40.63 -0.23 -21.93
N ASP B 349 -40.88 0.43 -23.06
CA ASP B 349 -41.97 0.01 -23.93
C ASP B 349 -41.69 -1.37 -24.51
N LEU B 350 -40.44 -1.64 -24.89
CA LEU B 350 -40.07 -2.95 -25.40
C LEU B 350 -40.33 -4.03 -24.35
N PHE B 351 -39.78 -3.85 -23.15
CA PHE B 351 -39.98 -4.82 -22.08
C PHE B 351 -41.47 -5.01 -21.79
N THR B 352 -42.23 -3.92 -21.74
CA THR B 352 -43.65 -4.02 -21.48
C THR B 352 -44.36 -4.83 -22.56
N GLY B 353 -43.95 -4.65 -23.81
CA GLY B 353 -44.52 -5.46 -24.88
C GLY B 353 -44.16 -6.93 -24.74
N LEU B 354 -42.92 -7.20 -24.31
CA LEU B 354 -42.48 -8.58 -24.11
C LEU B 354 -43.06 -9.20 -22.84
N GLY B 355 -43.77 -8.42 -22.02
CA GLY B 355 -44.26 -8.93 -20.76
C GLY B 355 -43.23 -8.96 -19.66
N TRP B 356 -42.17 -8.17 -19.76
CA TRP B 356 -41.07 -8.20 -18.80
C TRP B 356 -41.21 -7.06 -17.79
N ALA B 357 -42.29 -7.13 -17.01
CA ALA B 357 -42.54 -6.09 -16.01
C ALA B 357 -41.43 -6.02 -14.97
N ALA B 358 -40.98 -7.18 -14.49
CA ALA B 358 -39.92 -7.21 -13.51
C ALA B 358 -38.65 -6.57 -14.05
N HIS B 359 -38.33 -6.84 -15.31
CA HIS B 359 -37.19 -6.17 -15.94
C HIS B 359 -37.43 -4.68 -16.08
N VAL B 360 -38.67 -4.26 -16.34
CA VAL B 360 -38.99 -2.84 -16.38
C VAL B 360 -38.62 -2.18 -15.07
N GLN B 361 -39.05 -2.78 -13.96
CA GLN B 361 -38.76 -2.20 -12.65
C GLN B 361 -37.27 -2.26 -12.32
N THR B 362 -36.61 -3.36 -12.66
CA THR B 362 -35.17 -3.45 -12.45
C THR B 362 -34.44 -2.35 -13.21
N HIS B 363 -34.83 -2.12 -14.46
CA HIS B 363 -34.18 -1.10 -15.28
C HIS B 363 -34.42 0.29 -14.72
N LYS B 364 -35.67 0.59 -14.34
CA LYS B 364 -35.96 1.89 -13.76
C LYS B 364 -35.20 2.10 -12.46
N LYS B 365 -35.11 1.06 -11.63
CA LYS B 365 -34.36 1.17 -10.38
C LYS B 365 -32.89 1.43 -10.62
N ILE B 366 -32.29 0.69 -11.56
CA ILE B 366 -30.88 0.89 -11.85
C ILE B 366 -30.65 2.30 -12.39
N GLU B 367 -31.55 2.78 -13.25
CA GLU B 367 -31.42 4.13 -13.77
C GLU B 367 -31.52 5.16 -12.64
N LYS B 368 -32.55 5.04 -11.80
CA LYS B 368 -32.76 6.02 -10.74
C LYS B 368 -31.60 6.05 -9.76
N GLU B 369 -31.15 4.89 -9.28
CA GLU B 369 -30.16 4.83 -8.23
C GLU B 369 -28.74 5.00 -8.75
N ALA B 370 -28.37 4.26 -9.79
CA ALA B 370 -27.00 4.29 -10.29
C ALA B 370 -26.78 5.40 -11.31
N TYR B 371 -27.84 5.91 -11.93
CA TYR B 371 -27.74 6.96 -12.94
C TYR B 371 -28.74 8.06 -12.60
N PRO B 372 -28.44 8.87 -11.59
CA PRO B 372 -29.39 9.92 -11.20
C PRO B 372 -29.50 11.04 -12.22
N MET B 373 -28.48 11.20 -13.07
CA MET B 373 -28.50 12.27 -14.06
C MET B 373 -29.68 12.15 -15.01
N CYS B 374 -30.17 10.93 -15.23
CA CYS B 374 -31.24 10.72 -16.19
C CYS B 374 -32.51 11.44 -15.77
N ASP B 375 -32.82 11.43 -14.48
CA ASP B 375 -33.99 12.16 -13.99
C ASP B 375 -33.65 13.60 -13.65
N ALA B 376 -32.46 13.84 -13.08
CA ALA B 376 -32.09 15.19 -12.70
C ALA B 376 -31.96 16.09 -13.92
N ASN B 377 -31.34 15.60 -14.99
CA ASN B 377 -31.12 16.38 -16.19
C ASN B 377 -31.98 15.82 -17.33
N PRO B 378 -33.13 16.43 -17.65
CA PRO B 378 -33.89 15.96 -18.80
C PRO B 378 -33.06 15.81 -20.07
N GLN B 379 -32.09 16.69 -20.29
CA GLN B 379 -31.24 16.64 -21.47
C GLN B 379 -29.94 15.91 -21.13
N SER B 380 -30.08 14.61 -20.91
CA SER B 380 -28.96 13.75 -20.54
C SER B 380 -28.51 12.94 -21.76
N THR B 381 -27.19 12.87 -21.96
CA THR B 381 -26.62 12.20 -23.12
C THR B 381 -25.41 11.36 -22.74
N HIS B 382 -25.37 10.83 -21.51
CA HIS B 382 -24.14 10.26 -20.98
C HIS B 382 -24.37 8.97 -20.19
N ALA B 383 -25.56 8.37 -20.25
CA ALA B 383 -25.82 7.14 -19.52
C ALA B 383 -25.78 5.92 -20.44
N TYR B 384 -26.61 5.88 -21.48
CA TYR B 384 -26.72 4.72 -22.34
C TYR B 384 -25.80 4.86 -23.55
N VAL B 385 -25.26 3.74 -24.01
CA VAL B 385 -24.31 3.75 -25.11
C VAL B 385 -24.69 2.74 -26.18
N TRP B 386 -25.43 1.69 -25.81
CA TRP B 386 -25.77 0.63 -26.74
C TRP B 386 -27.01 -0.10 -26.27
N ILE B 387 -27.76 -0.62 -27.23
CA ILE B 387 -28.89 -1.51 -26.99
C ILE B 387 -28.73 -2.73 -27.90
N SER B 388 -28.40 -3.87 -27.31
CA SER B 388 -28.23 -5.11 -28.05
C SER B 388 -29.55 -5.84 -28.16
N LEU B 389 -29.83 -6.38 -29.33
CA LEU B 389 -31.04 -7.14 -29.58
C LEU B 389 -30.69 -8.47 -30.20
N ALA B 390 -31.25 -9.54 -29.64
CA ALA B 390 -31.11 -10.88 -30.18
C ALA B 390 -32.34 -11.67 -29.81
N TYR B 391 -32.57 -12.74 -30.56
CA TYR B 391 -33.69 -13.65 -30.30
C TYR B 391 -33.19 -15.09 -30.39
N LYS B 392 -32.74 -15.61 -29.26
CA LYS B 392 -32.40 -17.02 -29.15
C LYS B 392 -33.69 -17.83 -29.03
N LYS B 393 -33.58 -19.14 -29.21
CA LYS B 393 -34.79 -19.97 -29.14
C LYS B 393 -35.35 -20.02 -27.72
N THR B 394 -34.53 -19.65 -26.74
CA THR B 394 -35.06 -19.37 -25.40
C THR B 394 -36.09 -18.24 -25.47
N GLY B 395 -35.80 -17.22 -26.27
CA GLY B 395 -36.66 -16.07 -26.39
C GLY B 395 -35.84 -14.82 -26.65
N PRO B 396 -36.44 -13.65 -26.45
CA PRO B 396 -35.69 -12.40 -26.65
C PRO B 396 -34.49 -12.30 -25.72
N TYR B 397 -33.49 -11.56 -26.17
CA TYR B 397 -32.24 -11.38 -25.45
C TYR B 397 -31.80 -9.94 -25.67
N ILE B 398 -32.08 -9.08 -24.70
CA ILE B 398 -31.85 -7.65 -24.81
C ILE B 398 -30.89 -7.24 -23.71
N THR B 399 -29.73 -6.75 -24.10
CA THR B 399 -28.79 -6.14 -23.18
C THR B 399 -28.84 -4.62 -23.32
N VAL B 400 -28.65 -3.94 -22.19
CA VAL B 400 -28.73 -2.48 -22.12
C VAL B 400 -27.42 -2.00 -21.54
N TYR B 401 -26.60 -1.38 -22.38
CA TYR B 401 -25.29 -0.90 -21.97
C TYR B 401 -25.41 0.52 -21.46
N THR B 402 -24.53 0.86 -20.53
CA THR B 402 -24.56 2.14 -19.87
C THR B 402 -23.13 2.55 -19.53
N ASN B 403 -22.84 3.82 -19.68
CA ASN B 403 -21.53 4.31 -19.30
C ASN B 403 -21.47 4.36 -17.78
N PRO B 404 -20.72 3.47 -17.14
CA PRO B 404 -20.72 3.47 -15.68
C PRO B 404 -20.00 4.64 -15.08
N GLY B 405 -19.22 5.37 -15.88
CA GLY B 405 -18.57 6.58 -15.43
C GLY B 405 -19.26 7.82 -15.96
N ALA B 406 -20.59 7.75 -16.10
CA ALA B 406 -21.34 8.93 -16.50
C ALA B 406 -21.24 10.05 -15.48
N SER B 407 -21.06 9.70 -14.20
CA SER B 407 -20.79 10.72 -13.17
C SER B 407 -19.66 11.63 -13.59
N ILE B 408 -18.72 11.14 -14.39
CA ILE B 408 -17.57 11.95 -14.77
C ILE B 408 -17.95 12.93 -15.87
N LEU B 409 -18.85 12.51 -16.76
CA LEU B 409 -19.20 13.36 -17.90
C LEU B 409 -20.20 14.45 -17.51
N GLU B 410 -21.12 14.14 -16.60
CA GLU B 410 -22.04 15.14 -16.07
C GLU B 410 -21.38 15.98 -14.99
N SER C 1 19.66 15.22 -15.00
CA SER C 1 19.23 14.25 -13.95
C SER C 1 17.99 14.78 -13.24
N PRO C 2 17.06 13.88 -12.89
CA PRO C 2 15.83 14.33 -12.23
C PRO C 2 16.11 14.88 -10.84
N SER C 3 15.25 15.80 -10.43
CA SER C 3 15.33 16.34 -9.09
C SER C 3 14.74 15.36 -8.09
N PRO C 4 15.21 15.37 -6.85
CA PRO C 4 14.78 14.34 -5.89
C PRO C 4 13.27 14.14 -5.81
N TRP C 5 12.48 15.21 -5.92
CA TRP C 5 11.04 15.07 -5.78
C TRP C 5 10.42 14.40 -7.01
N ASP C 6 10.91 14.73 -8.20
CA ASP C 6 10.47 14.02 -9.39
C ASP C 6 10.69 12.53 -9.26
N PHE C 7 11.94 12.11 -9.06
CA PHE C 7 12.27 10.70 -8.95
C PHE C 7 11.49 10.04 -7.83
N LEU C 8 11.40 10.70 -6.68
CA LEU C 8 10.70 10.11 -5.55
C LEU C 8 9.23 9.89 -5.85
N GLY C 9 8.54 10.90 -6.38
CA GLY C 9 7.16 10.72 -6.77
C GLY C 9 6.99 9.63 -7.81
N ARG C 10 8.03 9.40 -8.61
CA ARG C 10 7.97 8.33 -9.59
C ARG C 10 8.09 6.96 -8.92
N VAL C 11 8.91 6.85 -7.87
CA VAL C 11 9.15 5.55 -7.26
C VAL C 11 8.23 5.30 -6.07
N LEU C 12 7.95 6.32 -5.27
CA LEU C 12 7.37 6.11 -3.96
C LEU C 12 5.95 5.55 -4.06
N GLN C 13 5.63 4.72 -3.13
CA GLN C 13 4.34 4.19 -2.99
C GLN C 13 3.66 4.95 -1.93
N PHE C 14 2.39 5.30 -2.10
CA PHE C 14 1.70 6.15 -1.19
C PHE C 14 0.61 5.45 -0.64
N GLN C 15 0.44 5.45 0.67
CA GLN C 15 -0.60 4.72 1.39
C GLN C 15 -1.98 5.24 1.05
N HIS C 16 -2.10 6.49 0.59
CA HIS C 16 -3.38 7.09 0.29
C HIS C 16 -3.21 8.08 -0.85
N GLY C 17 -4.31 8.30 -1.58
CA GLY C 17 -4.26 9.24 -2.70
C GLY C 17 -4.07 10.67 -2.25
N ASP C 18 -4.64 11.03 -1.10
CA ASP C 18 -4.44 12.37 -0.56
C ASP C 18 -2.96 12.63 -0.32
N HIS C 19 -2.21 11.62 0.09
CA HIS C 19 -0.78 11.79 0.28
C HIS C 19 -0.10 12.05 -1.05
N LYS C 20 -0.56 11.40 -2.12
CA LYS C 20 0.01 11.63 -3.44
C LYS C 20 -0.29 13.05 -3.93
N ARG C 21 -1.51 13.52 -3.72
CA ARG C 21 -1.86 14.88 -4.09
C ARG C 21 -1.04 15.90 -3.30
N TRP C 22 -0.98 15.73 -1.99
CA TRP C 22 -0.18 16.62 -1.15
C TRP C 22 1.28 16.61 -1.60
N TRP C 23 1.79 15.43 -1.96
CA TRP C 23 3.16 15.35 -2.46
C TRP C 23 3.32 16.17 -3.72
N ASP C 24 2.48 15.91 -4.73
CA ASP C 24 2.54 16.66 -5.97
C ASP C 24 2.55 18.16 -5.72
N VAL C 25 1.78 18.61 -4.73
CA VAL C 25 1.71 20.05 -4.46
C VAL C 25 2.97 20.54 -3.76
N LEU C 26 3.41 19.84 -2.72
CA LEU C 26 4.38 20.37 -1.76
C LEU C 26 5.82 19.97 -2.04
N ALA C 27 6.06 18.71 -2.38
CA ALA C 27 7.43 18.28 -2.67
C ALA C 27 8.14 19.19 -3.65
N PRO C 28 7.55 19.58 -4.77
CA PRO C 28 8.16 20.64 -5.57
C PRO C 28 8.57 21.85 -4.76
N VAL C 29 7.65 22.40 -3.96
CA VAL C 29 7.92 23.60 -3.20
C VAL C 29 9.04 23.36 -2.19
N PHE C 30 8.88 22.36 -1.33
CA PHE C 30 9.87 22.09 -0.29
C PHE C 30 11.24 21.80 -0.89
N GLY C 31 11.27 20.97 -1.94
CA GLY C 31 12.53 20.63 -2.56
C GLY C 31 13.20 21.80 -3.25
N ILE C 32 12.43 22.63 -3.94
CA ILE C 32 12.99 23.82 -4.57
C ILE C 32 13.55 24.76 -3.51
N SER C 33 12.85 24.89 -2.38
CA SER C 33 13.35 25.74 -1.30
C SER C 33 14.65 25.20 -0.74
N MET C 34 14.68 23.91 -0.39
CA MET C 34 15.90 23.30 0.10
C MET C 34 17.05 23.44 -0.89
N ALA C 35 16.77 23.22 -2.17
CA ALA C 35 17.81 23.26 -3.19
C ALA C 35 18.33 24.68 -3.40
N SER C 36 17.46 25.67 -3.32
CA SER C 36 17.90 27.05 -3.45
C SER C 36 18.71 27.48 -2.23
N ILE C 37 18.37 26.95 -1.06
CA ILE C 37 19.18 27.18 0.13
C ILE C 37 20.58 26.62 -0.08
N GLY C 38 20.68 25.38 -0.55
CA GLY C 38 21.95 24.74 -0.79
C GLY C 38 22.04 23.39 -0.11
N TYR C 39 20.89 22.82 0.26
CA TYR C 39 20.88 21.51 0.87
C TYR C 39 21.42 20.49 -0.12
N LYS C 40 22.08 19.46 0.41
CA LYS C 40 22.69 18.43 -0.40
C LYS C 40 21.65 17.39 -0.79
N LEU C 41 21.87 16.79 -1.96
CA LEU C 41 20.87 15.89 -2.55
C LEU C 41 20.46 14.80 -1.58
N ASP C 42 21.42 14.25 -0.82
CA ASP C 42 21.07 13.26 0.18
C ASP C 42 20.19 13.86 1.27
N VAL C 43 20.44 15.12 1.62
CA VAL C 43 19.63 15.79 2.63
C VAL C 43 18.23 16.05 2.10
N GLN C 44 18.12 16.49 0.84
CA GLN C 44 16.82 16.64 0.21
C GLN C 44 16.06 15.31 0.21
N TYR C 45 16.74 14.23 -0.15
CA TYR C 45 16.10 12.92 -0.15
C TYR C 45 15.58 12.55 1.23
N ARG C 46 16.43 12.70 2.25
CA ARG C 46 16.02 12.37 3.61
C ARG C 46 14.84 13.21 4.06
N HIS C 47 14.87 14.51 3.79
CA HIS C 47 13.82 15.41 4.28
C HIS C 47 12.52 15.19 3.53
N LEU C 48 12.58 14.93 2.23
CA LEU C 48 11.38 14.61 1.48
C LEU C 48 10.81 13.27 1.86
N LEU C 49 11.66 12.32 2.27
CA LEU C 49 11.16 11.05 2.76
C LEU C 49 10.52 11.20 4.13
N VAL C 50 11.04 12.11 4.95
CA VAL C 50 10.38 12.47 6.20
C VAL C 50 9.01 13.06 5.91
N LEU C 51 8.97 14.07 5.04
CA LEU C 51 7.69 14.65 4.63
C LEU C 51 6.75 13.58 4.08
N TYR C 52 7.13 12.55 3.49
CA TYR C 52 6.35 11.49 2.98
C TYR C 52 5.89 10.54 4.04
N ASP C 53 6.73 10.21 5.00
CA ASP C 53 6.36 9.19 5.96
C ASP C 53 5.66 9.75 7.19
N ALA C 54 6.18 10.83 7.76
CA ALA C 54 5.69 11.36 9.02
C ALA C 54 4.63 12.44 8.82
N VAL C 55 4.84 13.35 7.88
CA VAL C 55 4.08 14.58 7.80
C VAL C 55 2.82 14.42 6.97
N ILE C 56 2.97 14.11 5.69
CA ILE C 56 1.85 14.13 4.74
C ILE C 56 0.74 13.21 5.21
N PRO C 57 1.04 12.02 5.74
CA PRO C 57 -0.02 11.22 6.35
C PRO C 57 -0.72 11.92 7.49
N ASN C 58 -0.19 13.05 7.94
CA ASN C 58 -0.78 13.83 9.03
C ASN C 58 -1.08 15.26 8.59
N MET C 59 -1.21 15.49 7.28
CA MET C 59 -1.72 16.75 6.75
C MET C 59 -3.23 16.78 6.69
N GLY C 60 -3.86 15.62 6.58
CA GLY C 60 -5.29 15.54 6.45
C GLY C 60 -5.73 15.44 5.02
N PRO C 61 -7.03 15.51 4.79
CA PRO C 61 -7.55 15.41 3.43
C PRO C 61 -6.97 16.47 2.52
N PHE C 62 -6.90 16.14 1.25
CA PHE C 62 -6.51 17.12 0.24
C PHE C 62 -7.75 17.84 -0.27
N PRO C 63 -7.76 19.17 -0.28
CA PRO C 63 -8.98 19.88 -0.65
C PRO C 63 -9.37 19.60 -2.09
N ASN C 64 -10.63 19.20 -2.26
CA ASN C 64 -11.17 18.88 -3.58
C ASN C 64 -11.74 20.14 -4.23
N SER C 65 -12.48 19.93 -5.32
CA SER C 65 -13.10 21.03 -6.05
C SER C 65 -13.74 22.04 -5.10
N ASN C 66 -14.62 21.56 -4.22
CA ASN C 66 -15.44 22.42 -3.38
C ASN C 66 -15.02 22.41 -1.92
N ALA C 67 -13.92 21.72 -1.59
CA ALA C 67 -13.48 21.58 -0.20
C ALA C 67 -14.58 20.98 0.67
N SER C 68 -15.28 20.00 0.10
CA SER C 68 -16.29 19.25 0.84
C SER C 68 -15.69 18.24 1.79
N ASN C 69 -14.45 17.80 1.54
CA ASN C 69 -13.81 16.79 2.35
C ASN C 69 -13.05 17.37 3.54
N ILE C 70 -13.01 18.69 3.67
CA ILE C 70 -12.32 19.33 4.79
C ILE C 70 -13.34 19.43 5.93
N THR C 71 -13.40 18.37 6.73
CA THR C 71 -14.29 18.33 7.88
C THR C 71 -13.71 18.99 9.13
N TRP C 72 -12.42 19.31 9.12
CA TRP C 72 -11.75 19.97 10.23
C TRP C 72 -11.71 21.46 9.93
N THR C 73 -12.67 22.19 10.49
CA THR C 73 -12.79 23.61 10.22
C THR C 73 -11.56 24.35 10.71
N SER C 74 -11.13 25.36 9.94
CA SER C 74 -9.96 26.13 10.28
C SER C 74 -9.94 27.42 9.48
N PRO C 75 -9.47 28.53 10.05
CA PRO C 75 -9.30 29.75 9.24
C PRO C 75 -8.27 29.57 8.13
N PHE C 76 -7.26 28.76 8.37
CA PHE C 76 -6.19 28.57 7.41
C PHE C 76 -6.63 27.59 6.32
N PRO C 77 -6.18 27.77 5.08
CA PRO C 77 -6.49 26.79 4.05
C PRO C 77 -5.87 25.45 4.40
N PRO C 78 -6.45 24.35 3.92
CA PRO C 78 -5.91 23.04 4.27
C PRO C 78 -4.48 22.87 3.83
N GLY C 79 -3.68 22.24 4.68
CA GLY C 79 -2.29 21.99 4.40
C GLY C 79 -1.38 22.66 5.40
N PRO C 80 -0.09 22.71 5.07
CA PRO C 80 0.85 23.40 5.95
C PRO C 80 0.46 24.86 6.14
N LEU C 81 0.49 25.28 7.40
CA LEU C 81 0.22 26.68 7.71
C LEU C 81 1.27 27.58 7.09
N GLU C 82 2.44 27.03 6.85
CA GLU C 82 3.48 27.75 6.24
C GLU C 82 4.62 26.90 5.80
N ALA C 83 5.45 27.39 4.88
CA ALA C 83 6.72 26.79 4.52
C ALA C 83 7.72 27.92 4.43
N SER C 84 8.62 27.98 5.40
CA SER C 84 9.40 29.17 5.66
C SER C 84 10.88 28.90 5.42
N VAL C 85 11.58 29.96 5.04
CA VAL C 85 13.03 29.97 4.95
C VAL C 85 13.52 31.11 5.82
N ASN C 86 14.26 30.79 6.87
CA ASN C 86 14.87 31.79 7.73
C ASN C 86 16.15 32.29 7.08
N TYR C 87 16.41 33.59 7.20
CA TYR C 87 17.59 34.21 6.65
C TYR C 87 18.31 34.97 7.74
N GLN C 88 19.57 34.60 7.98
CA GLN C 88 20.42 35.28 8.96
C GLN C 88 21.69 35.75 8.27
N ALA C 89 22.50 36.50 9.01
CA ALA C 89 23.77 36.97 8.49
C ALA C 89 24.71 35.80 8.20
N GLY C 90 25.62 36.02 7.26
CA GLY C 90 26.57 34.99 6.88
C GLY C 90 26.01 33.96 5.92
N GLU C 91 24.98 34.31 5.15
CA GLU C 91 24.38 33.40 4.18
C GLU C 91 23.80 32.17 4.85
N SER C 92 23.44 32.29 6.13
CA SER C 92 22.80 31.21 6.87
C SER C 92 21.33 31.17 6.49
N SER C 93 20.88 30.01 6.02
CA SER C 93 19.50 29.81 5.61
C SER C 93 19.07 28.39 5.99
N MET C 94 17.94 28.28 6.67
CA MET C 94 17.41 27.02 7.14
C MET C 94 15.97 26.88 6.68
N PHE C 95 15.64 25.71 6.14
CA PHE C 95 14.28 25.44 5.71
C PHE C 95 13.49 24.86 6.86
N ARG C 96 12.24 25.23 7.03
CA ARG C 96 11.41 24.80 8.07
C ARG C 96 10.04 24.88 7.53
N PHE C 97 9.13 24.20 8.08
CA PHE C 97 7.75 24.22 7.66
C PHE C 97 6.88 23.80 8.83
N THR C 98 5.70 24.40 8.92
CA THR C 98 4.79 24.17 10.02
C THR C 98 3.55 23.45 9.51
N ILE C 99 3.03 22.57 10.35
CA ILE C 99 1.84 21.80 10.04
C ILE C 99 1.00 21.72 11.31
N GLU C 100 -0.31 21.91 11.15
CA GLU C 100 -1.24 21.50 12.18
C GLU C 100 -1.63 20.06 11.92
N PRO C 101 -1.15 19.10 12.69
CA PRO C 101 -1.44 17.69 12.37
C PRO C 101 -2.94 17.43 12.42
N VAL C 102 -3.48 17.02 11.28
CA VAL C 102 -4.90 16.73 11.13
C VAL C 102 -5.02 15.26 10.73
N GLY C 103 -6.04 14.59 11.26
CA GLY C 103 -6.28 13.22 10.91
C GLY C 103 -7.17 13.10 9.70
N PRO C 104 -7.24 11.89 9.13
CA PRO C 104 -8.10 11.69 7.97
C PRO C 104 -9.57 11.85 8.28
N HIS C 105 -9.96 11.70 9.54
CA HIS C 105 -11.35 11.80 9.96
C HIS C 105 -11.54 12.81 11.08
N ALA C 106 -10.66 13.81 11.15
CA ALA C 106 -10.80 14.87 12.13
C ALA C 106 -11.99 15.74 11.79
N GLY C 107 -12.70 16.18 12.83
CA GLY C 107 -13.92 16.93 12.65
C GLY C 107 -15.16 16.09 12.56
N THR C 108 -15.02 14.78 12.41
CA THR C 108 -16.13 13.85 12.35
C THR C 108 -16.37 13.21 13.71
N PRO C 109 -17.49 12.49 13.87
CA PRO C 109 -17.77 11.89 15.19
C PRO C 109 -16.69 10.95 15.67
N ALA C 110 -15.77 10.52 14.81
CA ALA C 110 -14.74 9.58 15.23
C ALA C 110 -13.54 10.31 15.86
N ASP C 111 -13.16 11.44 15.28
CA ASP C 111 -12.04 12.25 15.77
C ASP C 111 -12.49 13.70 15.84
N PRO C 112 -13.47 14.01 16.69
CA PRO C 112 -14.02 15.37 16.72
C PRO C 112 -13.04 16.40 17.23
N VAL C 113 -11.91 16.00 17.79
CA VAL C 113 -10.93 16.91 18.35
C VAL C 113 -9.53 16.72 17.77
N ASN C 114 -9.35 15.77 16.87
CA ASN C 114 -8.07 15.56 16.20
C ASN C 114 -6.95 15.33 17.21
N GLU C 115 -7.09 14.25 17.97
CA GLU C 115 -6.21 13.98 19.09
C GLU C 115 -4.96 13.18 18.72
N LEU C 116 -5.08 12.26 17.77
CA LEU C 116 -4.00 11.31 17.50
C LEU C 116 -3.01 11.77 16.44
N ALA C 117 -3.35 12.78 15.63
CA ALA C 117 -2.49 13.14 14.51
C ALA C 117 -1.13 13.61 14.99
N ALA C 118 -1.10 14.53 15.95
CA ALA C 118 0.18 15.06 16.42
C ALA C 118 1.02 13.99 17.10
N LYS C 119 0.37 13.11 17.87
CA LYS C 119 1.10 12.05 18.55
C LYS C 119 1.66 11.04 17.56
N GLN C 120 0.87 10.66 16.55
CA GLN C 120 1.36 9.82 15.47
C GLN C 120 2.56 10.46 14.78
N LEU C 121 2.46 11.76 14.48
CA LEU C 121 3.56 12.44 13.81
C LEU C 121 4.82 12.40 14.65
N MET C 122 4.70 12.68 15.94
CA MET C 122 5.87 12.63 16.82
C MET C 122 6.43 11.22 16.93
N GLN C 123 5.55 10.23 17.00
CA GLN C 123 5.99 8.83 17.07
C GLN C 123 6.79 8.45 15.83
N ARG C 124 6.22 8.69 14.65
CA ARG C 124 6.95 8.43 13.42
C ARG C 124 8.27 9.17 13.40
N LEU C 125 8.27 10.45 13.78
CA LEU C 125 9.48 11.24 13.70
C LEU C 125 10.56 10.73 14.64
N GLY C 126 10.17 10.26 15.82
CA GLY C 126 11.15 9.67 16.72
C GLY C 126 11.63 8.31 16.25
N GLN C 127 10.75 7.57 15.57
CA GLN C 127 11.16 6.30 14.98
C GLN C 127 12.16 6.50 13.85
N LEU C 128 12.00 7.58 13.08
CA LEU C 128 12.92 7.86 11.98
C LEU C 128 14.24 8.44 12.46
N GLN C 129 14.25 9.20 13.55
CA GLN C 129 15.47 9.68 14.18
C GLN C 129 15.39 9.42 15.68
N PRO C 130 15.62 8.17 16.10
CA PRO C 130 15.60 7.88 17.55
C PRO C 130 16.61 8.73 18.29
N GLY C 131 16.13 9.43 19.32
CA GLY C 131 16.95 10.33 20.08
C GLY C 131 16.87 11.78 19.67
N GLY C 132 16.18 12.08 18.57
CA GLY C 132 16.06 13.46 18.14
C GLY C 132 14.91 14.18 18.82
N VAL C 133 13.88 13.45 19.19
CA VAL C 133 12.68 14.01 19.81
C VAL C 133 12.69 13.68 21.30
N ASP C 134 12.74 14.72 22.13
CA ASP C 134 12.64 14.59 23.57
C ASP C 134 11.29 15.14 24.02
N SER C 135 10.54 14.32 24.76
CA SER C 135 9.17 14.65 25.14
C SER C 135 9.06 15.17 26.57
N THR C 136 10.18 15.50 27.22
CA THR C 136 10.11 16.06 28.57
C THR C 136 9.18 17.27 28.61
N MET C 137 9.47 18.29 27.80
CA MET C 137 8.64 19.49 27.79
C MET C 137 7.23 19.18 27.27
N PHE C 138 7.14 18.35 26.24
CA PHE C 138 5.83 17.95 25.75
C PHE C 138 5.05 17.22 26.83
N ASP C 139 5.72 16.33 27.56
CA ASP C 139 5.03 15.55 28.58
C ASP C 139 4.58 16.44 29.73
N HIS C 140 5.32 17.52 29.99
CA HIS C 140 4.92 18.43 31.06
C HIS C 140 3.78 19.34 30.63
N PHE C 141 3.83 19.86 29.40
CA PHE C 141 2.87 20.86 28.97
C PHE C 141 1.61 20.30 28.34
N TYR C 142 1.61 19.04 27.90
CA TYR C 142 0.43 18.49 27.25
C TYR C 142 -0.78 18.44 28.18
N PRO C 143 -0.65 18.02 29.44
CA PRO C 143 -1.83 18.06 30.33
C PRO C 143 -2.22 19.47 30.72
N LEU C 144 -1.26 20.38 30.82
CA LEU C 144 -1.55 21.72 31.29
C LEU C 144 -2.24 22.56 30.23
N LEU C 145 -1.69 22.58 29.02
CA LEU C 145 -2.18 23.42 27.94
C LEU C 145 -3.13 22.71 26.98
N CYS C 146 -2.85 21.47 26.62
CA CYS C 146 -3.67 20.75 25.65
C CYS C 146 -4.81 20.01 26.32
N VAL C 147 -5.85 19.76 25.54
CA VAL C 147 -7.03 19.03 25.99
C VAL C 147 -7.05 17.70 25.27
N ASP C 148 -6.94 16.62 26.03
CA ASP C 148 -7.02 15.29 25.46
C ASP C 148 -8.42 15.04 24.90
N GLY C 149 -8.59 13.89 24.27
CA GLY C 149 -9.84 13.56 23.61
C GLY C 149 -10.99 13.35 24.57
N PRO C 150 -10.79 12.50 25.58
CA PRO C 150 -11.84 12.29 26.57
C PRO C 150 -12.36 13.58 27.20
N GLU C 151 -11.47 14.45 27.64
CA GLU C 151 -11.89 15.71 28.24
C GLU C 151 -12.73 16.52 27.26
N ALA C 152 -12.20 16.75 26.04
CA ALA C 152 -12.92 17.53 25.05
C ALA C 152 -14.30 16.93 24.75
N ARG C 153 -14.41 15.59 24.79
CA ARG C 153 -15.69 14.97 24.50
C ARG C 153 -16.67 15.13 25.65
N ARG C 154 -16.18 15.02 26.89
CA ARG C 154 -17.05 15.27 28.04
C ARG C 154 -17.42 16.74 28.14
N GLN C 155 -16.46 17.63 27.87
CA GLN C 155 -16.64 19.06 27.97
C GLN C 155 -16.92 19.70 26.60
N TRP C 156 -17.65 18.99 25.75
CA TRP C 156 -17.88 19.48 24.38
C TRP C 156 -18.69 20.75 24.38
N ASP C 157 -19.82 20.78 25.11
CA ASP C 157 -20.68 21.94 25.11
C ASP C 157 -19.93 23.22 25.43
N SER C 158 -18.80 23.12 26.13
CA SER C 158 -18.03 24.30 26.46
C SER C 158 -17.20 24.81 25.28
N ILE C 159 -16.84 23.91 24.37
CA ILE C 159 -15.95 24.25 23.26
C ILE C 159 -16.58 24.04 21.90
N ALA C 160 -17.83 23.55 21.84
CA ALA C 160 -18.46 23.31 20.56
C ALA C 160 -18.61 24.60 19.76
N HIS C 161 -18.76 25.74 20.43
CA HIS C 161 -18.88 27.01 19.74
C HIS C 161 -17.57 27.44 19.09
N ILE C 162 -16.45 26.87 19.51
CA ILE C 162 -15.16 27.29 18.95
C ILE C 162 -15.03 26.76 17.54
N TYR C 163 -14.56 27.62 16.64
CA TYR C 163 -14.49 27.27 15.22
C TYR C 163 -13.25 26.43 14.93
N HIS C 164 -12.09 26.92 15.34
CA HIS C 164 -10.83 26.21 15.17
C HIS C 164 -10.48 25.52 16.49
N LYS C 165 -10.85 24.26 16.61
CA LYS C 165 -10.56 23.48 17.80
C LYS C 165 -9.15 22.92 17.77
N CYS C 166 -8.19 23.82 17.58
CA CYS C 166 -6.79 23.47 17.54
C CYS C 166 -6.22 23.39 18.95
N HIS C 167 -5.37 22.39 19.18
CA HIS C 167 -4.76 22.20 20.48
C HIS C 167 -3.26 21.96 20.43
N THR C 168 -2.71 21.51 19.30
CA THR C 168 -1.28 21.30 19.17
C THR C 168 -0.89 21.43 17.71
N VAL C 169 0.13 22.22 17.46
CA VAL C 169 0.68 22.45 16.13
C VAL C 169 2.14 22.05 16.14
N THR C 170 2.59 21.43 15.06
CA THR C 170 3.94 20.89 14.95
C THR C 170 4.68 21.55 13.81
N ALA C 171 5.84 22.10 14.09
CA ALA C 171 6.75 22.62 13.09
C ALA C 171 8.00 21.76 13.05
N LEU C 172 8.51 21.53 11.84
CA LEU C 172 9.72 20.75 11.65
C LEU C 172 10.78 21.67 11.06
N ASP C 173 11.76 22.04 11.88
CA ASP C 173 12.98 22.62 11.36
C ASP C 173 13.74 21.53 10.62
N MET C 174 14.16 21.83 9.40
CA MET C 174 14.74 20.82 8.52
C MET C 174 16.19 21.23 8.28
N GLN C 175 17.06 20.78 9.17
CA GLN C 175 18.44 21.23 9.19
C GLN C 175 19.21 20.72 7.98
N ARG C 176 20.23 21.48 7.61
CA ARG C 176 21.15 21.08 6.56
C ARG C 176 21.84 19.76 6.86
N SER C 177 21.80 19.32 8.11
CA SER C 177 22.44 18.09 8.55
C SER C 177 21.50 16.88 8.46
N ALA C 178 20.35 17.03 7.83
CA ALA C 178 19.33 16.00 7.67
C ALA C 178 18.60 15.72 8.98
N ALA C 179 18.92 16.44 10.05
CA ALA C 179 18.24 16.29 11.33
C ALA C 179 17.02 17.21 11.36
N CYS C 180 15.90 16.68 11.81
CA CYS C 180 14.67 17.46 11.90
C CYS C 180 14.34 17.73 13.37
N THR C 181 14.43 19.00 13.76
CA THR C 181 14.02 19.43 15.08
C THR C 181 12.52 19.70 15.09
N LEU C 182 11.82 19.00 15.98
CA LEU C 182 10.38 19.15 16.13
C LEU C 182 10.08 20.27 17.12
N LYS C 183 9.14 21.13 16.75
CA LYS C 183 8.68 22.21 17.59
C LYS C 183 7.17 22.06 17.77
N THR C 184 6.70 22.19 19.01
CA THR C 184 5.31 22.01 19.35
C THR C 184 4.74 23.33 19.83
N TYR C 185 3.62 23.74 19.24
CA TYR C 185 2.89 24.93 19.63
C TYR C 185 1.58 24.50 20.29
N PHE C 186 1.32 25.00 21.48
CA PHE C 186 0.10 24.67 22.20
C PHE C 186 -0.79 25.90 22.33
N PRO C 187 -1.85 26.02 21.55
CA PRO C 187 -2.88 27.00 21.86
C PRO C 187 -3.85 26.46 22.89
N PRO C 188 -3.83 26.98 24.12
CA PRO C 188 -4.65 26.41 25.18
C PRO C 188 -6.08 26.93 25.21
N LEU C 189 -6.53 27.52 24.10
CA LEU C 189 -7.87 28.09 24.06
C LEU C 189 -8.92 27.09 24.54
N LEU C 190 -8.84 25.84 24.07
CA LEU C 190 -9.77 24.83 24.57
C LEU C 190 -9.59 24.62 26.07
N ARG C 191 -8.34 24.58 26.54
CA ARG C 191 -8.08 24.42 27.96
C ARG C 191 -8.72 25.55 28.76
N SER C 192 -8.45 26.79 28.37
CA SER C 192 -9.03 27.93 29.06
C SER C 192 -10.55 27.88 29.03
N THR C 193 -11.13 27.54 27.88
CA THR C 193 -12.58 27.51 27.75
C THR C 193 -13.20 26.46 28.67
N ILE C 194 -12.59 25.28 28.74
CA ILE C 194 -13.13 24.22 29.59
C ILE C 194 -12.97 24.59 31.06
N MET C 195 -11.78 25.03 31.45
CA MET C 195 -11.51 25.43 32.83
C MET C 195 -12.00 26.84 33.13
N ASN C 196 -12.44 27.59 32.13
CA ASN C 196 -12.89 28.97 32.32
C ASN C 196 -11.84 29.77 33.08
N THR C 197 -10.61 29.76 32.57
CA THR C 197 -9.47 30.37 33.22
C THR C 197 -8.74 31.27 32.23
N SER C 198 -8.10 32.30 32.75
CA SER C 198 -7.33 33.21 31.92
C SER C 198 -6.27 32.44 31.13
N MET C 199 -6.11 32.82 29.87
CA MET C 199 -5.04 32.26 29.05
C MET C 199 -3.68 32.56 29.65
N VAL C 200 -3.43 33.85 29.92
CA VAL C 200 -2.18 34.28 30.54
C VAL C 200 -1.85 33.40 31.74
N ASP C 201 -2.82 33.24 32.63
CA ASP C 201 -2.54 32.62 33.92
C ASP C 201 -2.20 31.14 33.76
N ILE C 202 -2.95 30.42 32.92
CA ILE C 202 -2.67 28.99 32.76
C ILE C 202 -1.35 28.78 32.04
N MET C 203 -1.09 29.57 30.99
CA MET C 203 0.18 29.43 30.28
C MET C 203 1.35 29.65 31.22
N PHE C 204 1.31 30.74 31.99
CA PHE C 204 2.46 31.07 32.82
C PHE C 204 2.53 30.20 34.07
N ASP C 205 1.39 29.67 34.54
CA ASP C 205 1.44 28.69 35.61
C ASP C 205 2.09 27.40 35.14
N ALA C 206 1.81 26.99 33.90
CA ALA C 206 2.50 25.84 33.33
C ALA C 206 3.99 26.10 33.21
N VAL C 207 4.37 27.29 32.74
CA VAL C 207 5.79 27.62 32.63
C VAL C 207 6.46 27.58 34.00
N GLU C 208 5.77 28.09 35.03
CA GLU C 208 6.36 28.13 36.37
C GLU C 208 6.45 26.72 36.97
N SER C 209 5.41 25.91 36.75
CA SER C 209 5.48 24.49 37.09
C SER C 209 6.73 23.86 36.51
N PHE C 210 6.98 24.09 35.21
CA PHE C 210 8.15 23.50 34.58
C PHE C 210 9.43 24.05 35.18
N ARG C 211 9.45 25.35 35.50
CA ARG C 211 10.60 25.94 36.18
C ARG C 211 10.94 25.17 37.44
N LYS C 212 9.95 25.02 38.33
CA LYS C 212 10.21 24.39 39.63
C LYS C 212 10.47 22.90 39.48
N GLN C 213 9.92 22.27 38.46
CA GLN C 213 10.11 20.85 38.21
C GLN C 213 11.40 20.54 37.48
N SER C 214 12.07 21.55 36.93
CA SER C 214 13.27 21.34 36.13
C SER C 214 14.51 22.08 36.63
N GLY C 215 14.34 23.18 37.35
CA GLY C 215 15.48 23.97 37.78
C GLY C 215 16.04 24.83 36.68
N LEU C 216 15.20 25.25 35.73
CA LEU C 216 15.61 26.07 34.60
C LEU C 216 14.93 27.42 34.70
N TYR C 217 15.69 28.48 34.44
CA TYR C 217 15.21 29.84 34.61
C TYR C 217 14.51 30.29 33.34
N PHE C 218 13.19 30.31 33.36
CA PHE C 218 12.36 30.83 32.27
C PHE C 218 11.67 32.08 32.80
N ASP C 219 12.32 33.23 32.61
CA ASP C 219 11.80 34.47 33.18
C ASP C 219 10.56 34.91 32.41
N TYR C 220 9.40 34.84 33.07
CA TYR C 220 8.13 35.23 32.49
C TYR C 220 7.48 36.39 33.22
N THR C 221 8.24 37.12 34.04
CA THR C 221 7.67 38.22 34.81
C THR C 221 7.23 39.36 33.89
N LYS C 222 8.13 39.81 33.02
CA LYS C 222 7.82 40.94 32.15
C LYS C 222 6.67 40.61 31.21
N ILE C 223 6.67 39.40 30.64
CA ILE C 223 5.63 39.01 29.71
C ILE C 223 4.28 39.00 30.40
N LYS C 224 4.22 38.41 31.61
CA LYS C 224 2.97 38.35 32.35
C LYS C 224 2.48 39.75 32.72
N GLU C 225 3.38 40.58 33.25
CA GLU C 225 3.01 41.94 33.62
C GLU C 225 2.41 42.68 32.42
N PHE C 226 3.10 42.64 31.28
CA PHE C 226 2.60 43.34 30.10
C PHE C 226 1.26 42.77 29.63
N MET C 227 1.17 41.44 29.52
CA MET C 227 -0.02 40.83 28.96
C MET C 227 -1.22 40.93 29.89
N SER C 228 -1.00 41.20 31.17
CA SER C 228 -2.11 41.38 32.10
C SER C 228 -2.67 42.79 32.07
N GLU C 229 -1.90 43.77 31.62
CA GLU C 229 -2.36 45.15 31.58
C GLU C 229 -3.64 45.27 30.75
N GLU C 230 -4.45 46.27 31.09
CA GLU C 230 -5.70 46.47 30.36
C GLU C 230 -5.47 47.16 29.03
N LYS C 231 -4.53 48.10 28.97
CA LYS C 231 -4.23 48.76 27.70
C LYS C 231 -3.88 47.73 26.62
N THR C 232 -3.06 46.74 26.97
CA THR C 232 -2.69 45.70 26.02
C THR C 232 -3.93 44.97 25.51
N HIS C 233 -4.90 44.71 26.38
CA HIS C 233 -6.08 43.96 25.98
C HIS C 233 -6.95 44.72 24.99
N GLU C 234 -6.79 46.04 24.90
CA GLU C 234 -7.56 46.79 23.92
C GLU C 234 -7.18 46.40 22.51
N THR C 235 -5.90 46.15 22.27
CA THR C 235 -5.39 45.70 20.99
C THR C 235 -5.14 44.20 20.94
N MET C 236 -4.71 43.61 22.05
CA MET C 236 -4.20 42.24 22.06
C MET C 236 -5.35 41.25 22.15
N MET C 237 -5.56 40.48 21.10
CA MET C 237 -6.44 39.32 21.17
C MET C 237 -5.73 38.20 21.92
N VAL C 238 -6.16 37.95 23.15
CA VAL C 238 -5.52 36.92 23.97
C VAL C 238 -6.15 35.56 23.74
N ASP C 239 -7.37 35.54 23.20
CA ASP C 239 -7.98 34.29 22.76
C ASP C 239 -7.16 33.59 21.69
N ARG C 240 -6.21 34.29 21.07
CA ARG C 240 -5.42 33.76 19.96
C ARG C 240 -3.98 33.49 20.34
N SER C 241 -3.67 33.44 21.64
CA SER C 241 -2.30 33.26 22.08
C SER C 241 -1.99 31.77 22.25
N TYR C 242 -0.69 31.46 22.21
CA TYR C 242 -0.27 30.07 22.28
C TYR C 242 1.19 30.02 22.73
N LEU C 243 1.58 28.86 23.24
CA LEU C 243 2.91 28.62 23.77
C LEU C 243 3.66 27.66 22.84
N SER C 244 4.98 27.83 22.79
CA SER C 244 5.82 27.00 21.94
C SER C 244 7.10 26.62 22.67
N PHE C 245 7.59 25.43 22.36
CA PHE C 245 8.84 24.93 22.91
C PHE C 245 9.44 23.95 21.90
N ASP C 246 10.76 23.92 21.85
CA ASP C 246 11.46 22.95 21.02
C ASP C 246 11.51 21.61 21.73
N CYS C 247 11.12 20.55 21.03
CA CYS C 247 11.06 19.21 21.60
C CYS C 247 12.46 18.61 21.73
N LEU C 248 13.28 19.28 22.54
CA LEU C 248 14.65 18.87 22.77
C LEU C 248 14.93 18.76 24.26
N ASP C 249 16.21 18.60 24.61
CA ASP C 249 16.59 18.62 26.02
C ASP C 249 16.23 19.96 26.63
N PRO C 250 15.39 19.99 27.68
CA PRO C 250 14.97 21.28 28.24
C PRO C 250 16.09 22.26 28.47
N ALA C 251 17.29 21.79 28.79
CA ALA C 251 18.41 22.71 28.96
C ALA C 251 18.91 23.26 27.62
N LYS C 252 18.46 22.68 26.52
CA LYS C 252 18.81 23.13 25.17
C LYS C 252 17.59 23.59 24.39
N SER C 253 16.47 23.81 25.08
CA SER C 253 15.21 24.18 24.45
C SER C 253 14.82 25.59 24.88
N ARG C 254 13.62 26.00 24.48
CA ARG C 254 13.14 27.35 24.68
C ARG C 254 11.65 27.32 25.00
N ILE C 255 11.17 28.42 25.57
CA ILE C 255 9.76 28.67 25.77
C ILE C 255 9.43 29.99 25.11
N LYS C 256 8.43 29.97 24.23
CA LYS C 256 7.99 31.16 23.52
C LYS C 256 6.50 31.36 23.75
N ILE C 257 6.11 32.58 24.07
CA ILE C 257 4.71 32.93 24.29
C ILE C 257 4.27 33.81 23.13
N TYR C 258 3.31 33.34 22.35
CA TYR C 258 2.80 34.04 21.19
C TYR C 258 1.47 34.69 21.51
N THR C 259 1.16 35.77 20.80
CA THR C 259 -0.17 36.38 20.86
C THR C 259 -0.42 37.16 19.59
N GLU C 260 -1.71 37.42 19.33
CA GLU C 260 -2.15 38.17 18.16
C GLU C 260 -2.60 39.56 18.58
N ALA C 261 -2.29 40.55 17.75
CA ALA C 261 -2.65 41.94 18.02
C ALA C 261 -2.96 42.66 16.72
N LYS C 262 -4.12 43.28 16.67
CA LYS C 262 -4.53 44.12 15.54
C LYS C 262 -4.32 45.57 15.93
N VAL C 263 -3.18 46.12 15.55
CA VAL C 263 -2.78 47.48 15.95
C VAL C 263 -2.79 48.38 14.73
N LYS C 264 -2.80 49.69 14.99
CA LYS C 264 -2.90 50.71 13.96
C LYS C 264 -1.63 51.52 13.79
N THR C 265 -0.81 51.66 14.83
CA THR C 265 0.31 52.58 14.83
C THR C 265 1.58 51.86 15.28
N LEU C 266 2.72 52.48 15.00
CA LEU C 266 4.00 51.90 15.39
C LEU C 266 4.23 51.93 16.90
N GLU C 267 3.54 52.82 17.62
CA GLU C 267 3.70 52.85 19.06
C GLU C 267 3.06 51.63 19.71
N GLU C 268 1.98 51.11 19.11
CA GLU C 268 1.42 49.85 19.58
C GLU C 268 2.34 48.69 19.21
N ALA C 269 2.96 48.76 18.03
CA ALA C 269 3.96 47.77 17.67
C ALA C 269 5.08 47.73 18.70
N TYR C 270 5.53 48.90 19.16
CA TYR C 270 6.56 48.94 20.19
C TYR C 270 6.01 48.44 21.53
N SER C 271 4.75 48.75 21.84
CA SER C 271 4.10 48.17 23.01
C SER C 271 4.29 46.66 23.03
N PHE C 272 4.01 45.99 21.91
CA PHE C 272 4.12 44.54 21.89
C PHE C 272 5.57 44.08 21.74
N TRP C 273 6.43 44.91 21.17
CA TRP C 273 7.81 44.51 20.92
C TRP C 273 8.63 44.55 22.20
N SER C 274 8.48 45.62 22.99
CA SER C 274 9.31 45.86 24.16
C SER C 274 8.61 45.54 25.47
N LEU C 275 7.38 45.02 25.43
CA LEU C 275 6.60 44.76 26.63
C LEU C 275 6.49 46.02 27.48
N GLY C 276 5.85 47.03 26.90
CA GLY C 276 5.67 48.30 27.59
C GLY C 276 6.95 48.90 28.09
N GLY C 277 8.01 48.84 27.29
CA GLY C 277 9.30 49.38 27.69
C GLY C 277 10.07 48.54 28.67
N ARG C 278 9.50 47.43 29.15
CA ARG C 278 10.19 46.59 30.12
C ARG C 278 11.47 46.01 29.51
N LEU C 279 11.42 45.57 28.26
CA LEU C 279 12.59 45.08 27.56
C LEU C 279 13.32 46.25 26.93
N SER C 280 14.65 46.21 26.97
CA SER C 280 15.46 47.32 26.48
C SER C 280 16.76 46.77 25.93
N GLY C 281 17.48 47.63 25.20
CA GLY C 281 18.79 47.29 24.70
C GLY C 281 18.97 47.66 23.25
N PRO C 282 20.21 47.56 22.76
CA PRO C 282 20.45 47.88 21.35
C PRO C 282 19.73 46.94 20.40
N GLU C 283 19.60 45.67 20.75
CA GLU C 283 18.93 44.72 19.88
C GLU C 283 17.47 45.11 19.69
N ILE C 284 16.80 45.51 20.77
CA ILE C 284 15.41 45.95 20.67
C ILE C 284 15.30 47.12 19.69
N ASP C 285 16.18 48.10 19.84
CA ASP C 285 16.14 49.28 18.98
C ASP C 285 16.35 48.92 17.52
N TYR C 286 17.40 48.14 17.23
CA TYR C 286 17.67 47.77 15.84
C TYR C 286 16.55 46.95 15.24
N GLY C 287 16.05 45.96 15.99
CA GLY C 287 14.93 45.17 15.50
C GLY C 287 13.71 46.02 15.21
N PHE C 288 13.44 47.02 16.05
CA PHE C 288 12.28 47.85 15.79
C PHE C 288 12.53 48.80 14.61
N LYS C 289 13.79 49.19 14.39
CA LYS C 289 14.09 49.93 13.17
C LYS C 289 13.74 49.12 11.94
N ILE C 290 14.15 47.86 11.92
CA ILE C 290 13.81 46.99 10.80
C ILE C 290 12.31 46.79 10.69
N VAL C 291 11.62 46.64 11.82
CA VAL C 291 10.18 46.45 11.82
C VAL C 291 9.48 47.67 11.23
N SER C 292 9.89 48.87 11.65
CA SER C 292 9.28 50.09 11.10
C SER C 292 9.57 50.21 9.61
N GLN C 293 10.79 49.88 9.19
CA GLN C 293 11.11 49.86 7.78
C GLN C 293 10.13 49.00 7.00
N MET C 294 9.96 47.74 7.40
CA MET C 294 9.05 46.86 6.68
C MET C 294 7.59 47.24 6.86
N TRP C 295 7.24 47.85 7.99
CA TRP C 295 5.89 48.39 8.19
C TRP C 295 5.56 49.42 7.12
N ASP C 296 6.41 50.43 6.99
CA ASP C 296 6.16 51.49 6.03
C ASP C 296 6.45 51.05 4.60
N ALA C 297 7.10 49.90 4.42
CA ALA C 297 7.32 49.38 3.07
C ALA C 297 6.13 48.55 2.59
N ILE C 298 5.49 47.81 3.49
CA ILE C 298 4.47 46.85 3.09
C ILE C 298 3.08 47.44 3.34
N TYR C 299 2.80 47.82 4.60
CA TYR C 299 1.48 48.34 4.93
C TYR C 299 1.25 49.74 4.39
N SER C 300 2.28 50.38 3.81
CA SER C 300 2.06 51.65 3.13
C SER C 300 1.32 51.46 1.81
N LYS C 301 1.63 50.40 1.08
CA LYS C 301 1.01 50.16 -0.21
C LYS C 301 -0.48 49.90 -0.03
N GLU C 302 -1.21 50.06 -1.13
CA GLU C 302 -2.66 49.86 -1.11
C GLU C 302 -3.01 48.37 -1.08
N LEU C 303 -4.11 48.07 -0.43
CA LEU C 303 -4.56 46.69 -0.34
C LEU C 303 -5.18 46.25 -1.66
N PRO C 304 -5.11 44.96 -1.98
CA PRO C 304 -5.74 44.48 -3.22
C PRO C 304 -7.24 44.75 -3.23
N GLY C 305 -7.76 44.91 -4.44
CA GLY C 305 -9.19 45.11 -4.61
C GLY C 305 -9.71 46.42 -4.04
N GLY C 306 -8.84 47.40 -3.86
CA GLY C 306 -9.27 48.69 -3.34
C GLY C 306 -9.98 48.60 -2.00
N LYS C 307 -9.56 47.68 -1.15
CA LYS C 307 -10.12 47.53 0.18
C LYS C 307 -9.24 48.30 1.16
N GLN C 308 -9.86 49.18 1.95
CA GLN C 308 -9.10 50.05 2.84
C GLN C 308 -8.55 49.25 4.01
N ARG C 309 -7.43 49.73 4.55
CA ARG C 309 -6.69 49.02 5.59
C ARG C 309 -7.21 49.47 6.95
N GLU C 310 -8.03 48.62 7.56
CA GLU C 310 -8.60 48.95 8.86
C GLU C 310 -7.54 49.02 9.94
N ASN C 311 -6.68 48.00 10.00
CA ASN C 311 -5.62 47.95 10.99
C ASN C 311 -4.60 46.92 10.55
N ASN C 312 -3.42 46.98 11.14
CA ASN C 312 -2.33 46.10 10.80
C ASN C 312 -2.30 44.90 11.74
N HIS C 313 -2.60 43.72 11.20
CA HIS C 313 -2.59 42.48 11.96
C HIS C 313 -1.16 42.03 12.18
N ILE C 314 -0.79 41.80 13.44
CA ILE C 314 0.54 41.32 13.79
C ILE C 314 0.42 40.21 14.82
N GLN C 315 1.39 39.31 14.81
CA GLN C 315 1.64 38.41 15.92
C GLN C 315 3.01 38.74 16.51
N ILE C 316 3.25 38.20 17.70
CA ILE C 316 4.45 38.51 18.45
C ILE C 316 4.74 37.35 19.39
N ASN C 317 6.02 37.04 19.55
CA ASN C 317 6.47 36.05 20.51
C ASN C 317 7.51 36.68 21.41
N TRP C 318 7.67 36.10 22.59
CA TRP C 318 8.75 36.46 23.50
C TRP C 318 9.45 35.19 23.94
N GLU C 319 10.73 35.08 23.62
CA GLU C 319 11.49 33.85 23.75
C GLU C 319 12.27 33.88 25.06
N MET C 320 11.96 32.94 25.95
CA MET C 320 12.64 32.81 27.23
C MET C 320 13.71 31.74 27.12
N SER C 321 14.89 32.04 27.65
CA SER C 321 16.04 31.14 27.60
C SER C 321 16.13 30.34 28.89
N ALA C 322 16.43 29.05 28.75
CA ALA C 322 16.61 28.19 29.92
C ALA C 322 17.88 28.56 30.67
N LYS C 323 18.85 29.15 29.96
CA LYS C 323 20.14 29.46 30.58
C LYS C 323 20.11 30.79 31.32
N ASP C 324 19.20 31.68 30.94
CA ASP C 324 19.26 33.07 31.40
C ASP C 324 17.85 33.64 31.44
N SER C 325 17.72 34.76 32.15
CA SER C 325 16.46 35.48 32.26
C SER C 325 16.08 36.23 30.99
N SER C 326 16.81 36.03 29.89
CA SER C 326 16.59 36.82 28.69
C SER C 326 15.19 36.61 28.13
N VAL C 327 14.55 37.71 27.75
CA VAL C 327 13.33 37.70 26.97
C VAL C 327 13.61 38.47 25.68
N ALA C 328 13.39 37.82 24.54
CA ALA C 328 13.67 38.42 23.25
C ALA C 328 12.45 38.30 22.35
N PRO C 329 12.04 39.39 21.68
CA PRO C 329 10.81 39.33 20.87
C PRO C 329 11.04 38.99 19.41
N LYS C 330 9.98 38.48 18.77
CA LYS C 330 9.96 38.23 17.34
C LYS C 330 8.60 38.63 16.81
N LEU C 331 8.57 39.68 15.99
CA LEU C 331 7.33 40.25 15.48
C LEU C 331 7.01 39.64 14.13
N TYR C 332 5.75 39.27 13.94
CA TYR C 332 5.27 38.61 12.73
C TYR C 332 4.26 39.53 12.04
N LEU C 333 4.66 40.14 10.94
CA LEU C 333 3.74 40.90 10.11
C LEU C 333 2.95 39.95 9.23
N THR C 334 1.62 40.02 9.33
CA THR C 334 0.74 39.18 8.53
C THR C 334 0.48 39.87 7.20
N VAL C 335 0.87 39.20 6.11
CA VAL C 335 0.77 39.76 4.77
C VAL C 335 0.04 38.81 3.85
N ILE C 336 -0.85 37.98 4.42
CA ILE C 336 -1.59 37.03 3.61
C ILE C 336 -2.48 37.76 2.61
N GLU C 337 -3.17 38.79 3.06
CA GLU C 337 -4.06 39.57 2.20
C GLU C 337 -3.36 40.85 1.76
N ASP C 338 -2.30 40.66 0.99
CA ASP C 338 -1.55 41.76 0.39
C ASP C 338 -0.92 41.28 -0.90
N TYR C 339 -0.46 42.23 -1.70
CA TYR C 339 0.15 41.90 -2.98
C TYR C 339 1.47 41.17 -2.77
N ASP C 340 1.54 39.93 -3.25
CA ASP C 340 2.79 39.18 -3.16
C ASP C 340 3.93 39.92 -3.83
N ALA C 341 3.62 40.73 -4.85
CA ALA C 341 4.65 41.54 -5.49
C ALA C 341 5.22 42.56 -4.51
N TYR C 342 4.34 43.25 -3.78
CA TYR C 342 4.81 44.25 -2.83
C TYR C 342 5.56 43.61 -1.67
N VAL C 343 5.07 42.47 -1.18
CA VAL C 343 5.77 41.76 -0.11
C VAL C 343 7.16 41.34 -0.58
N SER C 344 7.24 40.73 -1.76
CA SER C 344 8.53 40.32 -2.31
C SER C 344 9.46 41.52 -2.47
N SER C 345 8.95 42.64 -2.97
CA SER C 345 9.80 43.81 -3.18
C SER C 345 10.29 44.37 -1.86
N ALA C 346 9.43 44.35 -0.83
CA ALA C 346 9.84 44.81 0.49
C ALA C 346 10.92 43.90 1.07
N ILE C 347 10.75 42.59 0.93
CA ILE C 347 11.79 41.66 1.36
C ILE C 347 13.09 41.95 0.64
N VAL C 348 13.03 42.18 -0.67
CA VAL C 348 14.24 42.40 -1.46
C VAL C 348 14.93 43.68 -1.03
N ASP C 349 14.15 44.75 -0.81
CA ASP C 349 14.74 46.01 -0.38
C ASP C 349 15.36 45.87 1.00
N LEU C 350 14.70 45.15 1.90
CA LEU C 350 15.25 44.91 3.23
C LEU C 350 16.58 44.17 3.14
N PHE C 351 16.59 43.03 2.45
CA PHE C 351 17.82 42.27 2.29
C PHE C 351 18.92 43.11 1.66
N THR C 352 18.59 43.88 0.62
CA THR C 352 19.57 44.73 -0.03
C THR C 352 20.14 45.76 0.94
N GLY C 353 19.30 46.31 1.80
CA GLY C 353 19.80 47.23 2.81
C GLY C 353 20.72 46.54 3.81
N LEU C 354 20.37 45.31 4.18
CA LEU C 354 21.20 44.54 5.11
C LEU C 354 22.47 44.00 4.45
N GLY C 355 22.63 44.16 3.14
CA GLY C 355 23.76 43.58 2.44
C GLY C 355 23.62 42.11 2.14
N TRP C 356 22.39 41.59 2.10
CA TRP C 356 22.15 40.16 1.91
C TRP C 356 21.80 39.87 0.45
N ALA C 357 22.76 40.12 -0.43
CA ALA C 357 22.53 39.90 -1.86
C ALA C 357 22.26 38.43 -2.15
N ALA C 358 23.02 37.53 -1.54
CA ALA C 358 22.81 36.12 -1.77
C ALA C 358 21.42 35.69 -1.34
N HIS C 359 20.95 36.22 -0.21
CA HIS C 359 19.58 35.94 0.21
C HIS C 359 18.57 36.55 -0.76
N VAL C 360 18.88 37.72 -1.34
CA VAL C 360 18.01 38.30 -2.35
C VAL C 360 17.82 37.33 -3.50
N GLN C 361 18.93 36.78 -4.01
CA GLN C 361 18.85 35.85 -5.14
C GLN C 361 18.16 34.55 -4.74
N THR C 362 18.46 34.04 -3.55
CA THR C 362 17.79 32.83 -3.08
C THR C 362 16.28 33.05 -3.01
N HIS C 363 15.85 34.19 -2.49
CA HIS C 363 14.43 34.49 -2.36
C HIS C 363 13.77 34.62 -3.72
N LYS C 364 14.41 35.34 -4.65
CA LYS C 364 13.85 35.47 -5.99
C LYS C 364 13.77 34.13 -6.68
N LYS C 365 14.79 33.29 -6.52
CA LYS C 365 14.77 31.96 -7.12
C LYS C 365 13.64 31.10 -6.57
N ILE C 366 13.48 31.10 -5.24
CA ILE C 366 12.41 30.32 -4.64
C ILE C 366 11.05 30.82 -5.12
N GLU C 367 10.88 32.14 -5.20
CA GLU C 367 9.63 32.69 -5.69
C GLU C 367 9.38 32.27 -7.14
N LYS C 368 10.37 32.44 -8.01
CA LYS C 368 10.19 32.13 -9.42
C LYS C 368 9.88 30.66 -9.64
N GLU C 369 10.65 29.76 -9.03
CA GLU C 369 10.53 28.34 -9.30
C GLU C 369 9.40 27.68 -8.52
N ALA C 370 9.32 27.92 -7.22
CA ALA C 370 8.33 27.26 -6.38
C ALA C 370 7.01 28.01 -6.35
N TYR C 371 7.01 29.30 -6.68
CA TYR C 371 5.80 30.13 -6.65
C TYR C 371 5.70 30.88 -7.98
N PRO C 372 5.32 30.19 -9.06
CA PRO C 372 5.26 30.87 -10.35
C PRO C 372 4.11 31.86 -10.45
N MET C 373 3.09 31.72 -9.60
CA MET C 373 1.95 32.61 -9.65
C MET C 373 2.35 34.06 -9.41
N CYS C 374 3.42 34.27 -8.66
CA CYS C 374 3.81 35.63 -8.29
C CYS C 374 4.18 36.44 -9.53
N ASP C 375 4.86 35.83 -10.49
CA ASP C 375 5.18 36.53 -11.73
C ASP C 375 4.07 36.38 -12.76
N ALA C 376 3.44 35.21 -12.84
CA ALA C 376 2.38 34.99 -13.82
C ALA C 376 1.20 35.90 -13.55
N ASN C 377 0.79 36.03 -12.29
CA ASN C 377 -0.36 36.84 -11.91
C ASN C 377 0.10 38.07 -11.14
N PRO C 378 0.18 39.24 -11.77
CA PRO C 378 0.52 40.44 -11.00
C PRO C 378 -0.33 40.63 -9.75
N GLN C 379 -1.61 40.26 -9.81
CA GLN C 379 -2.51 40.41 -8.67
C GLN C 379 -2.59 39.07 -7.92
N SER C 380 -1.48 38.73 -7.27
CA SER C 380 -1.36 37.48 -6.54
C SER C 380 -1.49 37.76 -5.04
N THR C 381 -2.27 36.92 -4.35
CA THR C 381 -2.55 37.11 -2.94
C THR C 381 -2.49 35.79 -2.18
N HIS C 382 -1.65 34.84 -2.63
CA HIS C 382 -1.73 33.48 -2.13
C HIS C 382 -0.36 32.84 -1.90
N ALA C 383 0.72 33.60 -1.93
CA ALA C 383 2.04 33.04 -1.70
C ALA C 383 2.56 33.33 -0.30
N TYR C 384 2.66 34.59 0.09
CA TYR C 384 3.24 34.97 1.37
C TYR C 384 2.14 35.12 2.42
N VAL C 385 2.47 34.77 3.66
CA VAL C 385 1.50 34.80 4.75
C VAL C 385 2.04 35.54 5.96
N TRP C 386 3.37 35.59 6.10
CA TRP C 386 3.97 36.20 7.27
C TRP C 386 5.39 36.63 6.96
N ILE C 387 5.83 37.68 7.65
CA ILE C 387 7.21 38.14 7.63
C ILE C 387 7.65 38.34 9.08
N SER C 388 8.53 37.46 9.56
CA SER C 388 9.04 37.54 10.92
C SER C 388 10.29 38.40 10.95
N LEU C 389 10.39 39.24 11.97
CA LEU C 389 11.54 40.11 12.16
C LEU C 389 12.07 39.95 13.57
N ALA C 390 13.37 39.75 13.68
CA ALA C 390 14.06 39.69 14.95
C ALA C 390 15.48 40.18 14.76
N TYR C 391 16.10 40.58 15.85
CA TYR C 391 17.49 41.02 15.84
C TYR C 391 18.22 40.39 17.02
N LYS C 392 18.78 39.21 16.80
CA LYS C 392 19.65 38.57 17.77
C LYS C 392 21.02 39.25 17.71
N LYS C 393 21.84 38.99 18.72
CA LYS C 393 23.16 39.63 18.75
C LYS C 393 24.06 39.10 17.64
N THR C 394 23.70 37.95 17.07
CA THR C 394 24.31 37.54 15.80
C THR C 394 24.05 38.58 14.72
N GLY C 395 22.85 39.13 14.69
CA GLY C 395 22.45 40.08 13.68
C GLY C 395 20.97 39.95 13.37
N PRO C 396 20.54 40.52 12.25
CA PRO C 396 19.13 40.39 11.87
C PRO C 396 18.73 38.93 11.64
N TYR C 397 17.45 38.67 11.85
CA TYR C 397 16.88 37.33 11.74
C TYR C 397 15.50 37.49 11.12
N ILE C 398 15.41 37.26 9.82
CA ILE C 398 14.20 37.48 9.05
C ILE C 398 13.77 36.17 8.43
N THR C 399 12.60 35.69 8.81
CA THR C 399 11.99 34.55 8.16
C THR C 399 10.85 35.02 7.25
N VAL C 400 10.69 34.31 6.15
CA VAL C 400 9.71 34.66 5.12
C VAL C 400 8.82 33.43 4.93
N TYR C 401 7.58 33.52 5.40
CA TYR C 401 6.64 32.41 5.32
C TYR C 401 5.88 32.50 4.02
N THR C 402 5.48 31.33 3.53
CA THR C 402 4.83 31.21 2.24
C THR C 402 3.85 30.05 2.30
N ASN C 403 2.69 30.22 1.69
CA ASN C 403 1.74 29.14 1.62
C ASN C 403 2.25 28.12 0.62
N PRO C 404 2.71 26.96 1.06
CA PRO C 404 3.28 26.01 0.10
C PRO C 404 2.24 25.36 -0.78
N GLY C 405 0.97 25.48 -0.42
CA GLY C 405 -0.11 24.99 -1.25
C GLY C 405 -0.82 26.11 -1.99
N ALA C 406 -0.07 27.16 -2.35
CA ALA C 406 -0.65 28.24 -3.13
C ALA C 406 -1.13 27.75 -4.50
N SER C 407 -0.49 26.71 -5.05
CA SER C 407 -0.98 26.09 -6.27
C SER C 407 -2.45 25.74 -6.16
N ILE C 408 -2.94 25.46 -4.95
CA ILE C 408 -4.33 25.06 -4.79
C ILE C 408 -5.25 26.28 -4.83
N LEU C 409 -4.77 27.41 -4.33
CA LEU C 409 -5.62 28.60 -4.27
C LEU C 409 -5.69 29.32 -5.62
N GLU C 410 -4.61 29.32 -6.37
CA GLU C 410 -4.59 29.88 -7.71
C GLU C 410 -5.17 28.89 -8.72
N SER D 1 -16.65 -23.46 -3.97
CA SER D 1 -16.39 -22.00 -3.87
C SER D 1 -15.46 -21.70 -2.72
N PRO D 2 -14.55 -20.73 -2.89
CA PRO D 2 -13.60 -20.43 -1.82
C PRO D 2 -14.29 -19.85 -0.59
N SER D 3 -13.68 -20.09 0.56
CA SER D 3 -14.17 -19.51 1.79
C SER D 3 -13.75 -18.05 1.89
N PRO D 4 -14.53 -17.23 2.58
CA PRO D 4 -14.25 -15.78 2.57
C PRO D 4 -12.80 -15.41 2.87
N TRP D 5 -12.14 -16.14 3.78
CA TRP D 5 -10.78 -15.78 4.15
C TRP D 5 -9.79 -16.13 3.03
N ASP D 6 -9.98 -17.26 2.37
CA ASP D 6 -9.17 -17.58 1.21
C ASP D 6 -9.25 -16.47 0.16
N PHE D 7 -10.46 -16.19 -0.33
CA PHE D 7 -10.63 -15.18 -1.36
C PHE D 7 -10.10 -13.83 -0.90
N LEU D 8 -10.39 -13.45 0.34
CA LEU D 8 -9.96 -12.15 0.84
C LEU D 8 -8.44 -12.05 0.87
N GLY D 9 -7.76 -13.05 1.43
CA GLY D 9 -6.31 -13.04 1.41
C GLY D 9 -5.75 -13.02 0.00
N ARG D 10 -6.51 -13.56 -0.95
CA ARG D 10 -6.08 -13.51 -2.34
C ARG D 10 -6.21 -12.10 -2.91
N VAL D 11 -7.25 -11.37 -2.53
CA VAL D 11 -7.50 -10.06 -3.13
C VAL D 11 -6.89 -8.94 -2.29
N LEU D 12 -6.96 -9.04 -0.97
CA LEU D 12 -6.72 -7.88 -0.12
C LEU D 12 -5.27 -7.41 -0.22
N GLN D 13 -5.12 -6.13 -0.14
CA GLN D 13 -3.86 -5.52 -0.09
C GLN D 13 -3.56 -5.21 1.32
N PHE D 14 -2.35 -5.41 1.80
CA PHE D 14 -2.01 -5.28 3.18
C PHE D 14 -1.04 -4.27 3.32
N GLN D 15 -1.22 -3.33 4.22
CA GLN D 15 -0.33 -2.19 4.44
C GLN D 15 1.03 -2.63 4.95
N HIS D 16 1.12 -3.81 5.58
CA HIS D 16 2.36 -4.29 6.14
C HIS D 16 2.39 -5.82 6.08
N GLY D 17 3.59 -6.37 6.05
CA GLY D 17 3.74 -7.81 5.98
C GLY D 17 3.27 -8.51 7.24
N ASP D 18 3.48 -7.86 8.40
CA ASP D 18 2.99 -8.42 9.65
C ASP D 18 1.49 -8.59 9.61
N HIS D 19 0.78 -7.69 8.95
CA HIS D 19 -0.66 -7.83 8.82
C HIS D 19 -1.00 -9.05 7.97
N LYS D 20 -0.21 -9.31 6.93
CA LYS D 20 -0.43 -10.47 6.09
C LYS D 20 -0.18 -11.77 6.87
N ARG D 21 0.89 -11.80 7.66
CA ARG D 21 1.16 -12.97 8.48
C ARG D 21 0.06 -13.21 9.51
N TRP D 22 -0.33 -12.15 10.23
CA TRP D 22 -1.42 -12.26 11.19
C TRP D 22 -2.70 -12.74 10.51
N TRP D 23 -2.96 -12.24 9.31
CA TRP D 23 -4.13 -12.70 8.56
C TRP D 23 -4.04 -14.19 8.30
N ASP D 24 -2.95 -14.63 7.67
CA ASP D 24 -2.76 -16.05 7.39
C ASP D 24 -3.01 -16.90 8.62
N VAL D 25 -2.59 -16.41 9.79
CA VAL D 25 -2.75 -17.20 11.01
C VAL D 25 -4.20 -17.18 11.49
N LEU D 26 -4.81 -16.01 11.54
CA LEU D 26 -6.05 -15.80 12.29
C LEU D 26 -7.31 -15.88 11.44
N ALA D 27 -7.32 -15.29 10.26
CA ALA D 27 -8.50 -15.35 9.40
C ALA D 27 -9.03 -16.76 9.24
N PRO D 28 -8.21 -17.77 8.95
CA PRO D 28 -8.72 -19.14 9.02
C PRO D 28 -9.45 -19.44 10.31
N VAL D 29 -8.84 -19.14 11.46
CA VAL D 29 -9.44 -19.45 12.74
C VAL D 29 -10.75 -18.70 12.93
N PHE D 30 -10.71 -17.37 12.81
CA PHE D 30 -11.89 -16.55 13.03
C PHE D 30 -13.01 -16.94 12.08
N GLY D 31 -12.67 -17.12 10.80
CA GLY D 31 -13.68 -17.47 9.82
C GLY D 31 -14.28 -18.86 10.04
N ILE D 32 -13.45 -19.83 10.39
CA ILE D 32 -13.97 -21.16 10.68
C ILE D 32 -14.89 -21.12 11.90
N SER D 33 -14.52 -20.32 12.91
CA SER D 33 -15.38 -20.19 14.08
C SER D 33 -16.72 -19.57 13.72
N MET D 34 -16.69 -18.43 13.01
CA MET D 34 -17.92 -17.80 12.57
C MET D 34 -18.77 -18.73 11.73
N ALA D 35 -18.13 -19.46 10.81
CA ALA D 35 -18.88 -20.34 9.91
C ALA D 35 -19.49 -21.52 10.66
N SER D 36 -18.79 -22.05 11.65
CA SER D 36 -19.33 -23.15 12.43
C SER D 36 -20.48 -22.67 13.32
N ILE D 37 -20.39 -21.42 13.79
CA ILE D 37 -21.51 -20.83 14.50
C ILE D 37 -22.73 -20.75 13.60
N GLY D 38 -22.56 -20.24 12.39
CA GLY D 38 -23.64 -20.11 11.44
C GLY D 38 -23.75 -18.70 10.89
N TYR D 39 -22.68 -17.92 11.03
CA TYR D 39 -22.69 -16.58 10.48
C TYR D 39 -22.83 -16.65 8.96
N LYS D 40 -23.49 -15.63 8.41
CA LYS D 40 -23.74 -15.57 6.99
C LYS D 40 -22.52 -15.02 6.26
N LEU D 41 -22.35 -15.46 5.01
CA LEU D 41 -21.14 -15.16 4.26
C LEU D 41 -20.88 -13.66 4.21
N ASP D 42 -21.93 -12.85 4.05
CA ASP D 42 -21.74 -11.41 4.09
C ASP D 42 -21.25 -10.95 5.45
N VAL D 43 -21.73 -11.59 6.51
CA VAL D 43 -21.29 -11.23 7.86
C VAL D 43 -19.84 -11.62 8.06
N GLN D 44 -19.47 -12.83 7.60
CA GLN D 44 -18.06 -13.23 7.63
C GLN D 44 -17.19 -12.23 6.88
N TYR D 45 -17.62 -11.82 5.70
CA TYR D 45 -16.86 -10.84 4.93
C TYR D 45 -16.68 -9.55 5.70
N ARG D 46 -17.78 -9.01 6.24
CA ARG D 46 -17.71 -7.77 6.99
C ARG D 46 -16.79 -7.89 8.19
N HIS D 47 -16.89 -8.99 8.94
CA HIS D 47 -16.12 -9.13 10.17
C HIS D 47 -14.66 -9.37 9.87
N LEU D 48 -14.34 -10.13 8.83
CA LEU D 48 -12.96 -10.31 8.43
C LEU D 48 -12.36 -9.04 7.87
N LEU D 49 -13.17 -8.20 7.23
CA LEU D 49 -12.67 -6.91 6.77
C LEU D 49 -12.44 -5.96 7.94
N VAL D 50 -13.26 -6.06 8.97
CA VAL D 50 -12.99 -5.34 10.21
C VAL D 50 -11.67 -5.80 10.81
N LEU D 51 -11.52 -7.11 10.99
CA LEU D 51 -10.25 -7.65 11.47
C LEU D 51 -9.08 -7.22 10.59
N TYR D 52 -9.18 -6.96 9.37
CA TYR D 52 -8.17 -6.50 8.49
C TYR D 52 -7.90 -5.04 8.61
N ASP D 53 -8.92 -4.23 8.78
CA ASP D 53 -8.70 -2.79 8.76
C ASP D 53 -8.41 -2.22 10.15
N ALA D 54 -9.19 -2.62 11.16
CA ALA D 54 -9.10 -2.02 12.48
C ALA D 54 -8.16 -2.79 13.40
N VAL D 55 -8.23 -4.11 13.38
CA VAL D 55 -7.62 -4.93 14.42
C VAL D 55 -6.16 -5.27 14.09
N ILE D 56 -5.94 -5.99 13.00
CA ILE D 56 -4.63 -6.56 12.70
C ILE D 56 -3.58 -5.46 12.63
N PRO D 57 -3.87 -4.30 12.05
CA PRO D 57 -2.92 -3.19 12.15
C PRO D 57 -2.62 -2.77 13.57
N ASN D 58 -3.38 -3.29 14.53
CA ASN D 58 -3.20 -2.99 15.95
C ASN D 58 -2.95 -4.25 16.77
N MET D 59 -2.51 -5.33 16.12
CA MET D 59 -2.03 -6.52 16.81
C MET D 59 -0.57 -6.41 17.18
N GLY D 60 0.20 -5.61 16.45
CA GLY D 60 1.61 -5.49 16.69
C GLY D 60 2.42 -6.40 15.80
N PRO D 61 3.72 -6.46 16.05
CA PRO D 61 4.59 -7.30 15.23
C PRO D 61 4.14 -8.76 15.25
N PHE D 62 4.45 -9.45 14.17
CA PHE D 62 4.22 -10.89 14.12
C PHE D 62 5.46 -11.61 14.63
N PRO D 63 5.32 -12.53 15.57
CA PRO D 63 6.51 -13.15 16.16
C PRO D 63 7.30 -13.94 15.13
N ASN D 64 8.60 -13.65 15.06
CA ASN D 64 9.49 -14.30 14.12
C ASN D 64 10.07 -15.57 14.74
N SER D 65 11.09 -16.12 14.09
CA SER D 65 11.74 -17.33 14.56
C SER D 65 12.00 -17.28 16.07
N ASN D 66 12.67 -16.22 16.53
CA ASN D 66 13.13 -16.11 17.90
C ASN D 66 12.35 -15.11 18.73
N ALA D 67 11.28 -14.53 18.16
CA ALA D 67 10.51 -13.49 18.84
C ALA D 67 11.41 -12.33 19.27
N SER D 68 12.34 -11.97 18.38
CA SER D 68 13.20 -10.82 18.59
C SER D 68 12.49 -9.50 18.32
N ASN D 69 11.42 -9.52 17.52
CA ASN D 69 10.71 -8.32 17.15
C ASN D 69 9.60 -7.95 18.14
N ILE D 70 9.38 -8.77 19.16
CA ILE D 70 8.35 -8.49 20.16
C ILE D 70 9.02 -7.63 21.24
N THR D 71 8.99 -6.31 21.02
CA THR D 71 9.56 -5.36 21.96
C THR D 71 8.59 -5.00 23.09
N TRP D 72 7.32 -5.37 22.98
CA TRP D 72 6.31 -5.11 23.99
C TRP D 72 6.18 -6.35 24.85
N THR D 73 6.87 -6.34 25.99
CA THR D 73 6.90 -7.51 26.87
C THR D 73 5.50 -7.80 27.39
N SER D 74 5.18 -9.10 27.49
CA SER D 74 3.88 -9.52 27.96
C SER D 74 3.92 -10.98 28.36
N PRO D 75 3.20 -11.40 29.40
CA PRO D 75 3.11 -12.83 29.70
C PRO D 75 2.43 -13.62 28.59
N PHE D 76 1.49 -13.01 27.90
CA PHE D 76 0.74 -13.69 26.87
C PHE D 76 1.56 -13.74 25.57
N PRO D 77 1.43 -14.80 24.78
CA PRO D 77 2.11 -14.83 23.49
C PRO D 77 1.57 -13.73 22.60
N PRO D 78 2.38 -13.25 21.66
CA PRO D 78 1.93 -12.15 20.80
C PRO D 78 0.68 -12.51 20.02
N GLY D 79 -0.23 -11.56 19.91
CA GLY D 79 -1.46 -11.75 19.18
C GLY D 79 -2.67 -11.60 20.07
N PRO D 80 -3.82 -12.02 19.56
CA PRO D 80 -5.03 -11.97 20.37
C PRO D 80 -4.88 -12.78 21.64
N LEU D 81 -5.28 -12.19 22.75
CA LEU D 81 -5.27 -12.90 24.02
C LEU D 81 -6.22 -14.08 23.99
N GLU D 82 -7.21 -14.00 23.14
CA GLU D 82 -8.13 -15.05 22.98
C GLU D 82 -9.01 -14.91 21.79
N ALA D 83 -9.62 -15.99 21.33
CA ALA D 83 -10.67 -15.99 20.33
C ALA D 83 -11.73 -16.95 20.82
N SER D 84 -12.86 -16.40 21.26
CA SER D 84 -13.81 -17.12 22.08
C SER D 84 -15.14 -17.28 21.34
N VAL D 85 -15.83 -18.36 21.67
CA VAL D 85 -17.20 -18.60 21.24
C VAL D 85 -18.02 -18.83 22.50
N ASN D 86 -18.97 -17.93 22.75
CA ASN D 86 -19.90 -18.07 23.86
C ASN D 86 -21.01 -19.03 23.46
N TYR D 87 -21.43 -19.86 24.40
CA TYR D 87 -22.49 -20.83 24.18
C TYR D 87 -23.56 -20.64 25.24
N GLN D 88 -24.79 -20.36 24.80
CA GLN D 88 -25.93 -20.23 25.69
C GLN D 88 -27.02 -21.19 25.26
N ALA D 89 -28.08 -21.26 26.06
CA ALA D 89 -29.21 -22.11 25.73
C ALA D 89 -29.90 -21.62 24.46
N GLY D 90 -30.55 -22.55 23.76
CA GLY D 90 -31.24 -22.22 22.53
C GLY D 90 -30.34 -22.13 21.32
N GLU D 91 -29.20 -22.81 21.34
CA GLU D 91 -28.26 -22.81 20.22
C GLU D 91 -27.74 -21.40 19.92
N SER D 92 -27.75 -20.54 20.93
CA SER D 92 -27.20 -19.19 20.81
C SER D 92 -25.69 -19.27 20.92
N SER D 93 -25.00 -18.75 19.90
CA SER D 93 -23.55 -18.75 19.86
C SER D 93 -23.08 -17.45 19.20
N MET D 94 -22.16 -16.76 19.85
CA MET D 94 -21.64 -15.49 19.40
C MET D 94 -20.11 -15.56 19.37
N PHE D 95 -19.52 -15.11 18.28
CA PHE D 95 -18.07 -15.08 18.17
C PHE D 95 -17.56 -13.76 18.70
N ARG D 96 -16.44 -13.75 19.40
CA ARG D 96 -15.87 -12.62 19.98
C ARG D 96 -14.43 -12.90 20.05
N PHE D 97 -13.62 -11.94 20.15
CA PHE D 97 -12.19 -12.09 20.26
C PHE D 97 -11.61 -10.87 20.94
N THR D 98 -10.57 -11.08 21.74
CA THR D 98 -9.96 -10.03 22.53
C THR D 98 -8.56 -9.76 22.01
N ILE D 99 -8.18 -8.49 22.05
CA ILE D 99 -6.87 -8.05 21.62
C ILE D 99 -6.39 -6.99 22.60
N GLU D 100 -5.12 -7.09 22.98
CA GLU D 100 -4.45 -5.96 23.60
C GLU D 100 -3.84 -5.11 22.50
N PRO D 101 -4.40 -3.95 22.18
CA PRO D 101 -3.87 -3.18 21.05
C PRO D 101 -2.42 -2.79 21.28
N VAL D 102 -1.56 -3.26 20.40
CA VAL D 102 -0.12 -3.01 20.46
C VAL D 102 0.26 -2.27 19.18
N GLY D 103 1.17 -1.32 19.31
CA GLY D 103 1.66 -0.59 18.17
C GLY D 103 2.84 -1.27 17.53
N PRO D 104 3.19 -0.84 16.32
CA PRO D 104 4.34 -1.43 15.65
C PRO D 104 5.65 -1.15 16.35
N HIS D 105 5.71 -0.10 17.16
CA HIS D 105 6.92 0.30 17.86
C HIS D 105 6.69 0.41 19.36
N ALA D 106 5.72 -0.32 19.89
CA ALA D 106 5.48 -0.34 21.32
C ALA D 106 6.61 -1.05 22.04
N GLY D 107 6.96 -0.52 23.22
CA GLY D 107 8.10 -1.03 23.96
C GLY D 107 9.42 -0.37 23.62
N THR D 108 9.46 0.41 22.55
CA THR D 108 10.65 1.13 22.13
C THR D 108 10.59 2.57 22.62
N PRO D 109 11.70 3.31 22.50
CA PRO D 109 11.69 4.70 23.00
C PRO D 109 10.64 5.57 22.35
N ALA D 110 10.03 5.14 21.25
CA ALA D 110 9.04 5.97 20.58
C ALA D 110 7.65 5.78 21.19
N ASP D 111 7.30 4.54 21.53
CA ASP D 111 6.01 4.21 22.13
C ASP D 111 6.26 3.31 23.33
N PRO D 112 6.95 3.82 24.36
CA PRO D 112 7.31 2.97 25.50
C PRO D 112 6.11 2.51 26.31
N VAL D 113 4.92 3.06 26.08
CA VAL D 113 3.74 2.71 26.85
C VAL D 113 2.58 2.28 25.97
N ASN D 114 2.74 2.27 24.66
CA ASN D 114 1.72 1.78 23.74
C ASN D 114 0.41 2.54 23.94
N GLU D 115 0.46 3.84 23.69
CA GLU D 115 -0.64 4.73 24.00
C GLU D 115 -1.65 4.87 22.85
N LEU D 116 -1.18 4.85 21.61
CA LEU D 116 -2.04 5.18 20.47
C LEU D 116 -2.76 4.00 19.86
N ALA D 117 -2.34 2.76 20.14
CA ALA D 117 -2.91 1.61 19.45
C ALA D 117 -4.40 1.47 19.74
N ALA D 118 -4.79 1.52 21.01
CA ALA D 118 -6.19 1.35 21.36
C ALA D 118 -7.05 2.48 20.82
N LYS D 119 -6.53 3.71 20.85
CA LYS D 119 -7.29 4.85 20.35
C LYS D 119 -7.45 4.77 18.84
N GLN D 120 -6.38 4.40 18.12
CA GLN D 120 -6.47 4.15 16.69
C GLN D 120 -7.51 3.07 16.39
N LEU D 121 -7.49 1.98 17.14
CA LEU D 121 -8.45 0.90 16.92
C LEU D 121 -9.87 1.39 17.10
N MET D 122 -10.13 2.14 18.16
CA MET D 122 -11.46 2.67 18.39
C MET D 122 -11.87 3.65 17.31
N GLN D 123 -10.94 4.49 16.87
CA GLN D 123 -11.22 5.44 15.81
C GLN D 123 -11.61 4.73 14.52
N ARG D 124 -10.79 3.79 14.07
CA ARG D 124 -11.13 3.00 12.90
C ARG D 124 -12.48 2.33 13.07
N LEU D 125 -12.72 1.72 14.23
CA LEU D 125 -13.96 0.98 14.43
C LEU D 125 -15.18 1.88 14.39
N GLY D 126 -15.06 3.09 14.91
CA GLY D 126 -16.17 4.03 14.83
C GLY D 126 -16.35 4.57 13.43
N GLN D 127 -15.25 4.70 12.68
CA GLN D 127 -15.34 5.11 11.28
C GLN D 127 -16.02 4.05 10.43
N LEU D 128 -15.79 2.77 10.75
CA LEU D 128 -16.42 1.68 10.00
C LEU D 128 -17.88 1.48 10.38
N GLN D 129 -18.25 1.74 11.62
CA GLN D 129 -19.65 1.72 12.05
C GLN D 129 -19.93 2.98 12.86
N PRO D 130 -20.12 4.11 12.18
CA PRO D 130 -20.44 5.35 12.91
C PRO D 130 -21.70 5.18 13.74
N GLY D 131 -21.60 5.49 15.03
CA GLY D 131 -22.68 5.32 15.95
C GLY D 131 -22.67 4.04 16.74
N GLY D 132 -21.75 3.12 16.43
CA GLY D 132 -21.67 1.88 17.17
C GLY D 132 -20.84 2.00 18.43
N VAL D 133 -19.86 2.89 18.41
CA VAL D 133 -18.94 3.07 19.53
C VAL D 133 -19.29 4.37 20.25
N ASP D 134 -19.69 4.24 21.52
CA ASP D 134 -19.95 5.37 22.39
C ASP D 134 -18.84 5.47 23.43
N SER D 135 -18.22 6.65 23.52
CA SER D 135 -17.05 6.85 24.36
C SER D 135 -17.37 7.53 25.69
N THR D 136 -18.65 7.64 26.06
CA THR D 136 -19.00 8.21 27.35
C THR D 136 -18.26 7.53 28.48
N MET D 137 -18.44 6.21 28.61
CA MET D 137 -17.78 5.47 29.68
C MET D 137 -16.28 5.48 29.48
N PHE D 138 -15.81 5.32 28.25
CA PHE D 138 -14.38 5.39 28.00
C PHE D 138 -13.83 6.76 28.37
N ASP D 139 -14.56 7.81 28.03
CA ASP D 139 -14.08 9.16 28.31
C ASP D 139 -14.05 9.42 29.81
N HIS D 140 -14.95 8.78 30.56
CA HIS D 140 -14.95 8.97 32.02
C HIS D 140 -13.85 8.16 32.68
N PHE D 141 -13.63 6.92 32.24
CA PHE D 141 -12.72 6.02 32.93
C PHE D 141 -11.28 6.11 32.45
N TYR D 142 -11.03 6.66 31.27
CA TYR D 142 -9.66 6.71 30.76
C TYR D 142 -8.74 7.54 31.65
N PRO D 143 -9.14 8.72 32.13
CA PRO D 143 -8.24 9.47 33.04
C PRO D 143 -8.14 8.82 34.41
N LEU D 144 -9.18 8.15 34.87
CA LEU D 144 -9.18 7.60 36.21
C LEU D 144 -8.34 6.33 36.30
N LEU D 145 -8.55 5.39 35.39
CA LEU D 145 -7.90 4.10 35.42
C LEU D 145 -6.66 4.01 34.54
N CYS D 146 -6.69 4.58 33.35
CA CYS D 146 -5.57 4.47 32.42
C CYS D 146 -4.57 5.59 32.62
N VAL D 147 -3.33 5.32 32.22
CA VAL D 147 -2.24 6.28 32.29
C VAL D 147 -1.88 6.69 30.87
N ASP D 148 -2.05 7.97 30.57
CA ASP D 148 -1.68 8.48 29.27
C ASP D 148 -0.16 8.41 29.09
N GLY D 149 0.31 8.77 27.90
CA GLY D 149 1.70 8.67 27.57
C GLY D 149 2.57 9.63 28.34
N PRO D 150 2.21 10.91 28.34
CA PRO D 150 3.00 11.89 29.10
C PRO D 150 3.18 11.51 30.57
N GLU D 151 2.10 11.13 31.24
CA GLU D 151 2.21 10.74 32.64
C GLU D 151 3.17 9.56 32.81
N ALA D 152 2.96 8.48 32.04
CA ALA D 152 3.82 7.32 32.15
C ALA D 152 5.29 7.67 31.88
N ARG D 153 5.54 8.63 30.99
CA ARG D 153 6.91 9.00 30.69
C ARG D 153 7.53 9.82 31.80
N ARG D 154 6.75 10.73 32.40
CA ARG D 154 7.25 11.48 33.55
C ARG D 154 7.41 10.58 34.76
N GLN D 155 6.46 9.67 34.97
CA GLN D 155 6.45 8.77 36.11
C GLN D 155 7.00 7.39 35.75
N TRP D 156 8.01 7.34 34.88
CA TRP D 156 8.53 6.06 34.41
C TRP D 156 9.17 5.26 35.54
N ASP D 157 10.05 5.90 36.32
CA ASP D 157 10.75 5.20 37.37
C ASP D 157 9.79 4.46 38.30
N SER D 158 8.54 4.90 38.39
CA SER D 158 7.58 4.24 39.25
C SER D 158 7.04 2.95 38.63
N ILE D 159 7.03 2.87 37.30
CA ILE D 159 6.43 1.75 36.59
C ILE D 159 7.41 0.99 35.73
N ALA D 160 8.68 1.43 35.67
CA ALA D 160 9.65 0.74 34.83
C ALA D 160 9.86 -0.70 35.28
N HIS D 161 9.70 -0.98 36.56
CA HIS D 161 9.84 -2.34 37.06
C HIS D 161 8.72 -3.25 36.60
N ILE D 162 7.59 -2.69 36.17
CA ILE D 162 6.45 -3.52 35.77
C ILE D 162 6.76 -4.18 34.45
N TYR D 163 6.44 -5.48 34.35
CA TYR D 163 6.79 -6.26 33.17
C TYR D 163 5.78 -6.03 32.05
N HIS D 164 4.50 -6.20 32.36
CA HIS D 164 3.42 -5.98 31.41
C HIS D 164 2.82 -4.60 31.69
N LYS D 165 3.29 -3.60 30.95
CA LYS D 165 2.79 -2.24 31.10
C LYS D 165 1.50 -2.04 30.30
N CYS D 166 0.53 -2.90 30.58
CA CYS D 166 -0.76 -2.85 29.93
C CYS D 166 -1.67 -1.85 30.64
N HIS D 167 -2.43 -1.10 29.85
CA HIS D 167 -3.34 -0.11 30.40
C HIS D 167 -4.72 -0.13 29.79
N THR D 168 -4.91 -0.71 28.60
CA THR D 168 -6.22 -0.81 27.99
C THR D 168 -6.22 -1.99 27.04
N VAL D 169 -7.23 -2.84 27.17
CA VAL D 169 -7.43 -4.01 26.33
C VAL D 169 -8.79 -3.89 25.67
N THR D 170 -8.87 -4.29 24.40
CA THR D 170 -10.06 -4.14 23.60
C THR D 170 -10.55 -5.51 23.13
N ALA D 171 -11.80 -5.81 23.41
CA ALA D 171 -12.48 -6.99 22.89
C ALA D 171 -13.57 -6.56 21.92
N LEU D 172 -13.71 -7.32 20.84
CA LEU D 172 -14.73 -7.07 19.85
C LEU D 172 -15.70 -8.25 19.84
N ASP D 173 -16.89 -8.03 20.38
CA ASP D 173 -17.99 -8.94 20.14
C ASP D 173 -18.40 -8.80 18.68
N MET D 174 -18.51 -9.93 18.00
CA MET D 174 -18.73 -9.93 16.55
C MET D 174 -20.10 -10.54 16.31
N GLN D 175 -21.12 -9.69 16.33
CA GLN D 175 -22.49 -10.15 16.31
C GLN D 175 -22.86 -10.75 14.96
N ARG D 176 -23.83 -11.66 14.99
CA ARG D 176 -24.38 -12.24 13.79
C ARG D 176 -24.97 -11.20 12.86
N SER D 177 -25.22 -9.99 13.36
CA SER D 177 -25.80 -8.89 12.59
C SER D 177 -24.75 -8.02 11.92
N ALA D 178 -23.49 -8.45 11.92
CA ALA D 178 -22.35 -7.74 11.35
C ALA D 178 -21.97 -6.52 12.19
N ALA D 179 -22.64 -6.29 13.31
CA ALA D 179 -22.30 -5.20 14.21
C ALA D 179 -21.25 -5.67 15.21
N CYS D 180 -20.23 -4.85 15.42
CA CYS D 180 -19.16 -5.18 16.36
C CYS D 180 -19.26 -4.29 17.58
N THR D 181 -19.59 -4.89 18.72
CA THR D 181 -19.59 -4.20 20.00
C THR D 181 -18.20 -4.20 20.58
N LEU D 182 -17.68 -3.00 20.85
CA LEU D 182 -16.36 -2.83 21.42
C LEU D 182 -16.45 -2.87 22.95
N LYS D 183 -15.56 -3.62 23.57
CA LYS D 183 -15.44 -3.70 25.01
C LYS D 183 -14.04 -3.30 25.41
N THR D 184 -13.93 -2.45 26.43
CA THR D 184 -12.66 -1.93 26.89
C THR D 184 -12.39 -2.43 28.29
N TYR D 185 -11.21 -3.00 28.50
CA TYR D 185 -10.75 -3.46 29.79
C TYR D 185 -9.62 -2.55 30.25
N PHE D 186 -9.74 -2.01 31.45
CA PHE D 186 -8.72 -1.13 32.00
C PHE D 186 -8.04 -1.78 33.20
N PRO D 187 -6.83 -2.30 33.05
CA PRO D 187 -6.04 -2.64 34.23
C PRO D 187 -5.32 -1.42 34.76
N PRO D 188 -5.72 -0.90 35.93
CA PRO D 188 -5.15 0.35 36.42
C PRO D 188 -3.84 0.17 37.18
N LEU D 189 -3.19 -0.98 37.01
CA LEU D 189 -1.96 -1.24 37.74
C LEU D 189 -0.97 -0.10 37.61
N LEU D 190 -0.77 0.42 36.40
CA LEU D 190 0.10 1.58 36.24
C LEU D 190 -0.44 2.78 37.01
N ARG D 191 -1.76 3.00 36.96
CA ARG D 191 -2.36 4.10 37.70
C ARG D 191 -2.09 3.96 39.19
N SER D 192 -2.39 2.80 39.76
CA SER D 192 -2.14 2.57 41.17
C SER D 192 -0.67 2.76 41.51
N THR D 193 0.23 2.24 40.68
CA THR D 193 1.65 2.33 40.95
C THR D 193 2.12 3.78 40.96
N ILE D 194 1.65 4.58 40.00
CA ILE D 194 2.07 5.98 39.93
C ILE D 194 1.50 6.76 41.11
N MET D 195 0.20 6.59 41.36
CA MET D 195 -0.46 7.27 42.47
C MET D 195 -0.24 6.58 43.80
N ASN D 196 0.37 5.39 43.80
CA ASN D 196 0.59 4.63 45.03
C ASN D 196 -0.71 4.51 45.82
N THR D 197 -1.75 4.00 45.16
CA THR D 197 -3.09 3.92 45.72
C THR D 197 -3.63 2.51 45.53
N SER D 198 -4.50 2.10 46.44
CA SER D 198 -5.12 0.78 46.35
C SER D 198 -5.85 0.63 45.02
N MET D 199 -5.71 -0.55 44.43
CA MET D 199 -6.45 -0.88 43.22
C MET D 199 -7.95 -0.81 43.47
N VAL D 200 -8.40 -1.53 44.49
CA VAL D 200 -9.82 -1.53 44.87
C VAL D 200 -10.34 -0.10 44.94
N ASP D 201 -9.63 0.76 45.66
CA ASP D 201 -10.17 2.08 45.97
C ASP D 201 -10.28 2.94 44.72
N ILE D 202 -9.26 2.93 43.86
CA ILE D 202 -9.32 3.77 42.66
C ILE D 202 -10.38 3.24 41.70
N MET D 203 -10.44 1.92 41.51
CA MET D 203 -11.46 1.36 40.62
C MET D 203 -12.85 1.75 41.08
N PHE D 204 -13.14 1.55 42.36
CA PHE D 204 -14.49 1.80 42.84
C PHE D 204 -14.79 3.28 43.01
N ASP D 205 -13.76 4.11 43.23
CA ASP D 205 -13.97 5.54 43.21
C ASP D 205 -14.32 6.02 41.81
N ALA D 206 -13.69 5.45 40.79
CA ALA D 206 -14.07 5.76 39.42
C ALA D 206 -15.50 5.32 39.14
N VAL D 207 -15.87 4.12 39.58
CA VAL D 207 -17.24 3.66 39.38
C VAL D 207 -18.24 4.58 40.06
N GLU D 208 -17.90 5.05 41.27
CA GLU D 208 -18.82 5.92 42.01
C GLU D 208 -18.91 7.31 41.37
N SER D 209 -17.76 7.82 40.92
CA SER D 209 -17.76 9.04 40.11
C SER D 209 -18.73 8.91 38.95
N PHE D 210 -18.65 7.80 38.21
CA PHE D 210 -19.55 7.62 37.07
C PHE D 210 -20.99 7.52 37.52
N ARG D 211 -21.24 6.86 38.65
CA ARG D 211 -22.59 6.80 39.21
C ARG D 211 -23.16 8.20 39.39
N LYS D 212 -22.43 9.05 40.12
CA LYS D 212 -22.96 10.38 40.44
C LYS D 212 -23.00 11.27 39.21
N GLN D 213 -22.11 11.04 38.24
CA GLN D 213 -22.07 11.82 37.01
C GLN D 213 -23.09 11.36 35.98
N SER D 214 -23.71 10.20 36.17
CA SER D 214 -24.61 9.64 35.19
C SER D 214 -26.01 9.34 35.72
N GLY D 215 -26.17 9.12 37.02
CA GLY D 215 -27.46 8.75 37.56
C GLY D 215 -27.81 7.31 37.31
N LEU D 216 -26.81 6.45 37.22
CA LEU D 216 -26.99 5.02 36.97
C LEU D 216 -26.52 4.24 38.18
N TYR D 217 -27.30 3.23 38.57
CA TYR D 217 -27.04 2.47 39.78
C TYR D 217 -26.09 1.33 39.46
N PHE D 218 -24.83 1.48 39.83
CA PHE D 218 -23.81 0.44 39.72
C PHE D 218 -23.43 0.04 41.13
N ASP D 219 -24.13 -0.96 41.67
CA ASP D 219 -23.93 -1.36 43.06
C ASP D 219 -22.58 -2.07 43.20
N TYR D 220 -21.65 -1.42 43.88
CA TYR D 220 -20.31 -1.96 44.11
C TYR D 220 -20.01 -2.16 45.59
N THR D 221 -21.04 -2.16 46.45
CA THR D 221 -20.82 -2.31 47.88
C THR D 221 -20.29 -3.70 48.21
N LYS D 222 -20.99 -4.74 47.74
CA LYS D 222 -20.58 -6.10 48.07
C LYS D 222 -19.19 -6.41 47.52
N ILE D 223 -18.91 -5.99 46.29
CA ILE D 223 -17.62 -6.26 45.68
C ILE D 223 -16.51 -5.61 46.47
N LYS D 224 -16.70 -4.34 46.85
CA LYS D 224 -15.68 -3.62 47.61
C LYS D 224 -15.48 -4.26 48.98
N GLU D 225 -16.57 -4.56 49.69
CA GLU D 225 -16.45 -5.19 50.99
C GLU D 225 -15.67 -6.50 50.90
N PHE D 226 -16.02 -7.36 49.95
CA PHE D 226 -15.31 -8.63 49.82
C PHE D 226 -13.84 -8.41 49.46
N MET D 227 -13.57 -7.58 48.47
CA MET D 227 -12.21 -7.42 47.97
C MET D 227 -11.32 -6.69 48.96
N SER D 228 -11.90 -5.98 49.93
CA SER D 228 -11.09 -5.31 50.95
C SER D 228 -10.71 -6.24 52.09
N GLU D 229 -11.45 -7.32 52.30
CA GLU D 229 -11.15 -8.25 53.37
C GLU D 229 -9.72 -8.78 53.26
N GLU D 230 -9.14 -9.13 54.41
CA GLU D 230 -7.78 -9.65 54.41
C GLU D 230 -7.73 -11.10 53.98
N LYS D 231 -8.72 -11.90 54.37
CA LYS D 231 -8.76 -13.29 53.93
C LYS D 231 -8.69 -13.40 52.41
N THR D 232 -9.46 -12.57 51.72
CA THR D 232 -9.44 -12.57 50.26
C THR D 232 -8.04 -12.29 49.73
N HIS D 233 -7.31 -11.38 50.37
CA HIS D 233 -5.99 -11.01 49.87
C HIS D 233 -4.99 -12.15 50.00
N GLU D 234 -5.26 -13.14 50.85
CA GLU D 234 -4.35 -14.27 50.96
C GLU D 234 -4.30 -15.05 49.66
N THR D 235 -5.44 -15.20 48.99
CA THR D 235 -5.53 -15.86 47.70
C THR D 235 -5.60 -14.90 46.53
N MET D 236 -6.23 -13.74 46.71
CA MET D 236 -6.56 -12.85 45.61
C MET D 236 -5.37 -11.96 45.26
N MET D 237 -4.81 -12.16 44.08
CA MET D 237 -3.85 -11.22 43.53
C MET D 237 -4.60 -9.99 43.03
N VAL D 238 -4.49 -8.89 43.76
CA VAL D 238 -5.20 -7.67 43.39
C VAL D 238 -4.38 -6.82 42.43
N ASP D 239 -3.07 -7.05 42.38
CA ASP D 239 -2.22 -6.44 41.37
C ASP D 239 -2.64 -6.82 39.96
N ARG D 240 -3.47 -7.85 39.81
CA ARG D 240 -3.87 -8.38 38.51
C ARG D 240 -5.33 -8.07 38.18
N SER D 241 -5.96 -7.14 38.90
CA SER D 241 -7.36 -6.86 38.70
C SER D 241 -7.54 -5.75 37.67
N TYR D 242 -8.73 -5.71 37.07
CA TYR D 242 -9.00 -4.75 36.01
C TYR D 242 -10.51 -4.56 35.89
N LEU D 243 -10.89 -3.44 35.28
CA LEU D 243 -12.27 -3.05 35.10
C LEU D 243 -12.64 -3.14 33.63
N SER D 244 -13.91 -3.44 33.37
CA SER D 244 -14.40 -3.57 32.00
C SER D 244 -15.78 -2.93 31.87
N PHE D 245 -16.03 -2.39 30.69
CA PHE D 245 -17.31 -1.80 30.35
C PHE D 245 -17.51 -1.92 28.85
N ASP D 246 -18.76 -2.07 28.45
CA ASP D 246 -19.10 -2.08 27.03
C ASP D 246 -19.18 -0.65 26.52
N CYS D 247 -18.50 -0.38 25.41
CA CYS D 247 -18.44 0.96 24.83
C CYS D 247 -19.75 1.30 24.12
N LEU D 248 -20.83 1.32 24.91
CA LEU D 248 -22.16 1.62 24.41
C LEU D 248 -22.80 2.73 25.22
N ASP D 249 -24.10 2.95 25.00
CA ASP D 249 -24.85 3.90 25.82
C ASP D 249 -24.80 3.46 27.28
N PRO D 250 -24.27 4.28 28.20
CA PRO D 250 -24.16 3.84 29.59
C PRO D 250 -25.41 3.19 30.15
N ALA D 251 -26.60 3.60 29.72
CA ALA D 251 -27.82 2.97 30.18
C ALA D 251 -28.00 1.59 29.57
N LYS D 252 -27.22 1.24 28.56
CA LYS D 252 -27.25 -0.07 27.92
C LYS D 252 -25.93 -0.80 28.07
N SER D 253 -25.06 -0.34 28.96
CA SER D 253 -23.73 -0.90 29.15
C SER D 253 -23.63 -1.52 30.54
N ARG D 254 -22.41 -1.94 30.88
CA ARG D 254 -22.16 -2.68 32.11
C ARG D 254 -20.83 -2.26 32.69
N ILE D 255 -20.65 -2.56 33.97
CA ILE D 255 -19.36 -2.43 34.64
C ILE D 255 -19.02 -3.77 35.25
N LYS D 256 -17.84 -4.27 34.93
CA LYS D 256 -17.37 -5.55 35.44
C LYS D 256 -16.03 -5.36 36.12
N ILE D 257 -15.87 -5.93 37.30
CA ILE D 257 -14.63 -5.85 38.06
C ILE D 257 -14.00 -7.24 38.05
N TYR D 258 -12.82 -7.36 37.46
CA TYR D 258 -12.11 -8.62 37.35
C TYR D 258 -10.99 -8.68 38.36
N THR D 259 -10.63 -9.91 38.76
CA THR D 259 -9.45 -10.12 39.58
C THR D 259 -8.96 -11.55 39.39
N GLU D 260 -7.70 -11.77 39.74
CA GLU D 260 -7.06 -13.07 39.64
C GLU D 260 -6.88 -13.68 41.02
N ALA D 261 -7.08 -14.99 41.11
CA ALA D 261 -6.96 -15.71 42.37
C ALA D 261 -6.40 -17.10 42.13
N LYS D 262 -5.34 -17.44 42.85
CA LYS D 262 -4.75 -18.77 42.82
C LYS D 262 -5.22 -19.52 44.06
N VAL D 263 -6.28 -20.30 43.90
CA VAL D 263 -6.92 -20.99 45.03
C VAL D 263 -6.69 -22.49 44.90
N LYS D 264 -6.90 -23.20 46.00
CA LYS D 264 -6.65 -24.63 46.09
C LYS D 264 -7.91 -25.46 46.22
N THR D 265 -8.99 -24.90 46.78
CA THR D 265 -10.16 -25.66 47.14
C THR D 265 -11.42 -24.99 46.59
N LEU D 266 -12.51 -25.74 46.55
CA LEU D 266 -13.77 -25.21 46.05
C LEU D 266 -14.39 -24.18 47.00
N GLU D 267 -14.02 -24.21 48.28
CA GLU D 267 -14.55 -23.21 49.19
C GLU D 267 -13.97 -21.83 48.91
N GLU D 268 -12.72 -21.77 48.43
CA GLU D 268 -12.16 -20.51 47.98
C GLU D 268 -12.81 -20.08 46.67
N ALA D 269 -13.11 -21.04 45.79
CA ALA D 269 -13.86 -20.72 44.59
C ALA D 269 -15.20 -20.09 44.94
N TYR D 270 -15.88 -20.61 45.95
CA TYR D 270 -17.14 -20.03 46.37
C TYR D 270 -16.91 -18.66 47.03
N SER D 271 -15.82 -18.51 47.78
CA SER D 271 -15.44 -17.20 48.29
C SER D 271 -15.46 -16.17 47.18
N PHE D 272 -14.83 -16.48 46.05
CA PHE D 272 -14.76 -15.50 44.97
C PHE D 272 -16.05 -15.46 44.16
N TRP D 273 -16.82 -16.54 44.16
CA TRP D 273 -18.03 -16.60 43.35
C TRP D 273 -19.16 -15.80 44.00
N SER D 274 -19.34 -15.95 45.31
CA SER D 274 -20.47 -15.38 46.02
C SER D 274 -20.11 -14.14 46.83
N LEU D 275 -18.86 -13.67 46.75
CA LEU D 275 -18.40 -12.54 47.54
C LEU D 275 -18.66 -12.79 49.03
N GLY D 276 -18.01 -13.83 49.54
CA GLY D 276 -18.16 -14.19 50.94
C GLY D 276 -19.59 -14.40 51.36
N GLY D 277 -20.39 -15.04 50.52
CA GLY D 277 -21.79 -15.28 50.82
C GLY D 277 -22.69 -14.09 50.66
N ARG D 278 -22.13 -12.91 50.32
CA ARG D 278 -22.96 -11.72 50.17
C ARG D 278 -23.96 -11.90 49.03
N LEU D 279 -23.53 -12.48 47.92
CA LEU D 279 -24.42 -12.78 46.81
C LEU D 279 -25.08 -14.12 47.04
N SER D 280 -26.36 -14.22 46.69
CA SER D 280 -27.14 -15.42 46.96
C SER D 280 -28.18 -15.59 45.87
N GLY D 281 -28.77 -16.78 45.83
CA GLY D 281 -29.86 -17.06 44.92
C GLY D 281 -29.69 -18.37 44.19
N PRO D 282 -30.75 -18.80 43.48
CA PRO D 282 -30.64 -20.05 42.73
C PRO D 282 -29.59 -20.00 41.63
N GLU D 283 -29.42 -18.85 40.98
CA GLU D 283 -28.44 -18.75 39.91
C GLU D 283 -27.03 -18.99 40.45
N ILE D 284 -26.72 -18.42 41.62
CA ILE D 284 -25.41 -18.63 42.23
C ILE D 284 -25.18 -20.12 42.46
N ASP D 285 -26.18 -20.80 43.02
CA ASP D 285 -26.05 -22.22 43.32
C ASP D 285 -25.83 -23.04 42.06
N TYR D 286 -26.66 -22.83 41.04
CA TYR D 286 -26.53 -23.60 39.81
C TYR D 286 -25.19 -23.33 39.13
N GLY D 287 -24.80 -22.06 39.03
CA GLY D 287 -23.51 -21.74 38.45
C GLY D 287 -22.36 -22.39 39.19
N PHE D 288 -22.43 -22.45 40.51
CA PHE D 288 -21.35 -23.08 41.25
C PHE D 288 -21.39 -24.60 41.10
N LYS D 289 -22.58 -25.17 40.90
CA LYS D 289 -22.64 -26.60 40.57
C LYS D 289 -21.88 -26.87 39.28
N ILE D 290 -22.12 -26.06 38.25
CA ILE D 290 -21.42 -26.22 36.99
C ILE D 290 -19.91 -26.00 37.18
N VAL D 291 -19.55 -25.01 37.99
CA VAL D 291 -18.14 -24.72 38.23
C VAL D 291 -17.45 -25.89 38.90
N SER D 292 -18.09 -26.47 39.92
CA SER D 292 -17.51 -27.63 40.60
C SER D 292 -17.40 -28.82 39.64
N GLN D 293 -18.43 -29.03 38.82
CA GLN D 293 -18.36 -30.06 37.80
C GLN D 293 -17.12 -29.91 36.94
N MET D 294 -16.92 -28.74 36.35
CA MET D 294 -15.75 -28.54 35.49
C MET D 294 -14.44 -28.51 36.25
N TRP D 295 -14.48 -28.08 37.52
CA TRP D 295 -13.30 -28.16 38.39
C TRP D 295 -12.82 -29.60 38.52
N ASP D 296 -13.71 -30.49 38.94
CA ASP D 296 -13.35 -31.88 39.14
C ASP D 296 -13.20 -32.63 37.82
N ALA D 297 -13.64 -32.03 36.71
CA ALA D 297 -13.44 -32.67 35.41
C ALA D 297 -12.08 -32.31 34.81
N ILE D 298 -11.62 -31.08 35.03
CA ILE D 298 -10.42 -30.58 34.36
C ILE D 298 -9.22 -30.65 35.30
N TYR D 299 -9.33 -29.98 36.46
CA TYR D 299 -8.22 -29.95 37.40
C TYR D 299 -8.01 -31.28 38.11
N SER D 300 -8.92 -32.25 37.92
CA SER D 300 -8.67 -33.59 38.44
C SER D 300 -7.59 -34.32 37.65
N LYS D 301 -7.59 -34.14 36.33
CA LYS D 301 -6.63 -34.83 35.49
C LYS D 301 -5.21 -34.36 35.81
N GLU D 302 -4.24 -35.17 35.41
CA GLU D 302 -2.84 -34.85 35.65
C GLU D 302 -2.34 -33.77 34.70
N LEU D 303 -1.41 -32.96 35.19
CA LEU D 303 -0.85 -31.90 34.38
C LEU D 303 0.14 -32.47 33.37
N PRO D 304 0.30 -31.82 32.22
CA PRO D 304 1.28 -32.31 31.25
C PRO D 304 2.69 -32.33 31.82
N GLY D 305 3.49 -33.25 31.29
CA GLY D 305 4.88 -33.34 31.71
C GLY D 305 5.08 -33.78 33.14
N GLY D 306 4.08 -34.43 33.74
CA GLY D 306 4.22 -34.89 35.10
C GLY D 306 4.55 -33.80 36.09
N LYS D 307 4.04 -32.60 35.88
CA LYS D 307 4.24 -31.48 36.78
C LYS D 307 3.05 -31.40 37.74
N GLN D 308 3.34 -31.37 39.04
CA GLN D 308 2.28 -31.42 40.04
C GLN D 308 1.54 -30.10 40.08
N ARG D 309 0.27 -30.17 40.48
CA ARG D 309 -0.64 -29.03 40.45
C ARG D 309 -0.55 -28.30 41.79
N GLU D 310 0.18 -27.18 41.79
CA GLU D 310 0.36 -26.41 43.02
C GLU D 310 -0.96 -25.81 43.48
N ASN D 311 -1.68 -25.16 42.57
CA ASN D 311 -2.95 -24.54 42.90
C ASN D 311 -3.70 -24.27 41.61
N ASN D 312 -4.99 -24.02 41.73
CA ASN D 312 -5.85 -23.78 40.59
C ASN D 312 -5.99 -22.28 40.34
N HIS D 313 -5.42 -21.82 39.22
CA HIS D 313 -5.48 -20.43 38.82
C HIS D 313 -6.86 -20.12 38.26
N ILE D 314 -7.52 -19.10 38.82
CA ILE D 314 -8.84 -18.67 38.36
C ILE D 314 -8.86 -17.15 38.26
N GLN D 315 -9.69 -16.65 37.36
CA GLN D 315 -10.11 -15.27 37.36
C GLN D 315 -11.61 -15.23 37.62
N ILE D 316 -12.10 -14.03 37.94
CA ILE D 316 -13.49 -13.85 38.34
C ILE D 316 -13.87 -12.41 38.04
N ASN D 317 -15.11 -12.22 37.58
CA ASN D 317 -15.68 -10.91 37.38
C ASN D 317 -16.98 -10.81 38.14
N TRP D 318 -17.39 -9.59 38.45
CA TRP D 318 -18.69 -9.31 39.02
C TRP D 318 -19.33 -8.20 38.21
N GLU D 319 -20.46 -8.50 37.59
CA GLU D 319 -21.08 -7.64 36.59
C GLU D 319 -22.18 -6.81 37.26
N MET D 320 -22.01 -5.50 37.24
CA MET D 320 -22.98 -4.57 37.79
C MET D 320 -23.86 -4.03 36.68
N SER D 321 -25.17 -3.99 36.93
CA SER D 321 -26.15 -3.53 35.95
C SER D 321 -26.48 -2.07 36.19
N ALA D 322 -26.58 -1.32 35.10
CA ALA D 322 -26.97 0.09 35.19
C ALA D 322 -28.42 0.22 35.61
N LYS D 323 -29.24 -0.79 35.32
CA LYS D 323 -30.67 -0.71 35.60
C LYS D 323 -30.98 -1.09 37.04
N ASP D 324 -30.11 -1.88 37.67
CA ASP D 324 -30.45 -2.51 38.94
C ASP D 324 -29.18 -2.72 39.75
N SER D 325 -29.36 -2.97 41.04
CA SER D 325 -28.26 -3.24 41.96
C SER D 325 -27.66 -4.62 41.78
N SER D 326 -28.05 -5.36 40.74
CA SER D 326 -27.61 -6.74 40.58
C SER D 326 -26.10 -6.83 40.43
N VAL D 327 -25.51 -7.79 41.14
CA VAL D 327 -24.13 -8.20 40.94
C VAL D 327 -24.15 -9.69 40.59
N ALA D 328 -23.57 -10.03 39.44
CA ALA D 328 -23.56 -11.40 38.97
C ALA D 328 -22.14 -11.83 38.62
N PRO D 329 -21.70 -13.00 39.07
CA PRO D 329 -20.31 -13.40 38.83
C PRO D 329 -20.10 -14.24 37.57
N LYS D 330 -18.87 -14.23 37.08
CA LYS D 330 -18.44 -15.08 35.98
C LYS D 330 -17.04 -15.57 36.28
N LEU D 331 -16.92 -16.88 36.50
CA LEU D 331 -15.66 -17.50 36.91
C LEU D 331 -14.92 -18.00 35.68
N TYR D 332 -13.63 -17.74 35.62
CA TYR D 332 -12.78 -18.11 34.49
C TYR D 332 -11.74 -19.11 34.97
N LEU D 333 -11.91 -20.36 34.58
CA LEU D 333 -10.89 -21.38 34.83
C LEU D 333 -9.79 -21.26 33.79
N THR D 334 -8.56 -21.09 34.25
CA THR D 334 -7.40 -20.98 33.37
C THR D 334 -6.88 -22.38 33.06
N VAL D 335 -6.89 -22.75 31.78
CA VAL D 335 -6.52 -24.08 31.34
C VAL D 335 -5.46 -23.99 30.25
N ILE D 336 -4.67 -22.92 30.27
CA ILE D 336 -3.64 -22.76 29.25
C ILE D 336 -2.60 -23.87 29.36
N GLU D 337 -2.18 -24.18 30.57
CA GLU D 337 -1.19 -25.24 30.80
C GLU D 337 -1.89 -26.51 31.25
N ASP D 338 -2.69 -27.05 30.34
CA ASP D 338 -3.37 -28.32 30.54
C ASP D 338 -3.58 -28.98 29.19
N TYR D 339 -3.93 -30.26 29.23
CA TYR D 339 -4.13 -31.03 28.01
C TYR D 339 -5.37 -30.53 27.28
N ASP D 340 -5.17 -30.02 26.06
CA ASP D 340 -6.30 -29.58 25.26
C ASP D 340 -7.30 -30.70 25.05
N ALA D 341 -6.83 -31.95 25.06
CA ALA D 341 -7.75 -33.08 24.95
C ALA D 341 -8.67 -33.16 26.17
N TYR D 342 -8.09 -33.00 27.36
CA TYR D 342 -8.90 -33.07 28.57
C TYR D 342 -9.85 -31.89 28.67
N VAL D 343 -9.38 -30.69 28.30
CA VAL D 343 -10.25 -29.52 28.30
C VAL D 343 -11.41 -29.72 27.33
N SER D 344 -11.11 -30.15 26.10
CA SER D 344 -12.16 -30.41 25.12
C SER D 344 -13.14 -31.46 25.63
N SER D 345 -12.65 -32.53 26.24
CA SER D 345 -13.55 -33.58 26.72
C SER D 345 -14.42 -33.08 27.85
N ALA D 346 -13.86 -32.23 28.73
CA ALA D 346 -14.66 -31.65 29.80
C ALA D 346 -15.74 -30.74 29.25
N ILE D 347 -15.39 -29.92 28.26
CA ILE D 347 -16.40 -29.08 27.60
C ILE D 347 -17.50 -29.94 27.00
N VAL D 348 -17.11 -31.03 26.33
CA VAL D 348 -18.09 -31.89 25.66
C VAL D 348 -19.01 -32.54 26.68
N ASP D 349 -18.44 -33.03 27.79
CA ASP D 349 -19.26 -33.66 28.81
C ASP D 349 -20.20 -32.65 29.44
N LEU D 350 -19.72 -31.43 29.69
CA LEU D 350 -20.57 -30.38 30.23
C LEU D 350 -21.74 -30.08 29.30
N PHE D 351 -21.44 -29.80 28.03
CA PHE D 351 -22.49 -29.52 27.06
C PHE D 351 -23.47 -30.68 26.97
N THR D 352 -22.97 -31.91 26.93
CA THR D 352 -23.84 -33.07 26.86
C THR D 352 -24.76 -33.16 28.07
N GLY D 353 -24.24 -32.83 29.24
CA GLY D 353 -25.09 -32.80 30.43
C GLY D 353 -26.15 -31.71 30.34
N LEU D 354 -25.78 -30.56 29.79
CA LEU D 354 -26.73 -29.46 29.62
C LEU D 354 -27.70 -29.69 28.48
N GLY D 355 -27.53 -30.77 27.70
CA GLY D 355 -28.37 -30.99 26.54
C GLY D 355 -27.98 -30.18 25.33
N TRP D 356 -26.74 -29.71 25.25
CA TRP D 356 -26.30 -28.83 24.17
C TRP D 356 -25.54 -29.64 23.11
N ALA D 357 -26.27 -30.55 22.47
CA ALA D 357 -25.65 -31.39 21.44
C ALA D 357 -25.14 -30.56 20.27
N ALA D 358 -25.93 -29.59 19.82
CA ALA D 358 -25.51 -28.75 18.72
C ALA D 358 -24.24 -27.99 19.06
N HIS D 359 -24.14 -27.50 20.29
CA HIS D 359 -22.90 -26.85 20.72
C HIS D 359 -21.76 -27.85 20.80
N VAL D 360 -22.03 -29.10 21.18
CA VAL D 360 -21.00 -30.13 21.16
C VAL D 360 -20.41 -30.26 19.77
N GLN D 361 -21.28 -30.37 18.77
CA GLN D 361 -20.79 -30.53 17.39
C GLN D 361 -20.10 -29.27 16.90
N THR D 362 -20.63 -28.10 17.22
CA THR D 362 -19.98 -26.86 16.84
C THR D 362 -18.57 -26.78 17.44
N HIS D 363 -18.43 -27.15 18.70
CA HIS D 363 -17.13 -27.10 19.37
C HIS D 363 -16.16 -28.09 18.75
N LYS D 364 -16.61 -29.32 18.50
CA LYS D 364 -15.74 -30.31 17.88
C LYS D 364 -15.33 -29.87 16.49
N LYS D 365 -16.25 -29.29 15.72
CA LYS D 365 -15.93 -28.81 14.39
C LYS D 365 -14.89 -27.69 14.43
N ILE D 366 -15.08 -26.72 15.33
CA ILE D 366 -14.13 -25.63 15.44
C ILE D 366 -12.76 -26.16 15.84
N GLU D 367 -12.72 -27.11 16.78
CA GLU D 367 -11.46 -27.70 17.18
C GLU D 367 -10.79 -28.42 16.01
N LYS D 368 -11.53 -29.27 15.31
CA LYS D 368 -10.95 -30.04 14.23
C LYS D 368 -10.43 -29.15 13.11
N GLU D 369 -11.23 -28.19 12.66
CA GLU D 369 -10.88 -27.39 11.50
C GLU D 369 -9.92 -26.26 11.83
N ALA D 370 -10.22 -25.47 12.86
CA ALA D 370 -9.42 -24.31 13.19
C ALA D 370 -8.24 -24.64 14.10
N TYR D 371 -8.30 -25.77 14.81
CA TYR D 371 -7.24 -26.19 15.73
C TYR D 371 -6.89 -27.64 15.44
N PRO D 372 -6.16 -27.89 14.34
CA PRO D 372 -5.84 -29.28 14.00
C PRO D 372 -4.83 -29.90 14.95
N MET D 373 -4.06 -29.08 15.67
CA MET D 373 -3.05 -29.60 16.57
C MET D 373 -3.66 -30.47 17.67
N CYS D 374 -4.91 -30.21 18.02
CA CYS D 374 -5.54 -30.92 19.13
C CYS D 374 -5.66 -32.42 18.81
N ASP D 375 -5.98 -32.75 17.57
CA ASP D 375 -6.05 -34.16 17.18
C ASP D 375 -4.70 -34.67 16.70
N ALA D 376 -3.94 -33.84 15.98
CA ALA D 376 -2.66 -34.28 15.47
C ALA D 376 -1.68 -34.58 16.60
N ASN D 377 -1.64 -33.72 17.61
CA ASN D 377 -0.72 -33.87 18.74
C ASN D 377 -1.50 -34.22 20.00
N PRO D 378 -1.56 -35.49 20.41
CA PRO D 378 -2.21 -35.81 21.68
C PRO D 378 -1.75 -34.94 22.84
N GLN D 379 -0.47 -34.59 22.88
CA GLN D 379 0.08 -33.76 23.95
C GLN D 379 0.11 -32.30 23.51
N SER D 380 -1.08 -31.73 23.39
CA SER D 380 -1.25 -30.36 22.95
C SER D 380 -1.55 -29.46 24.15
N THR D 381 -0.89 -28.30 24.19
CA THR D 381 -1.00 -27.39 25.32
C THR D 381 -1.12 -25.94 24.85
N HIS D 382 -1.69 -25.71 23.66
CA HIS D 382 -1.59 -24.40 23.03
C HIS D 382 -2.89 -23.95 22.36
N ALA D 383 -4.01 -24.62 22.61
CA ALA D 383 -5.27 -24.22 22.01
C ALA D 383 -6.16 -23.48 22.99
N TYR D 384 -6.50 -24.09 24.11
CA TYR D 384 -7.44 -23.50 25.07
C TYR D 384 -6.68 -22.72 26.14
N VAL D 385 -7.28 -21.63 26.60
CA VAL D 385 -6.64 -20.76 27.58
C VAL D 385 -7.57 -20.47 28.75
N TRP D 386 -8.87 -20.55 28.54
CA TRP D 386 -9.83 -20.20 29.58
C TRP D 386 -11.16 -20.88 29.31
N ILE D 387 -11.88 -21.16 30.38
CA ILE D 387 -13.25 -21.65 30.34
C ILE D 387 -14.08 -20.80 31.31
N SER D 388 -14.94 -19.95 30.76
CA SER D 388 -15.80 -19.09 31.56
C SER D 388 -17.10 -19.80 31.87
N LEU D 389 -17.56 -19.66 33.10
CA LEU D 389 -18.81 -20.26 33.55
C LEU D 389 -19.66 -19.20 34.21
N ALA D 390 -20.93 -19.13 33.79
CA ALA D 390 -21.91 -18.26 34.40
C ALA D 390 -23.27 -18.88 34.25
N TYR D 391 -24.20 -18.46 35.09
CA TYR D 391 -25.58 -18.93 35.02
C TYR D 391 -26.52 -17.73 35.15
N LYS D 392 -26.86 -17.14 34.01
CA LYS D 392 -27.87 -16.10 33.95
C LYS D 392 -29.25 -16.77 34.04
N LYS D 393 -30.27 -15.96 34.30
CA LYS D 393 -31.62 -16.53 34.43
C LYS D 393 -32.13 -17.07 33.10
N THR D 394 -31.51 -16.64 32.00
CA THR D 394 -31.71 -17.33 30.72
C THR D 394 -31.30 -18.79 30.84
N GLY D 395 -30.19 -19.05 31.52
CA GLY D 395 -29.66 -20.39 31.66
C GLY D 395 -28.15 -20.35 31.75
N PRO D 396 -27.50 -21.49 31.55
CA PRO D 396 -26.04 -21.52 31.57
C PRO D 396 -25.43 -20.63 30.49
N TYR D 397 -24.23 -20.16 30.77
CA TYR D 397 -23.50 -19.25 29.89
C TYR D 397 -22.03 -19.65 29.97
N ILE D 398 -21.58 -20.41 28.98
CA ILE D 398 -20.24 -20.98 28.96
C ILE D 398 -19.52 -20.46 27.73
N THR D 399 -18.45 -19.73 27.94
CA THR D 399 -17.56 -19.34 26.86
C THR D 399 -16.29 -20.18 26.91
N VAL D 400 -15.76 -20.46 25.73
CA VAL D 400 -14.58 -21.32 25.57
C VAL D 400 -13.55 -20.52 24.80
N TYR D 401 -12.50 -20.10 25.50
CA TYR D 401 -11.45 -19.29 24.90
C TYR D 401 -10.38 -20.19 24.32
N THR D 402 -9.74 -19.69 23.26
CA THR D 402 -8.76 -20.46 22.52
C THR D 402 -7.71 -19.50 21.98
N ASN D 403 -6.46 -19.93 22.02
CA ASN D 403 -5.41 -19.12 21.45
C ASN D 403 -5.52 -19.20 19.93
N PRO D 404 -5.95 -18.13 19.27
CA PRO D 404 -6.14 -18.22 17.81
C PRO D 404 -4.83 -18.29 17.06
N GLY D 405 -3.72 -17.98 17.71
CA GLY D 405 -2.41 -18.11 17.10
C GLY D 405 -1.67 -19.33 17.62
N ALA D 406 -2.41 -20.38 17.92
CA ALA D 406 -1.77 -21.63 18.35
C ALA D 406 -0.90 -22.21 17.24
N SER D 407 -1.25 -21.96 15.97
CA SER D 407 -0.38 -22.36 14.86
C SER D 407 1.04 -21.87 15.07
N ILE D 408 1.22 -20.76 15.79
CA ILE D 408 2.55 -20.20 15.97
C ILE D 408 3.31 -20.97 17.05
N LEU D 409 2.59 -21.45 18.06
CA LEU D 409 3.26 -22.13 19.17
C LEU D 409 3.59 -23.58 18.83
N GLU D 410 2.74 -24.24 18.06
CA GLU D 410 3.02 -25.59 17.59
C GLU D 410 3.95 -25.56 16.38
O4 DST E . 30.27 -7.64 -17.51
P1 DST E . 29.48 -7.77 -18.75
O6 DST E . 28.60 -6.60 -18.98
O5 DST E . 30.25 -8.21 -19.95
O2 DST E . 28.40 -8.91 -18.54
P3 DST E . 28.43 -9.96 -17.37
O8 DST E . 27.86 -9.33 -16.05
O7 DST E . 29.80 -10.46 -17.27
S9 DST E . 27.19 -11.52 -17.49
C10 DST E . 27.98 -12.96 -16.84
C11 DST E . 26.98 -14.04 -16.53
C12 DST E . 27.43 -14.84 -15.33
C13 DST E . 27.24 -16.31 -15.58
C14 DST E . 28.89 -14.63 -15.06
C1 A1LYF F . 24.11 -14.82 -15.29
C2 A1LYF F . 23.74 -16.19 -15.34
C3 A1LYF F . 23.18 -16.87 -16.38
C4 A1LYF F . 23.45 -18.29 -16.54
N5 A1LYF F . 22.62 -18.92 -17.39
C6 A1LYF F . 21.28 -18.47 -17.76
C7 A1LYF F . 21.33 -16.96 -17.94
N8 A1LYF F . 22.31 -16.29 -17.27
O9 A1LYF F . 24.33 -18.87 -15.94
O10 A1LYF F . 20.59 -16.38 -18.71
C11 A1LYF F . 24.91 -14.15 -14.41
N12 A1LYF F . 24.94 -12.86 -14.83
C13 A1LYF F . 24.20 -12.77 -15.92
N14 A1LYF F . 23.67 -13.93 -16.26
C15 A1LYF F . 20.22 -18.99 -16.77
C16 A1LYF F . 19.04 -19.59 -17.51
C17 A1LYF F . 19.78 -17.99 -15.73
O4 DST G . -23.67 -10.82 -24.79
P1 DST G . -22.47 -11.50 -25.41
O6 DST G . -21.70 -12.31 -24.41
O5 DST G . -22.81 -12.25 -26.68
O2 DST G . -21.47 -10.41 -25.78
P3 DST G . -21.63 -8.83 -25.77
O8 DST G . -21.24 -8.20 -24.58
O7 DST G . -22.79 -8.47 -26.63
S9 DST G . -20.20 -7.91 -26.66
C10 DST G . -20.95 -6.45 -27.47
C11 DST G . -20.28 -5.30 -27.84
C12 DST G . -20.82 -4.14 -28.13
C13 DST G . -20.16 -3.15 -29.04
C14 DST G . -22.13 -3.70 -27.61
C1 A1LYF H . -17.36 -3.40 -26.83
C2 A1LYF H . -16.84 -2.48 -27.76
C3 A1LYF H . -15.97 -2.74 -28.77
C4 A1LYF H . -16.00 -1.91 -29.95
N5 A1LYF H . -14.92 -2.03 -30.74
C6 A1LYF H . -13.60 -2.44 -30.30
C7 A1LYF H . -13.78 -3.61 -29.35
N8 A1LYF H . -14.98 -3.70 -28.71
O9 A1LYF H . -16.92 -1.16 -30.21
O10 A1LYF H . -12.93 -4.48 -29.21
C11 A1LYF H . -18.43 -3.25 -25.99
N12 A1LYF H . -18.55 -4.42 -25.32
C13 A1LYF H . -17.60 -5.22 -25.74
N14 A1LYF H . -16.83 -4.67 -26.66
C15 A1LYF H . -12.81 -1.22 -29.77
C16 A1LYF H . -11.41 -1.18 -30.36
C17 A1LYF H . -12.76 -1.11 -28.25
O4 DST I . 11.66 31.07 16.73
P1 DST I . 11.42 30.19 15.53
O6 DST I . 11.96 28.79 15.71
O5 DST I . 11.85 30.82 14.24
O2 DST I . 9.90 29.94 15.45
P3 DST I . 8.87 30.42 14.35
O8 DST I . 8.94 31.90 14.24
O7 DST I . 8.63 29.50 13.32
S9 DST I . 7.04 30.17 14.90
C10 DST I . 6.10 31.57 14.19
C11 DST I . 4.74 31.57 13.95
C12 DST I . 4.08 32.42 13.19
C13 DST I . 2.64 32.77 13.39
C14 DST I . 4.72 33.14 12.05
C1 A1LYF J . 2.06 29.23 13.22
C2 A1LYF J . 0.74 29.65 13.46
C3 A1LYF J . 0.04 29.57 14.63
C4 A1LYF J . -1.07 30.48 14.84
N5 A1LYF J . -2.02 30.06 15.69
C6 A1LYF J . -2.06 28.76 16.36
C7 A1LYF J . -0.68 28.13 16.44
N8 A1LYF J . 0.26 28.62 15.60
O9 A1LYF J . -1.13 31.56 14.27
O10 A1LYF J . -0.42 27.26 17.25
C11 A1LYF J . 2.84 29.51 12.13
N12 A1LYF J . 4.04 28.91 12.37
C13 A1LYF J . 3.96 28.29 13.54
N14 A1LYF J . 2.79 28.44 14.11
C15 A1LYF J . -3.09 27.80 15.74
C16 A1LYF J . -2.82 27.47 14.29
C17 A1LYF J . -4.51 28.27 15.94
O4 DST K . -19.09 -10.78 30.02
P1 DST K . -18.44 -10.99 28.67
O6 DST K . -18.84 -9.97 27.64
O5 DST K . -18.59 -12.41 28.16
O2 DST K . -16.95 -10.71 28.84
P3 DST K . -15.72 -11.70 28.75
O8 DST K . -15.93 -12.81 29.72
O7 DST K . -15.12 -11.79 27.47
S9 DST K . -14.07 -10.92 29.39
C10 DST K . -13.15 -12.28 30.18
C11 DST K . -11.79 -12.32 30.39
C12 DST K . -11.06 -13.38 30.67
C13 DST K . -9.77 -13.30 31.43
C14 DST K . -11.45 -14.76 30.28
C1 A1LYF L . -8.76 -10.96 28.91
C2 A1LYF L . -7.61 -10.95 29.71
C3 A1LYF L . -7.23 -10.02 30.62
C4 A1LYF L . -6.42 -10.40 31.75
N5 A1LYF L . -5.85 -9.39 32.40
C6 A1LYF L . -5.55 -8.09 31.83
C7 A1LYF L . -6.74 -7.67 30.98
N8 A1LYF L . -7.53 -8.67 30.50
O9 A1LYF L . -6.23 -11.57 32.05
O10 A1LYF L . -7.03 -6.51 30.81
C11 A1LYF L . -9.29 -11.99 28.20
N12 A1LYF L . -10.43 -11.51 27.62
C13 A1LYF L . -10.56 -10.24 27.99
N14 A1LYF L . -9.57 -9.84 28.76
C15 A1LYF L . -4.17 -8.11 31.12
C16 A1LYF L . -3.33 -6.92 31.53
C17 A1LYF L . -4.24 -8.23 29.61
#